data_8XU6
# 
_entry.id   8XU6 
# 
_audit_conform.dict_name       mmcif_pdbx.dic 
_audit_conform.dict_version    5.404 
_audit_conform.dict_location   http://mmcif.pdb.org/dictionaries/ascii/mmcif_pdbx.dic 
# 
loop_
_database_2.database_id 
_database_2.database_code 
_database_2.pdbx_database_accession 
_database_2.pdbx_DOI 
PDB   8XU6         pdb_00008xu6 10.2210/pdb8xu6/pdb 
WWPDB D_1300044198 ?            ?                   
# 
loop_
_pdbx_audit_revision_history.ordinal 
_pdbx_audit_revision_history.data_content_type 
_pdbx_audit_revision_history.major_revision 
_pdbx_audit_revision_history.minor_revision 
_pdbx_audit_revision_history.revision_date 
_pdbx_audit_revision_history.part_number 
1 'Structure model' 1 0 2025-08-13 ? 
2 'Structure model' 1 1 2025-09-10 ? 
# 
_pdbx_audit_revision_details.ordinal             1 
_pdbx_audit_revision_details.revision_ordinal    1 
_pdbx_audit_revision_details.data_content_type   'Structure model' 
_pdbx_audit_revision_details.provider            repository 
_pdbx_audit_revision_details.type                'Initial release' 
_pdbx_audit_revision_details.description         ? 
_pdbx_audit_revision_details.details             ? 
# 
loop_
_pdbx_audit_revision_group.ordinal 
_pdbx_audit_revision_group.revision_ordinal 
_pdbx_audit_revision_group.data_content_type 
_pdbx_audit_revision_group.group 
1 2 'Structure model' 'Database references'  
2 2 'Structure model' 'Derived calculations' 
3 2 'Structure model' 'Structure summary'    
# 
loop_
_pdbx_audit_revision_category.ordinal 
_pdbx_audit_revision_category.revision_ordinal 
_pdbx_audit_revision_category.data_content_type 
_pdbx_audit_revision_category.category 
1 2 'Structure model' citation                  
2 2 'Structure model' pdbx_struct_assembly      
3 2 'Structure model' pdbx_struct_assembly_gen  
4 2 'Structure model' pdbx_struct_assembly_prop 
5 2 'Structure model' pdbx_struct_oper_list     
6 2 'Structure model' struct                    
# 
loop_
_pdbx_audit_revision_item.ordinal 
_pdbx_audit_revision_item.revision_ordinal 
_pdbx_audit_revision_item.data_content_type 
_pdbx_audit_revision_item.item 
1 2 'Structure model' '_citation.title' 
2 2 'Structure model' '_struct.title'   
# 
_pdbx_database_status.status_code                     REL 
_pdbx_database_status.status_code_sf                  REL 
_pdbx_database_status.status_code_mr                  ? 
_pdbx_database_status.entry_id                        8XU6 
_pdbx_database_status.recvd_initial_deposition_date   2024-01-12 
_pdbx_database_status.SG_entry                        N 
_pdbx_database_status.deposit_site                    PDBJ 
_pdbx_database_status.process_site                    PDBC 
_pdbx_database_status.status_code_cs                  ? 
_pdbx_database_status.status_code_nmr_data            ? 
_pdbx_database_status.methods_development_category    ? 
_pdbx_database_status.pdb_format_compatible           Y 
# 
_pdbx_contact_author.id                 2 
_pdbx_contact_author.email              chenzhongzhou@cau.edu.cn 
_pdbx_contact_author.name_first         ZhongZhou 
_pdbx_contact_author.name_last          Chen 
_pdbx_contact_author.name_mi            ? 
_pdbx_contact_author.role               'principal investigator/group leader' 
_pdbx_contact_author.identifier_ORCID   0000-0003-1319-9664 
# 
loop_
_audit_author.name 
_audit_author.pdbx_ordinal 
_audit_author.identifier_ORCID 
'Bai, X.'  1 ?                   
'Chen, Z.' 2 0000-0003-1319-9664 
# 
_citation.abstract                  ? 
_citation.abstract_id_CAS           ? 
_citation.book_id_ISBN              ? 
_citation.book_publisher            ? 
_citation.book_publisher_city       ? 
_citation.book_title                ? 
_citation.coordinate_linkage        ? 
_citation.country                   ? 
_citation.database_id_Medline       ? 
_citation.details                   ? 
_citation.id                        primary 
_citation.journal_abbrev            'To Be Published' 
_citation.journal_id_ASTM           ? 
_citation.journal_id_CSD            0353 
_citation.journal_id_ISSN           ? 
_citation.journal_full              ? 
_citation.journal_issue             ? 
_citation.journal_volume            ? 
_citation.language                  ? 
_citation.page_first                ? 
_citation.page_last                 ? 
_citation.title                     'Structural Insights into the Tumor Suppressor ZMYND11 Reveal Diverse Recognition Mechanisms' 
_citation.year                      ? 
_citation.database_id_CSD           ? 
_citation.pdbx_database_id_DOI      ? 
_citation.pdbx_database_id_PubMed   ? 
_citation.pdbx_database_id_patent   ? 
_citation.unpublished_flag          ? 
# 
loop_
_citation_author.citation_id 
_citation_author.name 
_citation_author.ordinal 
_citation_author.identifier_ORCID 
primary 'Bai, X.'  1 ? 
primary 'Chen, Z.' 2 ? 
# 
loop_
_entity.id 
_entity.type 
_entity.src_method 
_entity.pdbx_description 
_entity.formula_weight 
_entity.pdbx_number_of_molecules 
_entity.pdbx_ec 
_entity.pdbx_mutation 
_entity.pdbx_fragment 
_entity.details 
1 polymer     man 'Zinc finger MYND domain-containing protein 11' 6384.417 1  ? ? ? ? 
2 non-polymer syn 'ZINC ION'                                      65.409   2  ? ? ? ? 
3 water       nat water                                           18.015   25 ? ? ? ? 
# 
_entity_name_com.entity_id   1 
_entity_name_com.name        
'Adenovirus 5 E1A-binding protein,Bone morphogenetic protein receptor-associated molecule 1,Protein BS69' 
# 
_entity_poly.entity_id                      1 
_entity_poly.type                           'polypeptide(L)' 
_entity_poly.nstd_linkage                   no 
_entity_poly.nstd_monomer                   no 
_entity_poly.pdbx_seq_one_letter_code       GSMDWYCFECHLPGEVLICDLCFRVYHSKCLSDEFRLRDSSSPWQCPVCRSIKK 
_entity_poly.pdbx_seq_one_letter_code_can   GSMDWYCFECHLPGEVLICDLCFRVYHSKCLSDEFRLRDSSSPWQCPVCRSIKK 
_entity_poly.pdbx_strand_id                 A 
_entity_poly.pdbx_target_identifier         ? 
# 
loop_
_pdbx_entity_nonpoly.entity_id 
_pdbx_entity_nonpoly.name 
_pdbx_entity_nonpoly.comp_id 
2 'ZINC ION' ZN  
3 water      HOH 
# 
loop_
_entity_poly_seq.entity_id 
_entity_poly_seq.num 
_entity_poly_seq.mon_id 
_entity_poly_seq.hetero 
1 1  GLY n 
1 2  SER n 
1 3  MET n 
1 4  ASP n 
1 5  TRP n 
1 6  TYR n 
1 7  CYS n 
1 8  PHE n 
1 9  GLU n 
1 10 CYS n 
1 11 HIS n 
1 12 LEU n 
1 13 PRO n 
1 14 GLY n 
1 15 GLU n 
1 16 VAL n 
1 17 LEU n 
1 18 ILE n 
1 19 CYS n 
1 20 ASP n 
1 21 LEU n 
1 22 CYS n 
1 23 PHE n 
1 24 ARG n 
1 25 VAL n 
1 26 TYR n 
1 27 HIS n 
1 28 SER n 
1 29 LYS n 
1 30 CYS n 
1 31 LEU n 
1 32 SER n 
1 33 ASP n 
1 34 GLU n 
1 35 PHE n 
1 36 ARG n 
1 37 LEU n 
1 38 ARG n 
1 39 ASP n 
1 40 SER n 
1 41 SER n 
1 42 SER n 
1 43 PRO n 
1 44 TRP n 
1 45 GLN n 
1 46 CYS n 
1 47 PRO n 
1 48 VAL n 
1 49 CYS n 
1 50 ARG n 
1 51 SER n 
1 52 ILE n 
1 53 LYS n 
1 54 LYS n 
# 
_entity_src_gen.entity_id                          1 
_entity_src_gen.pdbx_src_id                        1 
_entity_src_gen.pdbx_alt_source_flag               sample 
_entity_src_gen.pdbx_seq_type                      'Biological sequence' 
_entity_src_gen.pdbx_beg_seq_num                   1 
_entity_src_gen.pdbx_end_seq_num                   54 
_entity_src_gen.gene_src_common_name               human 
_entity_src_gen.gene_src_genus                     ? 
_entity_src_gen.pdbx_gene_src_gene                 'ZMYND11, BRAM1, BS69' 
_entity_src_gen.gene_src_species                   ? 
_entity_src_gen.gene_src_strain                    ? 
_entity_src_gen.gene_src_tissue                    ? 
_entity_src_gen.gene_src_tissue_fraction           ? 
_entity_src_gen.gene_src_details                   ? 
_entity_src_gen.pdbx_gene_src_fragment             ? 
_entity_src_gen.pdbx_gene_src_scientific_name      'Homo sapiens' 
_entity_src_gen.pdbx_gene_src_ncbi_taxonomy_id     9606 
_entity_src_gen.pdbx_gene_src_variant              ? 
_entity_src_gen.pdbx_gene_src_cell_line            ? 
_entity_src_gen.pdbx_gene_src_atcc                 ? 
_entity_src_gen.pdbx_gene_src_organ                ? 
_entity_src_gen.pdbx_gene_src_organelle            ? 
_entity_src_gen.pdbx_gene_src_cell                 ? 
_entity_src_gen.pdbx_gene_src_cellular_location    ? 
_entity_src_gen.host_org_common_name               ? 
_entity_src_gen.pdbx_host_org_scientific_name      'prokaryote coculture' 
_entity_src_gen.pdbx_host_org_ncbi_taxonomy_id     2746493 
_entity_src_gen.host_org_genus                     ? 
_entity_src_gen.pdbx_host_org_gene                 ? 
_entity_src_gen.pdbx_host_org_organ                ? 
_entity_src_gen.host_org_species                   ? 
_entity_src_gen.pdbx_host_org_tissue               ? 
_entity_src_gen.pdbx_host_org_tissue_fraction      ? 
_entity_src_gen.pdbx_host_org_strain               ? 
_entity_src_gen.pdbx_host_org_variant              ? 
_entity_src_gen.pdbx_host_org_cell_line            ? 
_entity_src_gen.pdbx_host_org_atcc                 ? 
_entity_src_gen.pdbx_host_org_culture_collection   ? 
_entity_src_gen.pdbx_host_org_cell                 ? 
_entity_src_gen.pdbx_host_org_organelle            ? 
_entity_src_gen.pdbx_host_org_cellular_location    ? 
_entity_src_gen.pdbx_host_org_vector_type          ? 
_entity_src_gen.pdbx_host_org_vector               ? 
_entity_src_gen.host_org_details                   ? 
_entity_src_gen.expression_system_id               ? 
_entity_src_gen.plasmid_name                       ? 
_entity_src_gen.plasmid_details                    ? 
_entity_src_gen.pdbx_description                   ? 
# 
loop_
_chem_comp.id 
_chem_comp.type 
_chem_comp.mon_nstd_flag 
_chem_comp.name 
_chem_comp.pdbx_synonyms 
_chem_comp.formula 
_chem_comp.formula_weight 
ARG 'L-peptide linking' y ARGININE        ? 'C6 H15 N4 O2 1' 175.209 
ASP 'L-peptide linking' y 'ASPARTIC ACID' ? 'C4 H7 N O4'     133.103 
CYS 'L-peptide linking' y CYSTEINE        ? 'C3 H7 N O2 S'   121.158 
GLN 'L-peptide linking' y GLUTAMINE       ? 'C5 H10 N2 O3'   146.144 
GLU 'L-peptide linking' y 'GLUTAMIC ACID' ? 'C5 H9 N O4'     147.129 
GLY 'peptide linking'   y GLYCINE         ? 'C2 H5 N O2'     75.067  
HIS 'L-peptide linking' y HISTIDINE       ? 'C6 H10 N3 O2 1' 156.162 
HOH non-polymer         . WATER           ? 'H2 O'           18.015  
ILE 'L-peptide linking' y ISOLEUCINE      ? 'C6 H13 N O2'    131.173 
LEU 'L-peptide linking' y LEUCINE         ? 'C6 H13 N O2'    131.173 
LYS 'L-peptide linking' y LYSINE          ? 'C6 H15 N2 O2 1' 147.195 
MET 'L-peptide linking' y METHIONINE      ? 'C5 H11 N O2 S'  149.211 
PHE 'L-peptide linking' y PHENYLALANINE   ? 'C9 H11 N O2'    165.189 
PRO 'L-peptide linking' y PROLINE         ? 'C5 H9 N O2'     115.130 
SER 'L-peptide linking' y SERINE          ? 'C3 H7 N O3'     105.093 
TRP 'L-peptide linking' y TRYPTOPHAN      ? 'C11 H12 N2 O2'  204.225 
TYR 'L-peptide linking' y TYROSINE        ? 'C9 H11 N O3'    181.189 
VAL 'L-peptide linking' y VALINE          ? 'C5 H11 N O2'    117.146 
ZN  non-polymer         . 'ZINC ION'      ? 'Zn 2'           65.409  
# 
loop_
_pdbx_poly_seq_scheme.asym_id 
_pdbx_poly_seq_scheme.entity_id 
_pdbx_poly_seq_scheme.seq_id 
_pdbx_poly_seq_scheme.mon_id 
_pdbx_poly_seq_scheme.ndb_seq_num 
_pdbx_poly_seq_scheme.pdb_seq_num 
_pdbx_poly_seq_scheme.auth_seq_num 
_pdbx_poly_seq_scheme.pdb_mon_id 
_pdbx_poly_seq_scheme.auth_mon_id 
_pdbx_poly_seq_scheme.pdb_strand_id 
_pdbx_poly_seq_scheme.pdb_ins_code 
_pdbx_poly_seq_scheme.hetero 
A 1 1  GLY 1  97  97  GLY GLY A . n 
A 1 2  SER 2  98  98  SER SER A . n 
A 1 3  MET 3  99  99  MET MET A . n 
A 1 4  ASP 4  100 100 ASP ASP A . n 
A 1 5  TRP 5  101 101 TRP TRP A . n 
A 1 6  TYR 6  102 102 TYR TYR A . n 
A 1 7  CYS 7  103 103 CYS CYS A . n 
A 1 8  PHE 8  104 104 PHE PHE A . n 
A 1 9  GLU 9  105 105 GLU GLU A . n 
A 1 10 CYS 10 106 106 CYS CYS A . n 
A 1 11 HIS 11 107 107 HIS HIS A . n 
A 1 12 LEU 12 108 108 LEU LEU A . n 
A 1 13 PRO 13 109 109 PRO PRO A . n 
A 1 14 GLY 14 110 110 GLY GLY A . n 
A 1 15 GLU 15 111 111 GLU GLU A . n 
A 1 16 VAL 16 112 112 VAL VAL A . n 
A 1 17 LEU 17 113 113 LEU LEU A . n 
A 1 18 ILE 18 114 114 ILE ILE A . n 
A 1 19 CYS 19 115 115 CYS CYS A . n 
A 1 20 ASP 20 116 116 ASP ASP A . n 
A 1 21 LEU 21 117 117 LEU LEU A . n 
A 1 22 CYS 22 118 118 CYS CYS A . n 
A 1 23 PHE 23 119 119 PHE PHE A . n 
A 1 24 ARG 24 120 120 ARG ARG A . n 
A 1 25 VAL 25 121 121 VAL VAL A . n 
A 1 26 TYR 26 122 122 TYR TYR A . n 
A 1 27 HIS 27 123 123 HIS HIS A . n 
A 1 28 SER 28 124 124 SER SER A . n 
A 1 29 LYS 29 125 125 LYS LYS A . n 
A 1 30 CYS 30 126 126 CYS CYS A . n 
A 1 31 LEU 31 127 127 LEU LEU A . n 
A 1 32 SER 32 128 128 SER SER A . n 
A 1 33 ASP 33 129 129 ASP ASP A . n 
A 1 34 GLU 34 130 130 GLU GLU A . n 
A 1 35 PHE 35 131 131 PHE PHE A . n 
A 1 36 ARG 36 132 132 ARG ARG A . n 
A 1 37 LEU 37 133 133 LEU LEU A . n 
A 1 38 ARG 38 134 134 ARG ARG A . n 
A 1 39 ASP 39 135 135 ASP ASP A . n 
A 1 40 SER 40 136 136 SER SER A . n 
A 1 41 SER 41 137 137 SER SER A . n 
A 1 42 SER 42 138 138 SER SER A . n 
A 1 43 PRO 43 139 139 PRO PRO A . n 
A 1 44 TRP 44 140 140 TRP TRP A . n 
A 1 45 GLN 45 141 141 GLN GLN A . n 
A 1 46 CYS 46 142 142 CYS CYS A . n 
A 1 47 PRO 47 143 143 PRO PRO A . n 
A 1 48 VAL 48 144 144 VAL VAL A . n 
A 1 49 CYS 49 145 145 CYS CYS A . n 
A 1 50 ARG 50 146 146 ARG ARG A . n 
A 1 51 SER 51 147 147 SER SER A . n 
A 1 52 ILE 52 148 148 ILE ILE A . n 
A 1 53 LYS 53 149 149 LYS LYS A . n 
A 1 54 LYS 54 150 150 LYS LYS A . n 
# 
_pdbx_entity_instance_feature.ordinal        1 
_pdbx_entity_instance_feature.comp_id        ZN 
_pdbx_entity_instance_feature.asym_id        ? 
_pdbx_entity_instance_feature.seq_num        ? 
_pdbx_entity_instance_feature.auth_comp_id   ZN 
_pdbx_entity_instance_feature.auth_asym_id   ? 
_pdbx_entity_instance_feature.auth_seq_num   ? 
_pdbx_entity_instance_feature.feature_type   'SUBJECT OF INVESTIGATION' 
_pdbx_entity_instance_feature.details        ? 
# 
loop_
_pdbx_nonpoly_scheme.asym_id 
_pdbx_nonpoly_scheme.entity_id 
_pdbx_nonpoly_scheme.mon_id 
_pdbx_nonpoly_scheme.ndb_seq_num 
_pdbx_nonpoly_scheme.pdb_seq_num 
_pdbx_nonpoly_scheme.auth_seq_num 
_pdbx_nonpoly_scheme.pdb_mon_id 
_pdbx_nonpoly_scheme.auth_mon_id 
_pdbx_nonpoly_scheme.pdb_strand_id 
_pdbx_nonpoly_scheme.pdb_ins_code 
B 2 ZN  1  201 201 ZN  ZN  A . 
C 2 ZN  1  202 202 ZN  ZN  A . 
D 3 HOH 1  301 310 HOH HOH A . 
D 3 HOH 2  302 323 HOH HOH A . 
D 3 HOH 3  303 318 HOH HOH A . 
D 3 HOH 4  304 320 HOH HOH A . 
D 3 HOH 5  305 308 HOH HOH A . 
D 3 HOH 6  306 315 HOH HOH A . 
D 3 HOH 7  307 305 HOH HOH A . 
D 3 HOH 8  308 301 HOH HOH A . 
D 3 HOH 9  309 312 HOH HOH A . 
D 3 HOH 10 310 306 HOH HOH A . 
D 3 HOH 11 311 302 HOH HOH A . 
D 3 HOH 12 312 304 HOH HOH A . 
D 3 HOH 13 313 313 HOH HOH A . 
D 3 HOH 14 314 317 HOH HOH A . 
D 3 HOH 15 315 307 HOH HOH A . 
D 3 HOH 16 316 311 HOH HOH A . 
D 3 HOH 17 317 316 HOH HOH A . 
D 3 HOH 18 318 303 HOH HOH A . 
D 3 HOH 19 319 321 HOH HOH A . 
D 3 HOH 20 320 324 HOH HOH A . 
D 3 HOH 21 321 314 HOH HOH A . 
D 3 HOH 22 322 309 HOH HOH A . 
D 3 HOH 23 323 322 HOH HOH A . 
D 3 HOH 24 324 325 HOH HOH A . 
D 3 HOH 25 325 319 HOH HOH A . 
# 
loop_
_pdbx_unobs_or_zero_occ_atoms.id 
_pdbx_unobs_or_zero_occ_atoms.PDB_model_num 
_pdbx_unobs_or_zero_occ_atoms.polymer_flag 
_pdbx_unobs_or_zero_occ_atoms.occupancy_flag 
_pdbx_unobs_or_zero_occ_atoms.auth_asym_id 
_pdbx_unobs_or_zero_occ_atoms.auth_comp_id 
_pdbx_unobs_or_zero_occ_atoms.auth_seq_id 
_pdbx_unobs_or_zero_occ_atoms.PDB_ins_code 
_pdbx_unobs_or_zero_occ_atoms.auth_atom_id 
_pdbx_unobs_or_zero_occ_atoms.label_alt_id 
_pdbx_unobs_or_zero_occ_atoms.label_asym_id 
_pdbx_unobs_or_zero_occ_atoms.label_comp_id 
_pdbx_unobs_or_zero_occ_atoms.label_seq_id 
_pdbx_unobs_or_zero_occ_atoms.label_atom_id 
1  1 Y 1 A ARG 120 ? CZ  ? A ARG 24 CZ  
2  1 Y 1 A ARG 120 ? NH1 ? A ARG 24 NH1 
3  1 Y 1 A ARG 120 ? NH2 ? A ARG 24 NH2 
4  1 Y 1 A LEU 133 ? CG  ? A LEU 37 CG  
5  1 Y 1 A LEU 133 ? CD1 ? A LEU 37 CD1 
6  1 Y 1 A LEU 133 ? CD2 ? A LEU 37 CD2 
7  1 Y 1 A ASP 135 ? CB  ? A ASP 39 CB  
8  1 Y 1 A ASP 135 ? CG  ? A ASP 39 CG  
9  1 Y 1 A ASP 135 ? OD1 ? A ASP 39 OD1 
10 1 Y 1 A ASP 135 ? OD2 ? A ASP 39 OD2 
11 1 Y 1 A SER 136 ? CB  ? A SER 40 CB  
12 1 Y 1 A SER 136 ? OG  ? A SER 40 OG  
13 1 Y 1 A SER 137 ? CB  ? A SER 41 CB  
14 1 Y 1 A SER 137 ? OG  ? A SER 41 OG  
15 1 Y 1 A LYS 149 ? CG  ? A LYS 53 CG  
16 1 Y 1 A LYS 149 ? CD  ? A LYS 53 CD  
17 1 Y 1 A LYS 149 ? CE  ? A LYS 53 CE  
18 1 Y 1 A LYS 149 ? NZ  ? A LYS 53 NZ  
19 1 Y 1 A LYS 150 ? CG  ? A LYS 54 CG  
20 1 Y 1 A LYS 150 ? CD  ? A LYS 54 CD  
21 1 Y 1 A LYS 150 ? CE  ? A LYS 54 CE  
22 1 Y 1 A LYS 150 ? NZ  ? A LYS 54 NZ  
# 
loop_
_software.citation_id 
_software.classification 
_software.compiler_name 
_software.compiler_version 
_software.contact_author 
_software.contact_author_email 
_software.date 
_software.description 
_software.dependencies 
_software.hardware 
_software.language 
_software.location 
_software.mods 
_software.name 
_software.os 
_software.os_version 
_software.type 
_software.version 
_software.pdbx_ordinal 
? refinement       ? ? ? ? ? ? ? ? ? ? ? REFMAC   ? ? ? 5.8.0267 1 
? 'data reduction' ? ? ? ? ? ? ? ? ? ? ? HKL-2000 ? ? ? .        2 
? 'data scaling'   ? ? ? ? ? ? ? ? ? ? ? HKL-2000 ? ? ? .        3 
? phasing          ? ? ? ? ? ? ? ? ? ? ? BALBES   ? ? ? .        4 
# 
_cell.angle_alpha                  90.000 
_cell.angle_alpha_esd              ? 
_cell.angle_beta                   90.000 
_cell.angle_beta_esd               ? 
_cell.angle_gamma                  120.000 
_cell.angle_gamma_esd              ? 
_cell.entry_id                     8XU6 
_cell.details                      ? 
_cell.formula_units_Z              ? 
_cell.length_a                     55.022 
_cell.length_a_esd                 ? 
_cell.length_b                     55.022 
_cell.length_b_esd                 ? 
_cell.length_c                     74.411 
_cell.length_c_esd                 ? 
_cell.volume                       ? 
_cell.volume_esd                   ? 
_cell.Z_PDB                        12 
_cell.reciprocal_angle_alpha       ? 
_cell.reciprocal_angle_beta        ? 
_cell.reciprocal_angle_gamma       ? 
_cell.reciprocal_angle_alpha_esd   ? 
_cell.reciprocal_angle_beta_esd    ? 
_cell.reciprocal_angle_gamma_esd   ? 
_cell.reciprocal_length_a          ? 
_cell.reciprocal_length_b          ? 
_cell.reciprocal_length_c          ? 
_cell.reciprocal_length_a_esd      ? 
_cell.reciprocal_length_b_esd      ? 
_cell.reciprocal_length_c_esd      ? 
_cell.pdbx_unique_axis             ? 
_cell.pdbx_esd_method              ? 
# 
_symmetry.entry_id                         8XU6 
_symmetry.cell_setting                     ? 
_symmetry.Int_Tables_number                182 
_symmetry.space_group_name_Hall            ? 
_symmetry.space_group_name_H-M             'P 63 2 2' 
_symmetry.pdbx_full_space_group_name_H-M   ? 
# 
_exptl.absorpt_coefficient_mu     ? 
_exptl.absorpt_correction_T_max   ? 
_exptl.absorpt_correction_T_min   ? 
_exptl.absorpt_correction_type    ? 
_exptl.absorpt_process_details    ? 
_exptl.entry_id                   8XU6 
_exptl.crystals_number            1 
_exptl.details                    ? 
_exptl.method                     'X-RAY DIFFRACTION' 
_exptl.method_details             ? 
# 
_exptl_crystal.colour                       ? 
_exptl_crystal.density_diffrn               ? 
_exptl_crystal.density_Matthews             2.56 
_exptl_crystal.density_method               ? 
_exptl_crystal.density_percent_sol          51.97 
_exptl_crystal.description                  ? 
_exptl_crystal.F_000                        ? 
_exptl_crystal.id                           1 
_exptl_crystal.preparation                  ? 
_exptl_crystal.size_max                     ? 
_exptl_crystal.size_mid                     ? 
_exptl_crystal.size_min                     ? 
_exptl_crystal.size_rad                     ? 
_exptl_crystal.colour_lustre                ? 
_exptl_crystal.colour_modifier              ? 
_exptl_crystal.colour_primary               ? 
_exptl_crystal.density_meas                 ? 
_exptl_crystal.density_meas_esd             ? 
_exptl_crystal.density_meas_gt              ? 
_exptl_crystal.density_meas_lt              ? 
_exptl_crystal.density_meas_temp            ? 
_exptl_crystal.density_meas_temp_esd        ? 
_exptl_crystal.density_meas_temp_gt         ? 
_exptl_crystal.density_meas_temp_lt         ? 
_exptl_crystal.pdbx_crystal_image_url       ? 
_exptl_crystal.pdbx_crystal_image_format    ? 
_exptl_crystal.pdbx_mosaicity               ? 
_exptl_crystal.pdbx_mosaicity_esd           ? 
_exptl_crystal.pdbx_mosaic_method           ? 
_exptl_crystal.pdbx_mosaic_block_size       ? 
_exptl_crystal.pdbx_mosaic_block_size_esd   ? 
# 
_exptl_crystal_grow.apparatus       ? 
_exptl_crystal_grow.atmosphere      ? 
_exptl_crystal_grow.crystal_id      1 
_exptl_crystal_grow.details         ? 
_exptl_crystal_grow.method          'VAPOR DIFFUSION, SITTING DROP' 
_exptl_crystal_grow.method_ref      ? 
_exptl_crystal_grow.pH              6.5 
_exptl_crystal_grow.pressure        ? 
_exptl_crystal_grow.pressure_esd    ? 
_exptl_crystal_grow.seeding         ? 
_exptl_crystal_grow.seeding_ref     ? 
_exptl_crystal_grow.temp_details    ? 
_exptl_crystal_grow.temp_esd        ? 
_exptl_crystal_grow.time            ? 
_exptl_crystal_grow.pdbx_details    '40 % v/v 2-Methyl-2,4-pentanediol,100 mM MES pH 6.5' 
_exptl_crystal_grow.pdbx_pH_range   ? 
_exptl_crystal_grow.temp            289 
# 
_diffrn.ambient_environment              ? 
_diffrn.ambient_temp                     198 
_diffrn.ambient_temp_details             ? 
_diffrn.ambient_temp_esd                 ? 
_diffrn.crystal_id                       1 
_diffrn.crystal_support                  ? 
_diffrn.crystal_treatment                ? 
_diffrn.details                          ? 
_diffrn.id                               1 
_diffrn.ambient_pressure                 ? 
_diffrn.ambient_pressure_esd             ? 
_diffrn.ambient_pressure_gt              ? 
_diffrn.ambient_pressure_lt              ? 
_diffrn.ambient_temp_gt                  ? 
_diffrn.ambient_temp_lt                  ? 
_diffrn.pdbx_serial_crystal_experiment   N 
# 
_diffrn_detector.details                      ? 
_diffrn_detector.detector                     PIXEL 
_diffrn_detector.diffrn_id                    1 
_diffrn_detector.type                         'DECTRIS EIGER X 16M' 
_diffrn_detector.area_resol_mean              ? 
_diffrn_detector.dtime                        ? 
_diffrn_detector.pdbx_frames_total            ? 
_diffrn_detector.pdbx_collection_time_total   ? 
_diffrn_detector.pdbx_collection_date         2022-11-15 
_diffrn_detector.pdbx_frequency               ? 
_diffrn_detector.id                           ? 
_diffrn_detector.number_of_axes               ? 
# 
_diffrn_radiation.collimation                      ? 
_diffrn_radiation.diffrn_id                        1 
_diffrn_radiation.filter_edge                      ? 
_diffrn_radiation.inhomogeneity                    ? 
_diffrn_radiation.monochromator                    ? 
_diffrn_radiation.polarisn_norm                    ? 
_diffrn_radiation.polarisn_ratio                   ? 
_diffrn_radiation.probe                            ? 
_diffrn_radiation.type                             ? 
_diffrn_radiation.xray_symbol                      ? 
_diffrn_radiation.wavelength_id                    1 
_diffrn_radiation.pdbx_monochromatic_or_laue_m_l   M 
_diffrn_radiation.pdbx_wavelength_list             ? 
_diffrn_radiation.pdbx_wavelength                  ? 
_diffrn_radiation.pdbx_diffrn_protocol             'SINGLE WAVELENGTH' 
_diffrn_radiation.pdbx_analyzer                    ? 
_diffrn_radiation.pdbx_scattering_type             x-ray 
# 
_diffrn_radiation_wavelength.id           1 
_diffrn_radiation_wavelength.wavelength   0.9793 
_diffrn_radiation_wavelength.wt           1.0 
# 
_diffrn_source.current                     ? 
_diffrn_source.details                     ? 
_diffrn_source.diffrn_id                   1 
_diffrn_source.power                       ? 
_diffrn_source.size                        ? 
_diffrn_source.source                      SYNCHROTRON 
_diffrn_source.target                      ? 
_diffrn_source.type                        'SSRF BEAMLINE BL02U1' 
_diffrn_source.voltage                     ? 
_diffrn_source.take-off_angle              ? 
_diffrn_source.pdbx_wavelength_list        0.9793 
_diffrn_source.pdbx_wavelength             ? 
_diffrn_source.pdbx_synchrotron_beamline   BL02U1 
_diffrn_source.pdbx_synchrotron_site       SSRF 
# 
_reflns.B_iso_Wilson_estimate                          ? 
_reflns.entry_id                                       8XU6 
_reflns.data_reduction_details                         ? 
_reflns.data_reduction_method                          ? 
_reflns.d_resolution_high                              1.628 
_reflns.d_resolution_low                               47.76 
_reflns.details                                        ? 
_reflns.limit_h_max                                    ? 
_reflns.limit_h_min                                    ? 
_reflns.limit_k_max                                    ? 
_reflns.limit_k_min                                    ? 
_reflns.limit_l_max                                    ? 
_reflns.limit_l_min                                    ? 
_reflns.number_all                                     ? 
_reflns.number_obs                                     8809 
_reflns.observed_criterion                             ? 
_reflns.observed_criterion_F_max                       ? 
_reflns.observed_criterion_F_min                       ? 
_reflns.observed_criterion_I_max                       ? 
_reflns.observed_criterion_I_min                       ? 
_reflns.observed_criterion_sigma_F                     ? 
_reflns.observed_criterion_sigma_I                     ? 
_reflns.percent_possible_obs                           99.88 
_reflns.R_free_details                                 ? 
_reflns.Rmerge_F_all                                   ? 
_reflns.Rmerge_F_obs                                   ? 
_reflns.Friedel_coverage                               ? 
_reflns.number_gt                                      ? 
_reflns.threshold_expression                           ? 
_reflns.pdbx_redundancy                                19 
_reflns.pdbx_netI_over_av_sigmaI                       ? 
_reflns.pdbx_netI_over_sigmaI                          73.4 
_reflns.pdbx_res_netI_over_av_sigmaI_2                 ? 
_reflns.pdbx_res_netI_over_sigmaI_2                    ? 
_reflns.pdbx_chi_squared                               ? 
_reflns.pdbx_scaling_rejects                           ? 
_reflns.pdbx_d_res_high_opt                            ? 
_reflns.pdbx_d_res_low_opt                             ? 
_reflns.pdbx_d_res_opt_method                          ? 
_reflns.phase_calculation_details                      ? 
_reflns.pdbx_Rrim_I_all                                ? 
_reflns.pdbx_Rpim_I_all                                ? 
_reflns.pdbx_d_opt                                     ? 
_reflns.pdbx_number_measured_all                       ? 
_reflns.pdbx_diffrn_id                                 1 
_reflns.pdbx_ordinal                                   1 
_reflns.pdbx_CC_half                                   0.997 
_reflns.pdbx_CC_star                                   ? 
_reflns.pdbx_R_split                                   ? 
_reflns.pdbx_Rmerge_I_obs                              ? 
_reflns.pdbx_Rmerge_I_all                              ? 
_reflns.pdbx_Rsym_value                                ? 
_reflns.pdbx_CC_split_method                           ? 
_reflns.pdbx_aniso_diffraction_limit_axis_1_ortho[1]   ? 
_reflns.pdbx_aniso_diffraction_limit_axis_1_ortho[2]   ? 
_reflns.pdbx_aniso_diffraction_limit_axis_1_ortho[3]   ? 
_reflns.pdbx_aniso_diffraction_limit_axis_2_ortho[1]   ? 
_reflns.pdbx_aniso_diffraction_limit_axis_2_ortho[2]   ? 
_reflns.pdbx_aniso_diffraction_limit_axis_2_ortho[3]   ? 
_reflns.pdbx_aniso_diffraction_limit_axis_3_ortho[1]   ? 
_reflns.pdbx_aniso_diffraction_limit_axis_3_ortho[2]   ? 
_reflns.pdbx_aniso_diffraction_limit_axis_3_ortho[3]   ? 
_reflns.pdbx_aniso_diffraction_limit_1                 ? 
_reflns.pdbx_aniso_diffraction_limit_2                 ? 
_reflns.pdbx_aniso_diffraction_limit_3                 ? 
_reflns.pdbx_aniso_B_tensor_eigenvector_1_ortho[1]     ? 
_reflns.pdbx_aniso_B_tensor_eigenvector_1_ortho[2]     ? 
_reflns.pdbx_aniso_B_tensor_eigenvector_1_ortho[3]     ? 
_reflns.pdbx_aniso_B_tensor_eigenvector_2_ortho[1]     ? 
_reflns.pdbx_aniso_B_tensor_eigenvector_2_ortho[2]     ? 
_reflns.pdbx_aniso_B_tensor_eigenvector_2_ortho[3]     ? 
_reflns.pdbx_aniso_B_tensor_eigenvector_3_ortho[1]     ? 
_reflns.pdbx_aniso_B_tensor_eigenvector_3_ortho[2]     ? 
_reflns.pdbx_aniso_B_tensor_eigenvector_3_ortho[3]     ? 
_reflns.pdbx_aniso_B_tensor_eigenvalue_1               ? 
_reflns.pdbx_aniso_B_tensor_eigenvalue_2               ? 
_reflns.pdbx_aniso_B_tensor_eigenvalue_3               ? 
_reflns.pdbx_orthogonalization_convention              ? 
_reflns.pdbx_percent_possible_ellipsoidal              ? 
_reflns.pdbx_percent_possible_spherical                ? 
_reflns.pdbx_percent_possible_ellipsoidal_anomalous    ? 
_reflns.pdbx_percent_possible_spherical_anomalous      ? 
_reflns.pdbx_redundancy_anomalous                      ? 
_reflns.pdbx_CC_half_anomalous                         ? 
_reflns.pdbx_absDiff_over_sigma_anomalous              ? 
_reflns.pdbx_percent_possible_anomalous                ? 
_reflns.pdbx_observed_signal_threshold                 ? 
_reflns.pdbx_signal_type                               ? 
_reflns.pdbx_signal_details                            ? 
_reflns.pdbx_signal_software_id                        ? 
# 
_reflns_shell.d_res_high                                    1.63 
_reflns_shell.d_res_low                                     1.66 
_reflns_shell.meanI_over_sigI_all                           ? 
_reflns_shell.meanI_over_sigI_obs                           ? 
_reflns_shell.number_measured_all                           ? 
_reflns_shell.number_measured_obs                           ? 
_reflns_shell.number_possible                               ? 
_reflns_shell.number_unique_all                             ? 
_reflns_shell.number_unique_obs                             2301 
_reflns_shell.percent_possible_obs                          ? 
_reflns_shell.Rmerge_F_all                                  ? 
_reflns_shell.Rmerge_F_obs                                  ? 
_reflns_shell.meanI_over_sigI_gt                            ? 
_reflns_shell.meanI_over_uI_all                             ? 
_reflns_shell.meanI_over_uI_gt                              ? 
_reflns_shell.number_measured_gt                            ? 
_reflns_shell.number_unique_gt                              ? 
_reflns_shell.percent_possible_gt                           ? 
_reflns_shell.Rmerge_F_gt                                   ? 
_reflns_shell.Rmerge_I_gt                                   ? 
_reflns_shell.pdbx_redundancy                               ? 
_reflns_shell.pdbx_chi_squared                              ? 
_reflns_shell.pdbx_netI_over_sigmaI_all                     ? 
_reflns_shell.pdbx_netI_over_sigmaI_obs                     ? 
_reflns_shell.pdbx_Rrim_I_all                               ? 
_reflns_shell.pdbx_Rpim_I_all                               ? 
_reflns_shell.pdbx_rejects                                  ? 
_reflns_shell.pdbx_ordinal                                  1 
_reflns_shell.pdbx_diffrn_id                                1 
_reflns_shell.pdbx_CC_half                                  0.997 
_reflns_shell.pdbx_CC_star                                  ? 
_reflns_shell.pdbx_R_split                                  ? 
_reflns_shell.percent_possible_all                          ? 
_reflns_shell.Rmerge_I_all                                  ? 
_reflns_shell.Rmerge_I_obs                                  ? 
_reflns_shell.pdbx_Rsym_value                               ? 
_reflns_shell.pdbx_percent_possible_ellipsoidal             ? 
_reflns_shell.pdbx_percent_possible_spherical               ? 
_reflns_shell.pdbx_percent_possible_ellipsoidal_anomalous   ? 
_reflns_shell.pdbx_percent_possible_spherical_anomalous     ? 
_reflns_shell.pdbx_redundancy_anomalous                     ? 
_reflns_shell.pdbx_CC_half_anomalous                        ? 
_reflns_shell.pdbx_absDiff_over_sigma_anomalous             ? 
_reflns_shell.pdbx_percent_possible_anomalous               ? 
# 
_refine.aniso_B[1][1]                            1.102 
_refine.aniso_B[1][2]                            0.551 
_refine.aniso_B[1][3]                            0.000 
_refine.aniso_B[2][2]                            1.102 
_refine.aniso_B[2][3]                            -0.000 
_refine.aniso_B[3][3]                            -3.576 
_refine.B_iso_max                                ? 
_refine.B_iso_mean                               46.074 
_refine.B_iso_min                                ? 
_refine.correlation_coeff_Fo_to_Fc               0.957 
_refine.correlation_coeff_Fo_to_Fc_free          0.960 
_refine.details                                  'Hydrogens have been used if present in the input file' 
_refine.diff_density_max                         ? 
_refine.diff_density_max_esd                     ? 
_refine.diff_density_min                         ? 
_refine.diff_density_min_esd                     ? 
_refine.diff_density_rms                         ? 
_refine.diff_density_rms_esd                     ? 
_refine.entry_id                                 8XU6 
_refine.pdbx_refine_id                           'X-RAY DIFFRACTION' 
_refine.ls_abs_structure_details                 ? 
_refine.ls_abs_structure_Flack                   ? 
_refine.ls_abs_structure_Flack_esd               ? 
_refine.ls_abs_structure_Rogers                  ? 
_refine.ls_abs_structure_Rogers_esd              ? 
_refine.ls_d_res_high                            1.628 
_refine.ls_d_res_low                             47.650 
_refine.ls_extinction_coef                       ? 
_refine.ls_extinction_coef_esd                   ? 
_refine.ls_extinction_expression                 ? 
_refine.ls_extinction_method                     ? 
_refine.ls_goodness_of_fit_all                   ? 
_refine.ls_goodness_of_fit_all_esd               ? 
_refine.ls_goodness_of_fit_obs                   ? 
_refine.ls_goodness_of_fit_obs_esd               ? 
_refine.ls_hydrogen_treatment                    ? 
_refine.ls_matrix_type                           ? 
_refine.ls_number_constraints                    ? 
_refine.ls_number_parameters                     ? 
_refine.ls_number_reflns_all                     ? 
_refine.ls_number_reflns_obs                     8809 
_refine.ls_number_reflns_R_free                  430 
_refine.ls_number_reflns_R_work                  8379 
_refine.ls_number_restraints                     ? 
_refine.ls_percent_reflns_obs                    99.447 
_refine.ls_percent_reflns_R_free                 4.881 
_refine.ls_R_factor_all                          0.183 
_refine.ls_R_factor_obs                          ? 
_refine.ls_R_factor_R_free                       0.2265 
_refine.ls_R_factor_R_free_error                 ? 
_refine.ls_R_factor_R_free_error_details         ? 
_refine.ls_R_factor_R_work                       0.1809 
_refine.ls_R_Fsqd_factor_obs                     ? 
_refine.ls_R_I_factor_obs                        ? 
_refine.ls_redundancy_reflns_all                 ? 
_refine.ls_redundancy_reflns_obs                 ? 
_refine.ls_restrained_S_all                      ? 
_refine.ls_restrained_S_obs                      ? 
_refine.ls_shift_over_esd_max                    ? 
_refine.ls_shift_over_esd_mean                   ? 
_refine.ls_structure_factor_coef                 ? 
_refine.ls_weighting_details                     ? 
_refine.ls_weighting_scheme                      ? 
_refine.ls_wR_factor_all                         ? 
_refine.ls_wR_factor_obs                         ? 
_refine.ls_wR_factor_R_free                      0.239 
_refine.ls_wR_factor_R_work                      0.190 
_refine.occupancy_max                            ? 
_refine.occupancy_min                            ? 
_refine.solvent_model_details                    'MASK BULK SOLVENT' 
_refine.solvent_model_param_bsol                 ? 
_refine.solvent_model_param_ksol                 ? 
_refine.pdbx_R_complete                          ? 
_refine.ls_R_factor_gt                           ? 
_refine.ls_goodness_of_fit_gt                    ? 
_refine.ls_goodness_of_fit_ref                   ? 
_refine.ls_shift_over_su_max                     ? 
_refine.ls_shift_over_su_max_lt                  ? 
_refine.ls_shift_over_su_mean                    ? 
_refine.ls_shift_over_su_mean_lt                 ? 
_refine.pdbx_ls_sigma_I                          ? 
_refine.pdbx_ls_sigma_F                          ? 
_refine.pdbx_ls_sigma_Fsqd                       ? 
_refine.pdbx_data_cutoff_high_absF               ? 
_refine.pdbx_data_cutoff_high_rms_absF           ? 
_refine.pdbx_data_cutoff_low_absF                ? 
_refine.pdbx_isotropic_thermal_model             ? 
_refine.pdbx_ls_cross_valid_method               THROUGHOUT 
_refine.pdbx_method_to_determine_struct          'AB INITIO PHASING' 
_refine.pdbx_starting_model                      ? 
_refine.pdbx_stereochemistry_target_values       ? 
_refine.pdbx_R_Free_selection_details            RANDOM 
_refine.pdbx_stereochem_target_val_spec_case     ? 
_refine.pdbx_overall_ESU_R                       0.096 
_refine.pdbx_overall_ESU_R_Free                  0.087 
_refine.pdbx_solvent_vdw_probe_radii             1.200 
_refine.pdbx_solvent_ion_probe_radii             0.800 
_refine.pdbx_solvent_shrinkage_radii             0.800 
_refine.pdbx_real_space_R                        ? 
_refine.pdbx_density_correlation                 ? 
_refine.pdbx_pd_number_of_powder_patterns        ? 
_refine.pdbx_pd_number_of_points                 ? 
_refine.pdbx_pd_meas_number_of_points            ? 
_refine.pdbx_pd_proc_ls_prof_R_factor            ? 
_refine.pdbx_pd_proc_ls_prof_wR_factor           ? 
_refine.pdbx_pd_Marquardt_correlation_coeff      ? 
_refine.pdbx_pd_Fsqrd_R_factor                   ? 
_refine.pdbx_pd_ls_matrix_band_width             ? 
_refine.pdbx_overall_phase_error                 ? 
_refine.pdbx_overall_SU_R_free_Cruickshank_DPI   ? 
_refine.pdbx_overall_SU_R_free_Blow_DPI          ? 
_refine.pdbx_overall_SU_R_Blow_DPI               ? 
_refine.pdbx_TLS_residual_ADP_flag               ? 
_refine.pdbx_diffrn_id                           1 
_refine.overall_SU_B                             6.081 
_refine.overall_SU_ML                            0.086 
_refine.overall_SU_R_Cruickshank_DPI             ? 
_refine.overall_SU_R_free                        ? 
_refine.overall_FOM_free_R_set                   ? 
_refine.overall_FOM_work_R_set                   ? 
_refine.pdbx_average_fsc_overall                 ? 
_refine.pdbx_average_fsc_work                    0.9110 
_refine.pdbx_average_fsc_free                    0.8967 
# 
_refine_hist.pdbx_refine_id                   'X-RAY DIFFRACTION' 
_refine_hist.cycle_id                         LAST 
_refine_hist.details                          ? 
_refine_hist.d_res_high                       1.628 
_refine_hist.d_res_low                        47.650 
_refine_hist.number_atoms_solvent             25 
_refine_hist.number_atoms_total               447 
_refine_hist.number_reflns_all                ? 
_refine_hist.number_reflns_obs                ? 
_refine_hist.number_reflns_R_free             ? 
_refine_hist.number_reflns_R_work             ? 
_refine_hist.R_factor_all                     ? 
_refine_hist.R_factor_obs                     ? 
_refine_hist.R_factor_R_free                  ? 
_refine_hist.R_factor_R_work                  ? 
_refine_hist.pdbx_number_residues_total       ? 
_refine_hist.pdbx_B_iso_mean_ligand           ? 
_refine_hist.pdbx_B_iso_mean_solvent          ? 
_refine_hist.pdbx_number_atoms_protein        422 
_refine_hist.pdbx_number_atoms_nucleic_acid   0 
_refine_hist.pdbx_number_atoms_ligand         0 
_refine_hist.pdbx_number_atoms_lipid          ? 
_refine_hist.pdbx_number_atoms_carb           ? 
_refine_hist.pdbx_pseudo_atom_details         ? 
# 
loop_
_refine_ls_restr.pdbx_refine_id 
_refine_ls_restr.criterion 
_refine_ls_restr.dev_ideal 
_refine_ls_restr.dev_ideal_target 
_refine_ls_restr.number 
_refine_ls_restr.rejects 
_refine_ls_restr.type 
_refine_ls_restr.weight 
_refine_ls_restr.pdbx_restraint_function 
'X-RAY DIFFRACTION' ? 0.009  0.012  433 ? r_bond_refined_d               ? ? 
'X-RAY DIFFRACTION' ? 0.001  0.017  368 ? r_bond_other_d                 ? ? 
'X-RAY DIFFRACTION' ? 1.561  1.624  585 ? r_angle_refined_deg            ? ? 
'X-RAY DIFFRACTION' ? 0.619  1.563  850 ? r_angle_other_deg              ? ? 
'X-RAY DIFFRACTION' ? 7.106  5.000  53  ? r_dihedral_angle_1_deg         ? ? 
'X-RAY DIFFRACTION' ? 26.652 20.455 22  ? r_dihedral_angle_2_deg         ? ? 
'X-RAY DIFFRACTION' ? 14.940 15.000 63  ? r_dihedral_angle_3_deg         ? ? 
'X-RAY DIFFRACTION' ? 16.629 15.000 3   ? r_dihedral_angle_4_deg         ? ? 
'X-RAY DIFFRACTION' ? 0.102  0.200  51  ? r_chiral_restr                 ? ? 
'X-RAY DIFFRACTION' ? 0.008  0.020  488 ? r_gen_planes_refined           ? ? 
'X-RAY DIFFRACTION' ? 0.001  0.020  106 ? r_gen_planes_other             ? ? 
'X-RAY DIFFRACTION' ? 0.191  0.200  74  ? r_nbd_refined                  ? ? 
'X-RAY DIFFRACTION' ? 0.207  0.200  325 ? r_symmetry_nbd_other           ? ? 
'X-RAY DIFFRACTION' ? 0.191  0.200  201 ? r_nbtor_refined                ? ? 
'X-RAY DIFFRACTION' ? 0.079  0.200  207 ? r_symmetry_nbtor_other         ? ? 
'X-RAY DIFFRACTION' ? 0.094  0.200  12  ? r_xyhbond_nbd_refined          ? ? 
'X-RAY DIFFRACTION' ? 0.203  0.200  7   ? r_symmetry_nbd_refined         ? ? 
'X-RAY DIFFRACTION' ? 0.139  0.200  29  ? r_nbd_other                    ? ? 
'X-RAY DIFFRACTION' ? 0.263  0.200  8   ? r_symmetry_xyhbond_nbd_refined ? ? 
'X-RAY DIFFRACTION' ? 6.443  4.464  215 ? r_mcbond_it                    ? ? 
'X-RAY DIFFRACTION' ? 6.313  4.450  214 ? r_mcbond_other                 ? ? 
'X-RAY DIFFRACTION' ? 7.907  6.678  267 ? r_mcangle_it                   ? ? 
'X-RAY DIFFRACTION' ? 7.894  6.691  268 ? r_mcangle_other                ? ? 
'X-RAY DIFFRACTION' ? 7.279  4.857  218 ? r_scbond_it                    ? ? 
'X-RAY DIFFRACTION' ? 7.262  4.865  219 ? r_scbond_other                 ? ? 
'X-RAY DIFFRACTION' ? 8.428  7.036  318 ? r_scangle_it                   ? ? 
'X-RAY DIFFRACTION' ? 8.424  7.037  318 ? r_scangle_other                ? ? 
'X-RAY DIFFRACTION' ? 8.033  49.551 460 ? r_lrange_it                    ? ? 
'X-RAY DIFFRACTION' ? 8.061  49.688 461 ? r_lrange_other                 ? ? 
'X-RAY DIFFRACTION' ? 3.707  3.000  800 ? r_rigid_bond_restr             ? ? 
# 
loop_
_refine_ls_shell.pdbx_refine_id 
_refine_ls_shell.d_res_high 
_refine_ls_shell.d_res_low 
_refine_ls_shell.number_reflns_all 
_refine_ls_shell.number_reflns_obs 
_refine_ls_shell.number_reflns_R_free 
_refine_ls_shell.number_reflns_R_work 
_refine_ls_shell.percent_reflns_obs 
_refine_ls_shell.percent_reflns_R_free 
_refine_ls_shell.R_factor_all 
_refine_ls_shell.R_factor_obs 
_refine_ls_shell.R_factor_R_free_error 
_refine_ls_shell.R_factor_R_work 
_refine_ls_shell.redundancy_reflns_all 
_refine_ls_shell.redundancy_reflns_obs 
_refine_ls_shell.wR_factor_all 
_refine_ls_shell.wR_factor_obs 
_refine_ls_shell.wR_factor_R_free 
_refine_ls_shell.wR_factor_R_work 
_refine_ls_shell.pdbx_R_complete 
_refine_ls_shell.pdbx_total_number_of_bins_used 
_refine_ls_shell.pdbx_phase_error 
_refine_ls_shell.pdbx_fsc_work 
_refine_ls_shell.pdbx_fsc_free 
_refine_ls_shell.R_factor_R_free 
'X-RAY DIFFRACTION' 1.628 1.671  632 . 27 592 97.9430  . 0.300 . . 0.299 . . . . . 0.231 . 20 . 0.693 0.619 0.335 
'X-RAY DIFFRACTION' 1.671 1.716  618 . 27 588 99.5146  . 0.236 . . 0.233 . . . . . 0.187 . 20 . 0.809 0.770 0.311 
'X-RAY DIFFRACTION' 1.716 1.766  600 . 25 575 100.0000 . 0.189 . . 0.187 . . . . . 0.140 . 20 . 0.877 0.900 0.230 
'X-RAY DIFFRACTION' 1.766 1.820  588 . 29 559 100.0000 . 0.207 . . 0.205 . . . . . 0.160 . 20 . 0.899 0.890 0.242 
'X-RAY DIFFRACTION' 1.820 1.880  565 . 27 538 100.0000 . 0.175 . . 0.174 . . . . . 0.147 . 20 . 0.934 0.907 0.213 
'X-RAY DIFFRACTION' 1.880 1.946  553 . 23 530 100.0000 . 0.175 . . 0.173 . . . . . 0.144 . 20 . 0.924 0.947 0.206 
'X-RAY DIFFRACTION' 1.946 2.019  540 . 30 510 100.0000 . 0.168 . . 0.164 . . . . . 0.144 . 20 . 0.943 0.926 0.232 
'X-RAY DIFFRACTION' 2.019 2.101  509 . 28 481 100.0000 . 0.157 . . 0.150 . . . . . 0.132 . 20 . 0.956 0.919 0.287 
'X-RAY DIFFRACTION' 2.101 2.195  499 . 24 474 99.7996  . 0.143 . . 0.142 . . . . . 0.124 . 20 . 0.954 0.956 0.164 
'X-RAY DIFFRACTION' 2.195 2.301  475 . 24 451 100.0000 . 0.152 . . 0.145 . . . . . 0.131 . 20 . 0.948 0.917 0.302 
'X-RAY DIFFRACTION' 2.301 2.426  453 . 32 421 100.0000 . 0.178 . . 0.173 . . . . . 0.157 . 20 . 0.944 0.918 0.247 
'X-RAY DIFFRACTION' 2.426 2.572  435 . 19 416 100.0000 . 0.168 . . 0.165 . . . . . 0.160 . 20 . 0.953 0.897 0.259 
'X-RAY DIFFRACTION' 2.572 2.749  413 . 22 391 100.0000 . 0.167 . . 0.161 . . . . . 0.160 . 20 . 0.955 0.939 0.286 
'X-RAY DIFFRACTION' 2.749 2.969  382 . 21 361 100.0000 . 0.185 . . 0.180 . . . . . 0.184 . 20 . 0.948 0.922 0.278 
'X-RAY DIFFRACTION' 2.969 3.251  360 . 21 339 100.0000 . 0.188 . . 0.183 . . . . . 0.185 . 20 . 0.940 0.930 0.260 
'X-RAY DIFFRACTION' 3.251 3.633  325 . 13 312 100.0000 . 0.174 . . 0.169 . . . . . 0.183 . 20 . 0.960 0.958 0.284 
'X-RAY DIFFRACTION' 3.633 4.190  300 . 14 286 100.0000 . 0.150 . . 0.148 . . . . . 0.172 . 20 . 0.976 0.965 0.180 
'X-RAY DIFFRACTION' 4.190 5.122  255 . 15 238 99.2157  . 0.160 . . 0.165 . . . . . 0.197 . 20 . 0.970 0.983 0.105 
'X-RAY DIFFRACTION' 5.122 7.203  211 . 5  200 97.1564  . 0.187 . . 0.185 . . . . . 0.231 . 20 . 0.967 0.976 0.250 
'X-RAY DIFFRACTION' 7.203 47.650 142 . 4  117 85.2113  . 0.439 . . 0.443 . . . . . 0.789 . 20 . 0.832 0.861 0.317 
# 
_struct.entry_id                     8XU6 
_struct.title                        'Structural Insights into the Tumor Suppressor ZMYND11 Reveal Diverse Recognition Mechanisms' 
_struct.pdbx_model_details           ? 
_struct.pdbx_formula_weight          ? 
_struct.pdbx_formula_weight_method   ? 
_struct.pdbx_model_type_details      ? 
_struct.pdbx_CASP_flag               N 
# 
_struct_keywords.entry_id        8XU6 
_struct_keywords.text            'tumor, zinc finger, ANTITUMOR PROTEIN' 
_struct_keywords.pdbx_keywords   'ANTITUMOR PROTEIN' 
# 
loop_
_struct_asym.id 
_struct_asym.pdbx_blank_PDB_chainid_flag 
_struct_asym.pdbx_modified 
_struct_asym.entity_id 
_struct_asym.details 
A N N 1 ? 
B N N 2 ? 
C N N 2 ? 
D N N 3 ? 
# 
_struct_ref.id                         1 
_struct_ref.db_name                    UNP 
_struct_ref.db_code                    ZMY11_HUMAN 
_struct_ref.pdbx_db_accession          Q15326 
_struct_ref.pdbx_db_isoform            ? 
_struct_ref.entity_id                  1 
_struct_ref.pdbx_seq_one_letter_code   DWYCFECHLPGEVLICDLCFRVYHSKCLSDEFRLRDSSSPWQCPVCRSIKK 
_struct_ref.pdbx_align_begin           100 
# 
_struct_ref_seq.align_id                      1 
_struct_ref_seq.ref_id                        1 
_struct_ref_seq.pdbx_PDB_id_code              8XU6 
_struct_ref_seq.pdbx_strand_id                A 
_struct_ref_seq.seq_align_beg                 4 
_struct_ref_seq.pdbx_seq_align_beg_ins_code   ? 
_struct_ref_seq.seq_align_end                 54 
_struct_ref_seq.pdbx_seq_align_end_ins_code   ? 
_struct_ref_seq.pdbx_db_accession             Q15326 
_struct_ref_seq.db_align_beg                  100 
_struct_ref_seq.pdbx_db_align_beg_ins_code    ? 
_struct_ref_seq.db_align_end                  150 
_struct_ref_seq.pdbx_db_align_end_ins_code    ? 
_struct_ref_seq.pdbx_auth_seq_align_beg       100 
_struct_ref_seq.pdbx_auth_seq_align_end       150 
# 
loop_
_struct_ref_seq_dif.align_id 
_struct_ref_seq_dif.pdbx_pdb_id_code 
_struct_ref_seq_dif.mon_id 
_struct_ref_seq_dif.pdbx_pdb_strand_id 
_struct_ref_seq_dif.seq_num 
_struct_ref_seq_dif.pdbx_pdb_ins_code 
_struct_ref_seq_dif.pdbx_seq_db_name 
_struct_ref_seq_dif.pdbx_seq_db_accession_code 
_struct_ref_seq_dif.db_mon_id 
_struct_ref_seq_dif.pdbx_seq_db_seq_num 
_struct_ref_seq_dif.details 
_struct_ref_seq_dif.pdbx_auth_seq_num 
_struct_ref_seq_dif.pdbx_ordinal 
1 8XU6 GLY A 1 ? UNP Q15326 ? ? 'expression tag' 97 1 
1 8XU6 SER A 2 ? UNP Q15326 ? ? 'expression tag' 98 2 
1 8XU6 MET A 3 ? UNP Q15326 ? ? 'expression tag' 99 3 
# 
_pdbx_struct_assembly.id                   1 
_pdbx_struct_assembly.details              author_defined_assembly 
_pdbx_struct_assembly.method_details       ? 
_pdbx_struct_assembly.oligomeric_details   monomeric 
_pdbx_struct_assembly.oligomeric_count     1 
# 
_pdbx_struct_assembly_gen.assembly_id       1 
_pdbx_struct_assembly_gen.oper_expression   1 
_pdbx_struct_assembly_gen.asym_id_list      A,B,C,D 
# 
_pdbx_struct_assembly_auth_evidence.id                     1 
_pdbx_struct_assembly_auth_evidence.assembly_id            1 
_pdbx_struct_assembly_auth_evidence.experimental_support   'gel filtration' 
_pdbx_struct_assembly_auth_evidence.details                111 
# 
_pdbx_struct_oper_list.id                   1 
_pdbx_struct_oper_list.type                 'identity operation' 
_pdbx_struct_oper_list.name                 1_555 
_pdbx_struct_oper_list.symmetry_operation   x,y,z 
_pdbx_struct_oper_list.matrix[1][1]         1.0000000000 
_pdbx_struct_oper_list.matrix[1][2]         0.0000000000 
_pdbx_struct_oper_list.matrix[1][3]         0.0000000000 
_pdbx_struct_oper_list.vector[1]            0.0000000000 
_pdbx_struct_oper_list.matrix[2][1]         0.0000000000 
_pdbx_struct_oper_list.matrix[2][2]         1.0000000000 
_pdbx_struct_oper_list.matrix[2][3]         0.0000000000 
_pdbx_struct_oper_list.vector[2]            0.0000000000 
_pdbx_struct_oper_list.matrix[3][1]         0.0000000000 
_pdbx_struct_oper_list.matrix[3][2]         0.0000000000 
_pdbx_struct_oper_list.matrix[3][3]         1.0000000000 
_pdbx_struct_oper_list.vector[3]            0.0000000000 
# 
loop_
_struct_conf.conf_type_id 
_struct_conf.id 
_struct_conf.pdbx_PDB_helix_id 
_struct_conf.beg_label_comp_id 
_struct_conf.beg_label_asym_id 
_struct_conf.beg_label_seq_id 
_struct_conf.pdbx_beg_PDB_ins_code 
_struct_conf.end_label_comp_id 
_struct_conf.end_label_asym_id 
_struct_conf.end_label_seq_id 
_struct_conf.pdbx_end_PDB_ins_code 
_struct_conf.beg_auth_comp_id 
_struct_conf.beg_auth_asym_id 
_struct_conf.beg_auth_seq_id 
_struct_conf.end_auth_comp_id 
_struct_conf.end_auth_asym_id 
_struct_conf.end_auth_seq_id 
_struct_conf.pdbx_PDB_helix_class 
_struct_conf.details 
_struct_conf.pdbx_PDB_helix_length 
HELX_P HELX_P1 AA1 LYS A 29 ? LEU A 31 ? LYS A 125 LEU A 127 5 ? 3 
HELX_P HELX_P2 AA2 SER A 32 ? LEU A 37 ? SER A 128 LEU A 133 1 ? 6 
HELX_P HELX_P3 AA3 CYS A 46 ? ILE A 52 ? CYS A 142 ILE A 148 1 ? 7 
# 
_struct_conf_type.id          HELX_P 
_struct_conf_type.criteria    ? 
_struct_conf_type.reference   ? 
# 
loop_
_struct_conn.id 
_struct_conn.conn_type_id 
_struct_conn.pdbx_leaving_atom_flag 
_struct_conn.pdbx_PDB_id 
_struct_conn.ptnr1_label_asym_id 
_struct_conn.ptnr1_label_comp_id 
_struct_conn.ptnr1_label_seq_id 
_struct_conn.ptnr1_label_atom_id 
_struct_conn.pdbx_ptnr1_label_alt_id 
_struct_conn.pdbx_ptnr1_PDB_ins_code 
_struct_conn.pdbx_ptnr1_standard_comp_id 
_struct_conn.ptnr1_symmetry 
_struct_conn.ptnr2_label_asym_id 
_struct_conn.ptnr2_label_comp_id 
_struct_conn.ptnr2_label_seq_id 
_struct_conn.ptnr2_label_atom_id 
_struct_conn.pdbx_ptnr2_label_alt_id 
_struct_conn.pdbx_ptnr2_PDB_ins_code 
_struct_conn.ptnr1_auth_asym_id 
_struct_conn.ptnr1_auth_comp_id 
_struct_conn.ptnr1_auth_seq_id 
_struct_conn.ptnr2_auth_asym_id 
_struct_conn.ptnr2_auth_comp_id 
_struct_conn.ptnr2_auth_seq_id 
_struct_conn.ptnr2_symmetry 
_struct_conn.pdbx_ptnr3_label_atom_id 
_struct_conn.pdbx_ptnr3_label_seq_id 
_struct_conn.pdbx_ptnr3_label_comp_id 
_struct_conn.pdbx_ptnr3_label_asym_id 
_struct_conn.pdbx_ptnr3_label_alt_id 
_struct_conn.pdbx_ptnr3_PDB_ins_code 
_struct_conn.details 
_struct_conn.pdbx_dist_value 
_struct_conn.pdbx_value_order 
_struct_conn.pdbx_role 
metalc1 metalc ? ? A CYS 7  SG  ? ? ? 1_555 C ZN . ZN ? ? A CYS 103 A ZN 202 1_555  ? ? ? ? ? ? ? 2.403 ? ? 
metalc2 metalc ? ? A CYS 10 SG  ? ? ? 1_555 C ZN . ZN ? ? A CYS 106 A ZN 202 1_555  ? ? ? ? ? ? ? 2.345 ? ? 
metalc3 metalc ? ? A CYS 19 SG  ? ? ? 1_555 B ZN . ZN ? ? A CYS 115 A ZN 201 1_555  ? ? ? ? ? ? ? 2.330 ? ? 
metalc4 metalc ? ? A CYS 22 SG  ? ? ? 1_555 B ZN . ZN ? ? A CYS 118 A ZN 201 1_555  ? ? ? ? ? ? ? 2.380 ? ? 
metalc5 metalc ? ? A HIS 27 ND1 ? ? ? 1_555 C ZN . ZN ? ? A HIS 123 A ZN 202 10_444 ? ? ? ? ? ? ? 2.216 ? ? 
metalc6 metalc ? ? A CYS 30 SG  ? ? ? 1_555 C ZN . ZN ? ? A CYS 126 A ZN 202 10_444 ? ? ? ? ? ? ? 2.270 ? ? 
metalc7 metalc ? ? A CYS 46 SG  ? ? ? 1_555 B ZN . ZN ? ? A CYS 142 A ZN 201 1_555  ? ? ? ? ? ? ? 2.331 ? ? 
metalc8 metalc ? ? A CYS 49 SG  ? ? ? 1_555 B ZN . ZN ? ? A CYS 145 A ZN 201 1_555  ? ? ? ? ? ? ? 2.276 ? ? 
# 
_struct_conn_type.id          metalc 
_struct_conn_type.criteria    ? 
_struct_conn_type.reference   ? 
# 
loop_
_pdbx_struct_conn_angle.id 
_pdbx_struct_conn_angle.ptnr1_label_atom_id 
_pdbx_struct_conn_angle.ptnr1_label_alt_id 
_pdbx_struct_conn_angle.ptnr1_label_asym_id 
_pdbx_struct_conn_angle.ptnr1_label_comp_id 
_pdbx_struct_conn_angle.ptnr1_label_seq_id 
_pdbx_struct_conn_angle.ptnr1_auth_atom_id 
_pdbx_struct_conn_angle.ptnr1_auth_asym_id 
_pdbx_struct_conn_angle.ptnr1_auth_comp_id 
_pdbx_struct_conn_angle.ptnr1_auth_seq_id 
_pdbx_struct_conn_angle.ptnr1_PDB_ins_code 
_pdbx_struct_conn_angle.ptnr1_symmetry 
_pdbx_struct_conn_angle.ptnr2_label_atom_id 
_pdbx_struct_conn_angle.ptnr2_label_alt_id 
_pdbx_struct_conn_angle.ptnr2_label_asym_id 
_pdbx_struct_conn_angle.ptnr2_label_comp_id 
_pdbx_struct_conn_angle.ptnr2_label_seq_id 
_pdbx_struct_conn_angle.ptnr2_auth_atom_id 
_pdbx_struct_conn_angle.ptnr2_auth_asym_id 
_pdbx_struct_conn_angle.ptnr2_auth_comp_id 
_pdbx_struct_conn_angle.ptnr2_auth_seq_id 
_pdbx_struct_conn_angle.ptnr2_PDB_ins_code 
_pdbx_struct_conn_angle.ptnr2_symmetry 
_pdbx_struct_conn_angle.ptnr3_label_atom_id 
_pdbx_struct_conn_angle.ptnr3_label_alt_id 
_pdbx_struct_conn_angle.ptnr3_label_asym_id 
_pdbx_struct_conn_angle.ptnr3_label_comp_id 
_pdbx_struct_conn_angle.ptnr3_label_seq_id 
_pdbx_struct_conn_angle.ptnr3_auth_atom_id 
_pdbx_struct_conn_angle.ptnr3_auth_asym_id 
_pdbx_struct_conn_angle.ptnr3_auth_comp_id 
_pdbx_struct_conn_angle.ptnr3_auth_seq_id 
_pdbx_struct_conn_angle.ptnr3_PDB_ins_code 
_pdbx_struct_conn_angle.ptnr3_symmetry 
_pdbx_struct_conn_angle.value 
_pdbx_struct_conn_angle.value_esd 
1  SG  ? A CYS 7  ? A CYS 103 ? 1_555 ZN ? C ZN . ? A ZN 202 ? 1_555 SG  ? A CYS 10 ? A CYS 106 ? 1_555 110.4 ? 
2  SG  ? A CYS 7  ? A CYS 103 ? 1_555 ZN ? C ZN . ? A ZN 202 ? 1_555 ND1 ? A HIS 27 ? A HIS 123 ? 1_555 118.5 ? 
3  SG  ? A CYS 10 ? A CYS 106 ? 1_555 ZN ? C ZN . ? A ZN 202 ? 1_555 ND1 ? A HIS 27 ? A HIS 123 ? 1_555 107.6 ? 
4  SG  ? A CYS 7  ? A CYS 103 ? 1_555 ZN ? C ZN . ? A ZN 202 ? 1_555 SG  ? A CYS 30 ? A CYS 126 ? 1_555 129.4 ? 
5  SG  ? A CYS 10 ? A CYS 106 ? 1_555 ZN ? C ZN . ? A ZN 202 ? 1_555 SG  ? A CYS 30 ? A CYS 126 ? 1_555 96.0  ? 
6  ND1 ? A HIS 27 ? A HIS 123 ? 1_555 ZN ? C ZN . ? A ZN 202 ? 1_555 SG  ? A CYS 30 ? A CYS 126 ? 1_555 12.8  ? 
7  SG  ? A CYS 19 ? A CYS 115 ? 1_555 ZN ? B ZN . ? A ZN 201 ? 1_555 SG  ? A CYS 22 ? A CYS 118 ? 1_555 108.1 ? 
8  SG  ? A CYS 19 ? A CYS 115 ? 1_555 ZN ? B ZN . ? A ZN 201 ? 1_555 SG  ? A CYS 46 ? A CYS 142 ? 1_555 107.5 ? 
9  SG  ? A CYS 22 ? A CYS 118 ? 1_555 ZN ? B ZN . ? A ZN 201 ? 1_555 SG  ? A CYS 46 ? A CYS 142 ? 1_555 108.0 ? 
10 SG  ? A CYS 19 ? A CYS 115 ? 1_555 ZN ? B ZN . ? A ZN 201 ? 1_555 SG  ? A CYS 49 ? A CYS 145 ? 1_555 111.5 ? 
11 SG  ? A CYS 22 ? A CYS 118 ? 1_555 ZN ? B ZN . ? A ZN 201 ? 1_555 SG  ? A CYS 49 ? A CYS 145 ? 1_555 108.1 ? 
12 SG  ? A CYS 46 ? A CYS 142 ? 1_555 ZN ? B ZN . ? A ZN 201 ? 1_555 SG  ? A CYS 49 ? A CYS 145 ? 1_555 113.5 ? 
# 
_struct_sheet.id               AA1 
_struct_sheet.type             ? 
_struct_sheet.number_strands   3 
_struct_sheet.details          ? 
# 
loop_
_struct_sheet_order.sheet_id 
_struct_sheet_order.range_id_1 
_struct_sheet_order.range_id_2 
_struct_sheet_order.offset 
_struct_sheet_order.sense 
AA1 1 2 ? anti-parallel 
AA1 2 3 ? anti-parallel 
# 
loop_
_struct_sheet_range.sheet_id 
_struct_sheet_range.id 
_struct_sheet_range.beg_label_comp_id 
_struct_sheet_range.beg_label_asym_id 
_struct_sheet_range.beg_label_seq_id 
_struct_sheet_range.pdbx_beg_PDB_ins_code 
_struct_sheet_range.end_label_comp_id 
_struct_sheet_range.end_label_asym_id 
_struct_sheet_range.end_label_seq_id 
_struct_sheet_range.pdbx_end_PDB_ins_code 
_struct_sheet_range.beg_auth_comp_id 
_struct_sheet_range.beg_auth_asym_id 
_struct_sheet_range.beg_auth_seq_id 
_struct_sheet_range.end_auth_comp_id 
_struct_sheet_range.end_auth_asym_id 
_struct_sheet_range.end_auth_seq_id 
AA1 1 SER A 2  ? CYS A 7  ? SER A 98  CYS A 103 
AA1 2 LEU A 12 ? ILE A 18 ? LEU A 108 ILE A 114 
AA1 3 VAL A 25 ? HIS A 27 ? VAL A 121 HIS A 123 
# 
loop_
_pdbx_struct_sheet_hbond.sheet_id 
_pdbx_struct_sheet_hbond.range_id_1 
_pdbx_struct_sheet_hbond.range_id_2 
_pdbx_struct_sheet_hbond.range_1_label_atom_id 
_pdbx_struct_sheet_hbond.range_1_label_comp_id 
_pdbx_struct_sheet_hbond.range_1_label_asym_id 
_pdbx_struct_sheet_hbond.range_1_label_seq_id 
_pdbx_struct_sheet_hbond.range_1_PDB_ins_code 
_pdbx_struct_sheet_hbond.range_1_auth_atom_id 
_pdbx_struct_sheet_hbond.range_1_auth_comp_id 
_pdbx_struct_sheet_hbond.range_1_auth_asym_id 
_pdbx_struct_sheet_hbond.range_1_auth_seq_id 
_pdbx_struct_sheet_hbond.range_2_label_atom_id 
_pdbx_struct_sheet_hbond.range_2_label_comp_id 
_pdbx_struct_sheet_hbond.range_2_label_asym_id 
_pdbx_struct_sheet_hbond.range_2_label_seq_id 
_pdbx_struct_sheet_hbond.range_2_PDB_ins_code 
_pdbx_struct_sheet_hbond.range_2_auth_atom_id 
_pdbx_struct_sheet_hbond.range_2_auth_comp_id 
_pdbx_struct_sheet_hbond.range_2_auth_asym_id 
_pdbx_struct_sheet_hbond.range_2_auth_seq_id 
AA1 1 2 N CYS A 7  ? N CYS A 103 O LEU A 12 ? O LEU A 108 
AA1 2 3 N LEU A 17 ? N LEU A 113 O TYR A 26 ? O TYR A 122 
# 
_pdbx_entry_details.entry_id                   8XU6 
_pdbx_entry_details.nonpolymer_details         ? 
_pdbx_entry_details.sequence_details           ? 
_pdbx_entry_details.compound_details           ? 
_pdbx_entry_details.source_details             ? 
_pdbx_entry_details.has_ligand_of_interest     Y 
_pdbx_entry_details.has_protein_modification   N 
# 
loop_
_pdbx_struct_special_symmetry.id 
_pdbx_struct_special_symmetry.PDB_model_num 
_pdbx_struct_special_symmetry.auth_asym_id 
_pdbx_struct_special_symmetry.auth_comp_id 
_pdbx_struct_special_symmetry.auth_seq_id 
_pdbx_struct_special_symmetry.PDB_ins_code 
_pdbx_struct_special_symmetry.label_asym_id 
_pdbx_struct_special_symmetry.label_comp_id 
_pdbx_struct_special_symmetry.label_seq_id 
1 1 A HOH 304 ? D HOH . 
2 1 A HOH 317 ? D HOH . 
3 1 A HOH 319 ? D HOH . 
4 1 A HOH 321 ? D HOH . 
5 1 A HOH 322 ? D HOH . 
# 
_pdbx_distant_solvent_atoms.id                                1 
_pdbx_distant_solvent_atoms.PDB_model_num                     1 
_pdbx_distant_solvent_atoms.auth_atom_id                      O 
_pdbx_distant_solvent_atoms.label_alt_id                      ? 
_pdbx_distant_solvent_atoms.auth_asym_id                      A 
_pdbx_distant_solvent_atoms.auth_comp_id                      HOH 
_pdbx_distant_solvent_atoms.auth_seq_id                       325 
_pdbx_distant_solvent_atoms.PDB_ins_code                      ? 
_pdbx_distant_solvent_atoms.neighbor_macromolecule_distance   6.31 
_pdbx_distant_solvent_atoms.neighbor_ligand_distance          . 
# 
loop_
_chem_comp_atom.comp_id 
_chem_comp_atom.atom_id 
_chem_comp_atom.type_symbol 
_chem_comp_atom.pdbx_aromatic_flag 
_chem_comp_atom.pdbx_stereo_config 
_chem_comp_atom.pdbx_ordinal 
ARG N    N  N N 1   
ARG CA   C  N S 2   
ARG C    C  N N 3   
ARG O    O  N N 4   
ARG CB   C  N N 5   
ARG CG   C  N N 6   
ARG CD   C  N N 7   
ARG NE   N  N N 8   
ARG CZ   C  N N 9   
ARG NH1  N  N N 10  
ARG NH2  N  N N 11  
ARG OXT  O  N N 12  
ARG H    H  N N 13  
ARG H2   H  N N 14  
ARG HA   H  N N 15  
ARG HB2  H  N N 16  
ARG HB3  H  N N 17  
ARG HG2  H  N N 18  
ARG HG3  H  N N 19  
ARG HD2  H  N N 20  
ARG HD3  H  N N 21  
ARG HE   H  N N 22  
ARG HH11 H  N N 23  
ARG HH12 H  N N 24  
ARG HH21 H  N N 25  
ARG HH22 H  N N 26  
ARG HXT  H  N N 27  
ASP N    N  N N 28  
ASP CA   C  N S 29  
ASP C    C  N N 30  
ASP O    O  N N 31  
ASP CB   C  N N 32  
ASP CG   C  N N 33  
ASP OD1  O  N N 34  
ASP OD2  O  N N 35  
ASP OXT  O  N N 36  
ASP H    H  N N 37  
ASP H2   H  N N 38  
ASP HA   H  N N 39  
ASP HB2  H  N N 40  
ASP HB3  H  N N 41  
ASP HD2  H  N N 42  
ASP HXT  H  N N 43  
CYS N    N  N N 44  
CYS CA   C  N R 45  
CYS C    C  N N 46  
CYS O    O  N N 47  
CYS CB   C  N N 48  
CYS SG   S  N N 49  
CYS OXT  O  N N 50  
CYS H    H  N N 51  
CYS H2   H  N N 52  
CYS HA   H  N N 53  
CYS HB2  H  N N 54  
CYS HB3  H  N N 55  
CYS HG   H  N N 56  
CYS HXT  H  N N 57  
GLN N    N  N N 58  
GLN CA   C  N S 59  
GLN C    C  N N 60  
GLN O    O  N N 61  
GLN CB   C  N N 62  
GLN CG   C  N N 63  
GLN CD   C  N N 64  
GLN OE1  O  N N 65  
GLN NE2  N  N N 66  
GLN OXT  O  N N 67  
GLN H    H  N N 68  
GLN H2   H  N N 69  
GLN HA   H  N N 70  
GLN HB2  H  N N 71  
GLN HB3  H  N N 72  
GLN HG2  H  N N 73  
GLN HG3  H  N N 74  
GLN HE21 H  N N 75  
GLN HE22 H  N N 76  
GLN HXT  H  N N 77  
GLU N    N  N N 78  
GLU CA   C  N S 79  
GLU C    C  N N 80  
GLU O    O  N N 81  
GLU CB   C  N N 82  
GLU CG   C  N N 83  
GLU CD   C  N N 84  
GLU OE1  O  N N 85  
GLU OE2  O  N N 86  
GLU OXT  O  N N 87  
GLU H    H  N N 88  
GLU H2   H  N N 89  
GLU HA   H  N N 90  
GLU HB2  H  N N 91  
GLU HB3  H  N N 92  
GLU HG2  H  N N 93  
GLU HG3  H  N N 94  
GLU HE2  H  N N 95  
GLU HXT  H  N N 96  
GLY N    N  N N 97  
GLY CA   C  N N 98  
GLY C    C  N N 99  
GLY O    O  N N 100 
GLY OXT  O  N N 101 
GLY H    H  N N 102 
GLY H2   H  N N 103 
GLY HA2  H  N N 104 
GLY HA3  H  N N 105 
GLY HXT  H  N N 106 
HIS N    N  N N 107 
HIS CA   C  N S 108 
HIS C    C  N N 109 
HIS O    O  N N 110 
HIS CB   C  N N 111 
HIS CG   C  Y N 112 
HIS ND1  N  Y N 113 
HIS CD2  C  Y N 114 
HIS CE1  C  Y N 115 
HIS NE2  N  Y N 116 
HIS OXT  O  N N 117 
HIS H    H  N N 118 
HIS H2   H  N N 119 
HIS HA   H  N N 120 
HIS HB2  H  N N 121 
HIS HB3  H  N N 122 
HIS HD1  H  N N 123 
HIS HD2  H  N N 124 
HIS HE1  H  N N 125 
HIS HE2  H  N N 126 
HIS HXT  H  N N 127 
HOH O    O  N N 128 
HOH H1   H  N N 129 
HOH H2   H  N N 130 
ILE N    N  N N 131 
ILE CA   C  N S 132 
ILE C    C  N N 133 
ILE O    O  N N 134 
ILE CB   C  N S 135 
ILE CG1  C  N N 136 
ILE CG2  C  N N 137 
ILE CD1  C  N N 138 
ILE OXT  O  N N 139 
ILE H    H  N N 140 
ILE H2   H  N N 141 
ILE HA   H  N N 142 
ILE HB   H  N N 143 
ILE HG12 H  N N 144 
ILE HG13 H  N N 145 
ILE HG21 H  N N 146 
ILE HG22 H  N N 147 
ILE HG23 H  N N 148 
ILE HD11 H  N N 149 
ILE HD12 H  N N 150 
ILE HD13 H  N N 151 
ILE HXT  H  N N 152 
LEU N    N  N N 153 
LEU CA   C  N S 154 
LEU C    C  N N 155 
LEU O    O  N N 156 
LEU CB   C  N N 157 
LEU CG   C  N N 158 
LEU CD1  C  N N 159 
LEU CD2  C  N N 160 
LEU OXT  O  N N 161 
LEU H    H  N N 162 
LEU H2   H  N N 163 
LEU HA   H  N N 164 
LEU HB2  H  N N 165 
LEU HB3  H  N N 166 
LEU HG   H  N N 167 
LEU HD11 H  N N 168 
LEU HD12 H  N N 169 
LEU HD13 H  N N 170 
LEU HD21 H  N N 171 
LEU HD22 H  N N 172 
LEU HD23 H  N N 173 
LEU HXT  H  N N 174 
LYS N    N  N N 175 
LYS CA   C  N S 176 
LYS C    C  N N 177 
LYS O    O  N N 178 
LYS CB   C  N N 179 
LYS CG   C  N N 180 
LYS CD   C  N N 181 
LYS CE   C  N N 182 
LYS NZ   N  N N 183 
LYS OXT  O  N N 184 
LYS H    H  N N 185 
LYS H2   H  N N 186 
LYS HA   H  N N 187 
LYS HB2  H  N N 188 
LYS HB3  H  N N 189 
LYS HG2  H  N N 190 
LYS HG3  H  N N 191 
LYS HD2  H  N N 192 
LYS HD3  H  N N 193 
LYS HE2  H  N N 194 
LYS HE3  H  N N 195 
LYS HZ1  H  N N 196 
LYS HZ2  H  N N 197 
LYS HZ3  H  N N 198 
LYS HXT  H  N N 199 
MET N    N  N N 200 
MET CA   C  N S 201 
MET C    C  N N 202 
MET O    O  N N 203 
MET CB   C  N N 204 
MET CG   C  N N 205 
MET SD   S  N N 206 
MET CE   C  N N 207 
MET OXT  O  N N 208 
MET H    H  N N 209 
MET H2   H  N N 210 
MET HA   H  N N 211 
MET HB2  H  N N 212 
MET HB3  H  N N 213 
MET HG2  H  N N 214 
MET HG3  H  N N 215 
MET HE1  H  N N 216 
MET HE2  H  N N 217 
MET HE3  H  N N 218 
MET HXT  H  N N 219 
PHE N    N  N N 220 
PHE CA   C  N S 221 
PHE C    C  N N 222 
PHE O    O  N N 223 
PHE CB   C  N N 224 
PHE CG   C  Y N 225 
PHE CD1  C  Y N 226 
PHE CD2  C  Y N 227 
PHE CE1  C  Y N 228 
PHE CE2  C  Y N 229 
PHE CZ   C  Y N 230 
PHE OXT  O  N N 231 
PHE H    H  N N 232 
PHE H2   H  N N 233 
PHE HA   H  N N 234 
PHE HB2  H  N N 235 
PHE HB3  H  N N 236 
PHE HD1  H  N N 237 
PHE HD2  H  N N 238 
PHE HE1  H  N N 239 
PHE HE2  H  N N 240 
PHE HZ   H  N N 241 
PHE HXT  H  N N 242 
PRO N    N  N N 243 
PRO CA   C  N S 244 
PRO C    C  N N 245 
PRO O    O  N N 246 
PRO CB   C  N N 247 
PRO CG   C  N N 248 
PRO CD   C  N N 249 
PRO OXT  O  N N 250 
PRO H    H  N N 251 
PRO HA   H  N N 252 
PRO HB2  H  N N 253 
PRO HB3  H  N N 254 
PRO HG2  H  N N 255 
PRO HG3  H  N N 256 
PRO HD2  H  N N 257 
PRO HD3  H  N N 258 
PRO HXT  H  N N 259 
SER N    N  N N 260 
SER CA   C  N S 261 
SER C    C  N N 262 
SER O    O  N N 263 
SER CB   C  N N 264 
SER OG   O  N N 265 
SER OXT  O  N N 266 
SER H    H  N N 267 
SER H2   H  N N 268 
SER HA   H  N N 269 
SER HB2  H  N N 270 
SER HB3  H  N N 271 
SER HG   H  N N 272 
SER HXT  H  N N 273 
TRP N    N  N N 274 
TRP CA   C  N S 275 
TRP C    C  N N 276 
TRP O    O  N N 277 
TRP CB   C  N N 278 
TRP CG   C  Y N 279 
TRP CD1  C  Y N 280 
TRP CD2  C  Y N 281 
TRP NE1  N  Y N 282 
TRP CE2  C  Y N 283 
TRP CE3  C  Y N 284 
TRP CZ2  C  Y N 285 
TRP CZ3  C  Y N 286 
TRP CH2  C  Y N 287 
TRP OXT  O  N N 288 
TRP H    H  N N 289 
TRP H2   H  N N 290 
TRP HA   H  N N 291 
TRP HB2  H  N N 292 
TRP HB3  H  N N 293 
TRP HD1  H  N N 294 
TRP HE1  H  N N 295 
TRP HE3  H  N N 296 
TRP HZ2  H  N N 297 
TRP HZ3  H  N N 298 
TRP HH2  H  N N 299 
TRP HXT  H  N N 300 
TYR N    N  N N 301 
TYR CA   C  N S 302 
TYR C    C  N N 303 
TYR O    O  N N 304 
TYR CB   C  N N 305 
TYR CG   C  Y N 306 
TYR CD1  C  Y N 307 
TYR CD2  C  Y N 308 
TYR CE1  C  Y N 309 
TYR CE2  C  Y N 310 
TYR CZ   C  Y N 311 
TYR OH   O  N N 312 
TYR OXT  O  N N 313 
TYR H    H  N N 314 
TYR H2   H  N N 315 
TYR HA   H  N N 316 
TYR HB2  H  N N 317 
TYR HB3  H  N N 318 
TYR HD1  H  N N 319 
TYR HD2  H  N N 320 
TYR HE1  H  N N 321 
TYR HE2  H  N N 322 
TYR HH   H  N N 323 
TYR HXT  H  N N 324 
VAL N    N  N N 325 
VAL CA   C  N S 326 
VAL C    C  N N 327 
VAL O    O  N N 328 
VAL CB   C  N N 329 
VAL CG1  C  N N 330 
VAL CG2  C  N N 331 
VAL OXT  O  N N 332 
VAL H    H  N N 333 
VAL H2   H  N N 334 
VAL HA   H  N N 335 
VAL HB   H  N N 336 
VAL HG11 H  N N 337 
VAL HG12 H  N N 338 
VAL HG13 H  N N 339 
VAL HG21 H  N N 340 
VAL HG22 H  N N 341 
VAL HG23 H  N N 342 
VAL HXT  H  N N 343 
ZN  ZN   ZN N N 344 
# 
loop_
_chem_comp_bond.comp_id 
_chem_comp_bond.atom_id_1 
_chem_comp_bond.atom_id_2 
_chem_comp_bond.value_order 
_chem_comp_bond.pdbx_aromatic_flag 
_chem_comp_bond.pdbx_stereo_config 
_chem_comp_bond.pdbx_ordinal 
ARG N   CA   sing N N 1   
ARG N   H    sing N N 2   
ARG N   H2   sing N N 3   
ARG CA  C    sing N N 4   
ARG CA  CB   sing N N 5   
ARG CA  HA   sing N N 6   
ARG C   O    doub N N 7   
ARG C   OXT  sing N N 8   
ARG CB  CG   sing N N 9   
ARG CB  HB2  sing N N 10  
ARG CB  HB3  sing N N 11  
ARG CG  CD   sing N N 12  
ARG CG  HG2  sing N N 13  
ARG CG  HG3  sing N N 14  
ARG CD  NE   sing N N 15  
ARG CD  HD2  sing N N 16  
ARG CD  HD3  sing N N 17  
ARG NE  CZ   sing N N 18  
ARG NE  HE   sing N N 19  
ARG CZ  NH1  sing N N 20  
ARG CZ  NH2  doub N N 21  
ARG NH1 HH11 sing N N 22  
ARG NH1 HH12 sing N N 23  
ARG NH2 HH21 sing N N 24  
ARG NH2 HH22 sing N N 25  
ARG OXT HXT  sing N N 26  
ASP N   CA   sing N N 27  
ASP N   H    sing N N 28  
ASP N   H2   sing N N 29  
ASP CA  C    sing N N 30  
ASP CA  CB   sing N N 31  
ASP CA  HA   sing N N 32  
ASP C   O    doub N N 33  
ASP C   OXT  sing N N 34  
ASP CB  CG   sing N N 35  
ASP CB  HB2  sing N N 36  
ASP CB  HB3  sing N N 37  
ASP CG  OD1  doub N N 38  
ASP CG  OD2  sing N N 39  
ASP OD2 HD2  sing N N 40  
ASP OXT HXT  sing N N 41  
CYS N   CA   sing N N 42  
CYS N   H    sing N N 43  
CYS N   H2   sing N N 44  
CYS CA  C    sing N N 45  
CYS CA  CB   sing N N 46  
CYS CA  HA   sing N N 47  
CYS C   O    doub N N 48  
CYS C   OXT  sing N N 49  
CYS CB  SG   sing N N 50  
CYS CB  HB2  sing N N 51  
CYS CB  HB3  sing N N 52  
CYS SG  HG   sing N N 53  
CYS OXT HXT  sing N N 54  
GLN N   CA   sing N N 55  
GLN N   H    sing N N 56  
GLN N   H2   sing N N 57  
GLN CA  C    sing N N 58  
GLN CA  CB   sing N N 59  
GLN CA  HA   sing N N 60  
GLN C   O    doub N N 61  
GLN C   OXT  sing N N 62  
GLN CB  CG   sing N N 63  
GLN CB  HB2  sing N N 64  
GLN CB  HB3  sing N N 65  
GLN CG  CD   sing N N 66  
GLN CG  HG2  sing N N 67  
GLN CG  HG3  sing N N 68  
GLN CD  OE1  doub N N 69  
GLN CD  NE2  sing N N 70  
GLN NE2 HE21 sing N N 71  
GLN NE2 HE22 sing N N 72  
GLN OXT HXT  sing N N 73  
GLU N   CA   sing N N 74  
GLU N   H    sing N N 75  
GLU N   H2   sing N N 76  
GLU CA  C    sing N N 77  
GLU CA  CB   sing N N 78  
GLU CA  HA   sing N N 79  
GLU C   O    doub N N 80  
GLU C   OXT  sing N N 81  
GLU CB  CG   sing N N 82  
GLU CB  HB2  sing N N 83  
GLU CB  HB3  sing N N 84  
GLU CG  CD   sing N N 85  
GLU CG  HG2  sing N N 86  
GLU CG  HG3  sing N N 87  
GLU CD  OE1  doub N N 88  
GLU CD  OE2  sing N N 89  
GLU OE2 HE2  sing N N 90  
GLU OXT HXT  sing N N 91  
GLY N   CA   sing N N 92  
GLY N   H    sing N N 93  
GLY N   H2   sing N N 94  
GLY CA  C    sing N N 95  
GLY CA  HA2  sing N N 96  
GLY CA  HA3  sing N N 97  
GLY C   O    doub N N 98  
GLY C   OXT  sing N N 99  
GLY OXT HXT  sing N N 100 
HIS N   CA   sing N N 101 
HIS N   H    sing N N 102 
HIS N   H2   sing N N 103 
HIS CA  C    sing N N 104 
HIS CA  CB   sing N N 105 
HIS CA  HA   sing N N 106 
HIS C   O    doub N N 107 
HIS C   OXT  sing N N 108 
HIS CB  CG   sing N N 109 
HIS CB  HB2  sing N N 110 
HIS CB  HB3  sing N N 111 
HIS CG  ND1  sing Y N 112 
HIS CG  CD2  doub Y N 113 
HIS ND1 CE1  doub Y N 114 
HIS ND1 HD1  sing N N 115 
HIS CD2 NE2  sing Y N 116 
HIS CD2 HD2  sing N N 117 
HIS CE1 NE2  sing Y N 118 
HIS CE1 HE1  sing N N 119 
HIS NE2 HE2  sing N N 120 
HIS OXT HXT  sing N N 121 
HOH O   H1   sing N N 122 
HOH O   H2   sing N N 123 
ILE N   CA   sing N N 124 
ILE N   H    sing N N 125 
ILE N   H2   sing N N 126 
ILE CA  C    sing N N 127 
ILE CA  CB   sing N N 128 
ILE CA  HA   sing N N 129 
ILE C   O    doub N N 130 
ILE C   OXT  sing N N 131 
ILE CB  CG1  sing N N 132 
ILE CB  CG2  sing N N 133 
ILE CB  HB   sing N N 134 
ILE CG1 CD1  sing N N 135 
ILE CG1 HG12 sing N N 136 
ILE CG1 HG13 sing N N 137 
ILE CG2 HG21 sing N N 138 
ILE CG2 HG22 sing N N 139 
ILE CG2 HG23 sing N N 140 
ILE CD1 HD11 sing N N 141 
ILE CD1 HD12 sing N N 142 
ILE CD1 HD13 sing N N 143 
ILE OXT HXT  sing N N 144 
LEU N   CA   sing N N 145 
LEU N   H    sing N N 146 
LEU N   H2   sing N N 147 
LEU CA  C    sing N N 148 
LEU CA  CB   sing N N 149 
LEU CA  HA   sing N N 150 
LEU C   O    doub N N 151 
LEU C   OXT  sing N N 152 
LEU CB  CG   sing N N 153 
LEU CB  HB2  sing N N 154 
LEU CB  HB3  sing N N 155 
LEU CG  CD1  sing N N 156 
LEU CG  CD2  sing N N 157 
LEU CG  HG   sing N N 158 
LEU CD1 HD11 sing N N 159 
LEU CD1 HD12 sing N N 160 
LEU CD1 HD13 sing N N 161 
LEU CD2 HD21 sing N N 162 
LEU CD2 HD22 sing N N 163 
LEU CD2 HD23 sing N N 164 
LEU OXT HXT  sing N N 165 
LYS N   CA   sing N N 166 
LYS N   H    sing N N 167 
LYS N   H2   sing N N 168 
LYS CA  C    sing N N 169 
LYS CA  CB   sing N N 170 
LYS CA  HA   sing N N 171 
LYS C   O    doub N N 172 
LYS C   OXT  sing N N 173 
LYS CB  CG   sing N N 174 
LYS CB  HB2  sing N N 175 
LYS CB  HB3  sing N N 176 
LYS CG  CD   sing N N 177 
LYS CG  HG2  sing N N 178 
LYS CG  HG3  sing N N 179 
LYS CD  CE   sing N N 180 
LYS CD  HD2  sing N N 181 
LYS CD  HD3  sing N N 182 
LYS CE  NZ   sing N N 183 
LYS CE  HE2  sing N N 184 
LYS CE  HE3  sing N N 185 
LYS NZ  HZ1  sing N N 186 
LYS NZ  HZ2  sing N N 187 
LYS NZ  HZ3  sing N N 188 
LYS OXT HXT  sing N N 189 
MET N   CA   sing N N 190 
MET N   H    sing N N 191 
MET N   H2   sing N N 192 
MET CA  C    sing N N 193 
MET CA  CB   sing N N 194 
MET CA  HA   sing N N 195 
MET C   O    doub N N 196 
MET C   OXT  sing N N 197 
MET CB  CG   sing N N 198 
MET CB  HB2  sing N N 199 
MET CB  HB3  sing N N 200 
MET CG  SD   sing N N 201 
MET CG  HG2  sing N N 202 
MET CG  HG3  sing N N 203 
MET SD  CE   sing N N 204 
MET CE  HE1  sing N N 205 
MET CE  HE2  sing N N 206 
MET CE  HE3  sing N N 207 
MET OXT HXT  sing N N 208 
PHE N   CA   sing N N 209 
PHE N   H    sing N N 210 
PHE N   H2   sing N N 211 
PHE CA  C    sing N N 212 
PHE CA  CB   sing N N 213 
PHE CA  HA   sing N N 214 
PHE C   O    doub N N 215 
PHE C   OXT  sing N N 216 
PHE CB  CG   sing N N 217 
PHE CB  HB2  sing N N 218 
PHE CB  HB3  sing N N 219 
PHE CG  CD1  doub Y N 220 
PHE CG  CD2  sing Y N 221 
PHE CD1 CE1  sing Y N 222 
PHE CD1 HD1  sing N N 223 
PHE CD2 CE2  doub Y N 224 
PHE CD2 HD2  sing N N 225 
PHE CE1 CZ   doub Y N 226 
PHE CE1 HE1  sing N N 227 
PHE CE2 CZ   sing Y N 228 
PHE CE2 HE2  sing N N 229 
PHE CZ  HZ   sing N N 230 
PHE OXT HXT  sing N N 231 
PRO N   CA   sing N N 232 
PRO N   CD   sing N N 233 
PRO N   H    sing N N 234 
PRO CA  C    sing N N 235 
PRO CA  CB   sing N N 236 
PRO CA  HA   sing N N 237 
PRO C   O    doub N N 238 
PRO C   OXT  sing N N 239 
PRO CB  CG   sing N N 240 
PRO CB  HB2  sing N N 241 
PRO CB  HB3  sing N N 242 
PRO CG  CD   sing N N 243 
PRO CG  HG2  sing N N 244 
PRO CG  HG3  sing N N 245 
PRO CD  HD2  sing N N 246 
PRO CD  HD3  sing N N 247 
PRO OXT HXT  sing N N 248 
SER N   CA   sing N N 249 
SER N   H    sing N N 250 
SER N   H2   sing N N 251 
SER CA  C    sing N N 252 
SER CA  CB   sing N N 253 
SER CA  HA   sing N N 254 
SER C   O    doub N N 255 
SER C   OXT  sing N N 256 
SER CB  OG   sing N N 257 
SER CB  HB2  sing N N 258 
SER CB  HB3  sing N N 259 
SER OG  HG   sing N N 260 
SER OXT HXT  sing N N 261 
TRP N   CA   sing N N 262 
TRP N   H    sing N N 263 
TRP N   H2   sing N N 264 
TRP CA  C    sing N N 265 
TRP CA  CB   sing N N 266 
TRP CA  HA   sing N N 267 
TRP C   O    doub N N 268 
TRP C   OXT  sing N N 269 
TRP CB  CG   sing N N 270 
TRP CB  HB2  sing N N 271 
TRP CB  HB3  sing N N 272 
TRP CG  CD1  doub Y N 273 
TRP CG  CD2  sing Y N 274 
TRP CD1 NE1  sing Y N 275 
TRP CD1 HD1  sing N N 276 
TRP CD2 CE2  doub Y N 277 
TRP CD2 CE3  sing Y N 278 
TRP NE1 CE2  sing Y N 279 
TRP NE1 HE1  sing N N 280 
TRP CE2 CZ2  sing Y N 281 
TRP CE3 CZ3  doub Y N 282 
TRP CE3 HE3  sing N N 283 
TRP CZ2 CH2  doub Y N 284 
TRP CZ2 HZ2  sing N N 285 
TRP CZ3 CH2  sing Y N 286 
TRP CZ3 HZ3  sing N N 287 
TRP CH2 HH2  sing N N 288 
TRP OXT HXT  sing N N 289 
TYR N   CA   sing N N 290 
TYR N   H    sing N N 291 
TYR N   H2   sing N N 292 
TYR CA  C    sing N N 293 
TYR CA  CB   sing N N 294 
TYR CA  HA   sing N N 295 
TYR C   O    doub N N 296 
TYR C   OXT  sing N N 297 
TYR CB  CG   sing N N 298 
TYR CB  HB2  sing N N 299 
TYR CB  HB3  sing N N 300 
TYR CG  CD1  doub Y N 301 
TYR CG  CD2  sing Y N 302 
TYR CD1 CE1  sing Y N 303 
TYR CD1 HD1  sing N N 304 
TYR CD2 CE2  doub Y N 305 
TYR CD2 HD2  sing N N 306 
TYR CE1 CZ   doub Y N 307 
TYR CE1 HE1  sing N N 308 
TYR CE2 CZ   sing Y N 309 
TYR CE2 HE2  sing N N 310 
TYR CZ  OH   sing N N 311 
TYR OH  HH   sing N N 312 
TYR OXT HXT  sing N N 313 
VAL N   CA   sing N N 314 
VAL N   H    sing N N 315 
VAL N   H2   sing N N 316 
VAL CA  C    sing N N 317 
VAL CA  CB   sing N N 318 
VAL CA  HA   sing N N 319 
VAL C   O    doub N N 320 
VAL C   OXT  sing N N 321 
VAL CB  CG1  sing N N 322 
VAL CB  CG2  sing N N 323 
VAL CB  HB   sing N N 324 
VAL CG1 HG11 sing N N 325 
VAL CG1 HG12 sing N N 326 
VAL CG1 HG13 sing N N 327 
VAL CG2 HG21 sing N N 328 
VAL CG2 HG22 sing N N 329 
VAL CG2 HG23 sing N N 330 
VAL OXT HXT  sing N N 331 
# 
_pdbx_audit_support.funding_organization   'National Natural Science Foundation of China (NSFC)' 
_pdbx_audit_support.country                China 
_pdbx_audit_support.grant_number           ? 
_pdbx_audit_support.ordinal                1 
# 
_atom_sites.entry_id                    8XU6 
_atom_sites.Cartn_transf_matrix[1][1]   ? 
_atom_sites.Cartn_transf_matrix[1][2]   ? 
_atom_sites.Cartn_transf_matrix[1][3]   ? 
_atom_sites.Cartn_transf_matrix[2][1]   ? 
_atom_sites.Cartn_transf_matrix[2][2]   ? 
_atom_sites.Cartn_transf_matrix[2][3]   ? 
_atom_sites.Cartn_transf_matrix[3][1]   ? 
_atom_sites.Cartn_transf_matrix[3][2]   ? 
_atom_sites.Cartn_transf_matrix[3][3]   ? 
_atom_sites.Cartn_transf_vector[1]      ? 
_atom_sites.Cartn_transf_vector[2]      ? 
_atom_sites.Cartn_transf_vector[3]      ? 
_atom_sites.Cartn_transform_axes        ? 
_atom_sites.fract_transf_matrix[1][1]   -0.00980558 
_atom_sites.fract_transf_matrix[1][2]   -0.00714488 
_atom_sites.fract_transf_matrix[1][3]   0.01712411 
_atom_sites.fract_transf_matrix[2][1]   -0.00948001 
_atom_sites.fract_transf_matrix[2][2]   0.01343735 
_atom_sites.fract_transf_matrix[2][3]   0.01303761 
_atom_sites.fract_transf_matrix[3][1]   -0.01138958 
_atom_sites.fract_transf_matrix[3][2]   -0.00121541 
_atom_sites.fract_transf_matrix[3][3]   -0.00702900 
_atom_sites.fract_transf_vector[1]      -0.299008 
_atom_sites.fract_transf_vector[2]      -0.415013 
_atom_sites.fract_transf_vector[3]      -0.150028 
_atom_sites.solution_primary            ? 
_atom_sites.solution_secondary          ? 
_atom_sites.solution_hydrogens          ? 
_atom_sites.special_details             ? 
# 
loop_
_atom_type.symbol 
C  
H  
N  
O  
S  
ZN 
# 
loop_
_atom_site.group_PDB 
_atom_site.id 
_atom_site.type_symbol 
_atom_site.label_atom_id 
_atom_site.label_alt_id 
_atom_site.label_comp_id 
_atom_site.label_asym_id 
_atom_site.label_entity_id 
_atom_site.label_seq_id 
_atom_site.pdbx_PDB_ins_code 
_atom_site.Cartn_x 
_atom_site.Cartn_y 
_atom_site.Cartn_z 
_atom_site.occupancy 
_atom_site.B_iso_or_equiv 
_atom_site.pdbx_formal_charge 
_atom_site.auth_seq_id 
_atom_site.auth_comp_id 
_atom_site.auth_asym_id 
_atom_site.auth_atom_id 
_atom_site.pdbx_PDB_model_num 
ATOM   1   N  N    . GLY A 1 1  ? -1.235  -5.985  2.104   1.000 43.850  0 97  GLY A N    1 
ATOM   2   C  CA   . GLY A 1 1  ? 0.168   -6.351  2.399   1.000 38.875  0 97  GLY A CA   1 
ATOM   3   C  C    . GLY A 1 1  ? 1.120   -5.168  2.236   1.000 38.974  0 97  GLY A C    1 
ATOM   4   O  O    . GLY A 1 1  ? 0.739   -4.121  1.737   1.000 36.480  0 97  GLY A O    1 
ATOM   5   H  H1   . GLY A 1 1  ? -1.486  -6.366  1.314   1.000 42.832  0 97  GLY A H1   1 
ATOM   6   H  H2   . GLY A 1 1  ? -1.320  -5.031  2.039   1.000 42.539  0 97  GLY A H2   1 
ATOM   7   H  H3   . GLY A 1 1  ? -1.801  -6.308  2.809   1.000 43.348  0 97  GLY A H3   1 
ATOM   8   H  HA2  . GLY A 1 1  ? 0.222   -6.690  3.327   1.000 38.911  0 97  GLY A HA2  1 
ATOM   9   H  HA3  . GLY A 1 1  ? 0.445   -7.079  1.789   1.000 40.080  0 97  GLY A HA3  1 
ATOM   10  N  N    . SER A 1 2  ? 2.382   -5.342  2.664   1.000 32.016  0 98  SER A N    1 
ATOM   11  C  CA   . SER A 1 2  ? 3.346   -4.277  2.519   1.000 34.455  0 98  SER A CA   1 
ATOM   12  C  C    . SER A 1 2  ? 4.723   -4.860  2.746   1.000 31.086  0 98  SER A C    1 
ATOM   13  O  O    . SER A 1 2  ? 4.867   -5.967  3.260   1.000 31.862  0 98  SER A O    1 
ATOM   14  C  CB   . SER A 1 2  ? 3.112   -3.094  3.446   1.000 38.480  0 98  SER A CB   1 
ATOM   15  O  OG   . SER A 1 2  ? 3.136   -3.458  4.815   1.000 41.711  0 98  SER A OG   1 
ATOM   16  H  H    . SER A 1 2  ? 2.662   -6.215  3.090   1.000 33.707  0 98  SER A H    1 
ATOM   17  H  HA   . SER A 1 2  ? 3.300   -3.953  1.580   1.000 34.835  0 98  SER A HA   1 
ATOM   18  H  HB2  . SER A 1 2  ? 3.808   -2.417  3.283   1.000 38.487  0 98  SER A HB2  1 
ATOM   19  H  HB3  . SER A 1 2  ? 2.242   -2.686  3.236   1.000 38.209  0 98  SER A HB3  1 
ATOM   20  H  HG   . SER A 1 2  ? 3.997   -3.379  5.006   0.000 49.520  0 98  SER A HG   1 
ATOM   21  N  N    . MET A 1 3  ? 5.692   -4.093  2.291   1.000 31.213  0 99  MET A N    1 
ATOM   22  C  CA   . MET A 1 3  ? 7.083   -4.337  2.633   1.000 30.608  0 99  MET A CA   1 
ATOM   23  C  C    . MET A 1 3  ? 7.731   -2.993  2.910   1.000 32.621  0 99  MET A C    1 
ATOM   24  O  O    . MET A 1 3  ? 7.522   -2.087  2.129   1.000 33.117  0 99  MET A O    1 
ATOM   25  C  CB   . MET A 1 3  ? 7.798   -4.987  1.459   1.000 32.719  0 99  MET A CB   1 
ATOM   26  C  CG   . MET A 1 3  ? 7.383   -6.407  1.134   1.000 43.637  0 99  MET A CG   1 
ATOM   27  S  SD   . MET A 1 3  ? 8.596   -7.125  -0.083  1.000 63.116  0 99  MET A SD   1 
ATOM   28  C  CE   . MET A 1 3  ? 10.114  -6.313  0.485   1.000 45.210  0 99  MET A CE   1 
ATOM   29  H  H    . MET A 1 3  ? 5.469   -3.314  1.688   1.000 30.538  0 99  MET A H    1 
ATOM   30  H  HA   . MET A 1 3  ? 7.134   -4.908  3.432   1.000 31.195  0 99  MET A HA   1 
ATOM   31  H  HB2  . MET A 1 3  ? 7.654   -4.431  0.667   1.000 34.710  0 99  MET A HB2  1 
ATOM   32  H  HB3  . MET A 1 3  ? 8.749   -4.973  1.652   1.000 34.454  0 99  MET A HB3  1 
ATOM   33  H  HG2  . MET A 1 3  ? 7.379   -6.950  1.954   1.000 43.340  0 99  MET A HG2  1 
ATOM   34  H  HG3  . MET A 1 3  ? 6.479   -6.415  0.747   1.000 43.860  0 99  MET A HG3  1 
ATOM   35  H  HE1  . MET A 1 3  ? 10.877  -6.774  0.111   1.000 45.617  0 99  MET A HE1  1 
ATOM   36  H  HE2  . MET A 1 3  ? 10.122  -5.394  0.191   1.000 46.331  0 99  MET A HE2  1 
ATOM   37  H  HE3  . MET A 1 3  ? 10.161  -6.352  1.447   1.000 45.809  0 99  MET A HE3  1 
ATOM   38  N  N    . ASP A 1 4  ? 8.518   -2.900  3.996   1.000 30.919  0 100 ASP A N    1 
ATOM   39  C  CA   . ASP A 1 4  ? 9.149   -1.669  4.435   1.000 32.256  0 100 ASP A CA   1 
ATOM   40  C  C    . ASP A 1 4  ? 10.648  -1.947  4.616   1.000 30.936  0 100 ASP A C    1 
ATOM   41  O  O    . ASP A 1 4  ? 11.033  -3.045  4.986   1.000 32.127  0 100 ASP A O    1 
ATOM   42  C  CB   . ASP A 1 4  ? 8.657   -1.162  5.792   1.000 38.471  0 100 ASP A CB   1 
ATOM   43  C  CG   . ASP A 1 4  ? 7.191   -1.307  6.058   1.000 53.501  0 100 ASP A CG   1 
ATOM   44  O  OD1  . ASP A 1 4  ? 6.425   -1.375  5.114   1.000 65.547  0 100 ASP A OD1  1 
ATOM   45  O  OD2  . ASP A 1 4  ? 6.848   -1.413  7.240   1.000 82.780  0 100 ASP A OD2  1 
ATOM   46  H  H    . ASP A 1 4  ? 8.685   -3.736  4.537   1.000 31.081  0 100 ASP A H    1 
ATOM   47  H  HA   . ASP A 1 4  ? 9.019   -0.974  3.754   1.000 32.571  0 100 ASP A HA   1 
ATOM   48  H  HB2  . ASP A 1 4  ? 9.132   -1.649  6.499   1.000 40.486  0 100 ASP A HB2  1 
ATOM   49  H  HB3  . ASP A 1 4  ? 8.886   -0.213  5.874   1.000 37.975  0 100 ASP A HB3  1 
ATOM   50  N  N    . TRP A 1 5  ? 11.476  -0.957  4.292   1.000 31.415  0 101 TRP A N    1 
ATOM   51  C  CA   . TRP A 1 5  ? 12.916  -1.037  4.487   1.000 29.781  0 101 TRP A CA   1 
ATOM   52  C  C    . TRP A 1 5  ? 13.409  0.320   4.980   1.000 35.337  0 101 TRP A C    1 
ATOM   53  O  O    . TRP A 1 5  ? 12.622  1.244   5.116   1.000 33.801  0 101 TRP A O    1 
ATOM   54  C  CB   . TRP A 1 5  ? 13.600  -1.422  3.181   1.000 29.772  0 101 TRP A CB   1 
ATOM   55  C  CG   . TRP A 1 5  ? 13.389  -0.412  2.103   1.000 33.425  0 101 TRP A CG   1 
ATOM   56  C  CD1  . TRP A 1 5  ? 14.176  0.661   1.785   1.000 34.793  0 101 TRP A CD1  1 
ATOM   57  C  CD2  . TRP A 1 5  ? 12.288  -0.375  1.188   1.000 33.667  0 101 TRP A CD2  1 
ATOM   58  N  NE1  . TRP A 1 5  ? 13.675  1.325   0.702   1.000 37.043  0 101 TRP A NE1  1 
ATOM   59  C  CE2  . TRP A 1 5  ? 12.491  0.736   0.344   1.000 34.071  0 101 TRP A CE2  1 
ATOM   60  C  CE3  . TRP A 1 5  ? 11.168  -1.181  0.996   1.000 35.671  0 101 TRP A CE3  1 
ATOM   61  C  CZ2  . TRP A 1 5  ? 11.600  1.072   -0.674  1.000 37.261  0 101 TRP A CZ2  1 
ATOM   62  C  CZ3  . TRP A 1 5  ? 10.283  -0.845  -0.007  1.000 38.152  0 101 TRP A CZ3  1 
ATOM   63  C  CH2  . TRP A 1 5  ? 10.514  0.249   -0.837  1.000 34.446  0 101 TRP A CH2  1 
ATOM   64  H  H    . TRP A 1 5  ? 11.093  -0.112  3.894   1.000 30.834  0 101 TRP A H    1 
ATOM   65  H  HA   . TRP A 1 5  ? 13.111  -1.726  5.166   1.000 30.443  0 101 TRP A HA   1 
ATOM   66  H  HB2  . TRP A 1 5  ? 14.558  -1.525  3.348   1.000 30.651  0 101 TRP A HB2  1 
ATOM   67  H  HB3  . TRP A 1 5  ? 13.249  -2.288  2.887   1.000 30.104  0 101 TRP A HB3  1 
ATOM   68  H  HD1  . TRP A 1 5  ? 14.989  0.882   2.213   1.000 35.749  0 101 TRP A HD1  1 
ATOM   69  H  HE1  . TRP A 1 5  ? 14.009  2.057   0.353   1.000 34.638  0 101 TRP A HE1  1 
ATOM   70  H  HE3  . TRP A 1 5  ? 11.008  -1.925  1.555   1.000 35.798  0 101 TRP A HE3  1 
ATOM   71  H  HZ2  . TRP A 1 5  ? 11.754  1.809   -1.241  1.000 35.841  0 101 TRP A HZ2  1 
ATOM   72  H  HZ3  . TRP A 1 5  ? 9.515   -1.378  -0.146  1.000 37.539  0 101 TRP A HZ3  1 
ATOM   73  H  HH2  . TRP A 1 5  ? 9.887   0.450   -1.510  1.000 34.443  0 101 TRP A HH2  1 
ATOM   74  N  N    . TYR A 1 6  ? 14.702  0.411   5.291   1.000 32.336  0 102 TYR A N    1 
ATOM   75  C  CA   . TYR A 1 6  ? 15.329  1.655   5.709   1.000 32.324  0 102 TYR A CA   1 
ATOM   76  C  C    . TYR A 1 6  ? 16.507  1.907   4.786   1.000 34.637  0 102 TYR A C    1 
ATOM   77  O  O    . TYR A 1 6  ? 17.372  1.056   4.667   1.000 32.740  0 102 TYR A O    1 
ATOM   78  C  CB   . TYR A 1 6  ? 15.806  1.568   7.166   1.000 36.931  0 102 TYR A CB   1 
ATOM   79  C  CG   . TYR A 1 6  ? 16.392  2.856   7.694   1.000 36.303  0 102 TYR A CG   1 
ATOM   80  C  CD1  . TYR A 1 6  ? 15.589  3.817   8.271   1.000 40.544  0 102 TYR A CD1  1 
ATOM   81  C  CD2  . TYR A 1 6  ? 17.755  3.105   7.606   1.000 42.958  0 102 TYR A CD2  1 
ATOM   82  C  CE1  . TYR A 1 6  ? 16.118  5.013   8.719   1.000 46.616  0 102 TYR A CE1  1 
ATOM   83  C  CE2  . TYR A 1 6  ? 18.305  4.288   8.062   1.000 47.199  0 102 TYR A CE2  1 
ATOM   84  C  CZ   . TYR A 1 6  ? 17.484  5.243   8.625   1.000 45.345  0 102 TYR A CZ   1 
ATOM   85  O  OH   . TYR A 1 6  ? 18.030  6.398   9.086   1.000 52.836  0 102 TYR A OH   1 
ATOM   86  H  H    . TYR A 1 6  ? 15.274  -0.421  5.241   1.000 32.615  0 102 TYR A H    1 
ATOM   87  H  HA   . TYR A 1 6  ? 14.683  2.398   5.621   1.000 33.334  0 102 TYR A HA   1 
ATOM   88  H  HB2  . TYR A 1 6  ? 15.046  1.310   7.727   1.000 36.325  0 102 TYR A HB2  1 
ATOM   89  H  HB3  . TYR A 1 6  ? 16.481  0.860   7.231   1.000 36.622  0 102 TYR A HB3  1 
ATOM   90  H  HD1  . TYR A 1 6  ? 14.658  3.673   8.327   1.000 41.051  0 102 TYR A HD1  1 
ATOM   91  H  HD2  . TYR A 1 6  ? 18.317  2.458   7.214   1.000 43.094  0 102 TYR A HD2  1 
ATOM   92  H  HE1  . TYR A 1 6  ? 15.558  5.661   9.114   1.000 44.650  0 102 TYR A HE1  1 
ATOM   93  H  HE2  . TYR A 1 6  ? 19.233  4.440   7.997   1.000 45.677  0 102 TYR A HE2  1 
ATOM   94  H  HH   . TYR A 1 6  ? 17.455  6.926   9.343   0.000 58.100  0 102 TYR A HH   1 
ATOM   95  N  N    . CYS A 1 7  ? 16.492  3.034   4.078   1.000 34.220  0 103 CYS A N    1 
ATOM   96  C  CA   . CYS A 1 7  ? 17.559  3.346   3.148   1.000 33.801  0 103 CYS A CA   1 
ATOM   97  C  C    . CYS A 1 7  ? 18.668  4.102   3.879   1.000 34.310  0 103 CYS A C    1 
ATOM   98  O  O    . CYS A 1 7  ? 18.430  5.189   4.426   1.000 39.091  0 103 CYS A O    1 
ATOM   99  C  CB   . CYS A 1 7  ? 17.048  4.184   1.979   1.000 35.865  0 103 CYS A CB   1 
ATOM   100 S  SG   . CYS A 1 7  ? 18.365  4.668   0.839   1.000 34.911  0 103 CYS A SG   1 
ATOM   101 H  H    . CYS A 1 7  ? 15.730  3.687   4.185   1.000 34.578  0 103 CYS A H    1 
ATOM   102 H  HA   . CYS A 1 7  ? 17.921  2.506   2.794   1.000 34.374  0 103 CYS A HA   1 
ATOM   103 H  HB2  . CYS A 1 7  ? 16.376  3.672   1.484   1.000 36.371  0 103 CYS A HB2  1 
ATOM   104 H  HB3  . CYS A 1 7  ? 16.619  4.992   2.326   1.000 35.087  0 103 CYS A HB3  1 
ATOM   105 N  N    . PHE A 1 8  ? 19.888  3.534   3.846   1.000 33.677  0 104 PHE A N    1 
ATOM   106 C  CA   . PHE A 1 8  ? 21.025  4.112   4.552   1.000 41.146  0 104 PHE A CA   1 
ATOM   107 C  C    . PHE A 1 8  ? 21.692  5.255   3.781   1.000 42.012  0 104 PHE A C    1 
ATOM   108 O  O    . PHE A 1 8  ? 22.589  5.910   4.321   1.000 48.933  0 104 PHE A O    1 
ATOM   109 C  CB   . PHE A 1 8  ? 21.998  2.985   4.928   1.000 43.342  0 104 PHE A CB   1 
ATOM   110 C  CG   . PHE A 1 8  ? 21.541  2.209   6.139   1.000 45.764  0 104 PHE A CG   1 
ATOM   111 C  CD1  . PHE A 1 8  ? 21.866  2.628   7.420   1.000 51.329  0 104 PHE A CD1  1 
ATOM   112 C  CD2  . PHE A 1 8  ? 20.762  1.071   6.009   1.000 36.045  0 104 PHE A CD2  1 
ATOM   113 C  CE1  . PHE A 1 8  ? 21.445  1.910   8.535   1.000 48.737  0 104 PHE A CE1  1 
ATOM   114 C  CE2  . PHE A 1 8  ? 20.345  0.353   7.116   1.000 42.568  0 104 PHE A CE2  1 
ATOM   115 C  CZ   . PHE A 1 8  ? 20.674  0.777   8.383   1.000 44.838  0 104 PHE A CZ   1 
ATOM   116 H  H    . PHE A 1 8  ? 20.025  2.685   3.313   1.000 35.017  0 104 PHE A H    1 
ATOM   117 H  HA   . PHE A 1 8  ? 20.681  4.497   5.398   1.000 40.570  0 104 PHE A HA   1 
ATOM   118 H  HB2  . PHE A 1 8  ? 22.088  2.375   4.167   1.000 44.171  0 104 PHE A HB2  1 
ATOM   119 H  HB3  . PHE A 1 8  ? 22.879  3.376   5.111   1.000 42.967  0 104 PHE A HB3  1 
ATOM   120 H  HD1  . PHE A 1 8  ? 22.392  3.404   7.535   1.000 48.199  0 104 PHE A HD1  1 
ATOM   121 H  HD2  . PHE A 1 8  ? 20.530  0.768   5.146   1.000 39.942  0 104 PHE A HD2  1 
ATOM   122 H  HE1  . PHE A 1 8  ? 21.677  2.209   9.400   1.000 45.957  0 104 PHE A HE1  1 
ATOM   123 H  HE2  . PHE A 1 8  ? 19.818  -0.422  7.001   1.000 42.806  0 104 PHE A HE2  1 
ATOM   124 H  HZ   . PHE A 1 8  ? 20.387  0.290   9.140   1.000 45.304  0 104 PHE A HZ   1 
ATOM   125 N  N    . GLU A 1 9  ? 21.273  5.515   2.545   1.000 36.412  0 105 GLU A N    1 
ATOM   126 C  CA   . GLU A 1 9  ? 21.791  6.659   1.825   1.000 38.632  0 105 GLU A CA   1 
ATOM   127 C  C    . GLU A 1 9  ? 21.067  7.929   2.271   1.000 41.940  0 105 GLU A C    1 
ATOM   128 O  O    . GLU A 1 9  ? 21.753  8.905   2.595   1.000 51.397  0 105 GLU A O    1 
ATOM   129 C  CB   . GLU A 1 9  ? 21.759  6.439   0.315   1.000 39.216  0 105 GLU A CB   1 
ATOM   130 C  CG   . GLU A 1 9  ? 22.700  7.351   -0.455  1.000 42.968  0 105 GLU A CG   1 
ATOM   131 C  CD   . GLU A 1 9  ? 24.184  7.003   -0.499  1.000 45.396  0 105 GLU A CD   1 
ATOM   132 O  OE1  . GLU A 1 9  ? 24.588  5.966   0.035   1.000 41.262  0 105 GLU A OE1  1 
ATOM   133 O  OE2  . GLU A 1 9  ? 24.941  7.775   -1.130  1.000 42.343  0 105 GLU A OE2  1 
ATOM   134 H  H    . GLU A 1 9  ? 20.605  4.909   2.091   1.000 38.183  0 105 GLU A H    1 
ATOM   135 H  HA   . GLU A 1 9  ? 22.737  6.758   2.082   1.000 39.530  0 105 GLU A HA   1 
ATOM   136 H  HB2  . GLU A 1 9  ? 21.996  5.508   0.131   1.000 39.554  0 105 GLU A HB2  1 
ATOM   137 H  HB3  . GLU A 1 9  ? 20.844  6.587   -0.001  1.000 39.595  0 105 GLU A HB3  1 
ATOM   138 H  HG2  . GLU A 1 9  ? 22.383  7.400   -1.380  1.000 42.997  0 105 GLU A HG2  1 
ATOM   139 H  HG3  . GLU A 1 9  ? 22.622  8.255   -0.082  1.000 42.156  0 105 GLU A HG3  1 
ATOM   140 N  N    . CYS A 1 10 ? 19.730  7.909   2.369   1.000 40.588  0 106 CYS A N    1 
ATOM   141 C  CA   . CYS A 1 10 ? 18.946  9.096   2.723   1.000 42.342  0 106 CYS A CA   1 
ATOM   142 C  C    . CYS A 1 10 ? 18.468  9.083   4.176   1.000 45.294  0 106 CYS A C    1 
ATOM   143 O  O    . CYS A 1 10 ? 17.898  10.068  4.659   1.000 47.602  0 106 CYS A O    1 
ATOM   144 C  CB   . CYS A 1 10 ? 17.721  9.263   1.825   1.000 51.904  0 106 CYS A CB   1 
ATOM   145 S  SG   . CYS A 1 10 ? 16.498  7.920   1.904   1.000 42.392  0 106 CYS A SG   1 
ATOM   146 H  H    . CYS A 1 10 ? 19.239  7.046   2.176   1.000 42.257  0 106 CYS A H    1 
ATOM   147 H  HA   . CYS A 1 10 ? 19.521  9.885   2.597   1.000 42.798  0 106 CYS A HA   1 
ATOM   148 H  HB2  . CYS A 1 10 ? 17.270  10.098  2.062   1.000 50.908  0 106 CYS A HB2  1 
ATOM   149 H  HB3  . CYS A 1 10 ? 18.023  9.345   0.898   1.000 48.317  0 106 CYS A HB3  1 
ATOM   150 N  N    . HIS A 1 11 ? 18.690  7.968   4.868   1.000 42.017  0 107 HIS A N    1 
ATOM   151 C  CA   . HIS A 1 11 ? 18.288  7.809   6.260   1.000 45.008  0 107 HIS A CA   1 
ATOM   152 C  C    . HIS A 1 11 ? 16.785  8.042   6.441   1.000 50.846  0 107 HIS A C    1 
ATOM   153 O  O    . HIS A 1 11 ? 16.346  8.626   7.432   1.000 55.805  0 107 HIS A O    1 
ATOM   154 C  CB   . HIS A 1 11 ? 19.197  8.678   7.150   1.000 45.958  0 107 HIS A CB   1 
ATOM   155 C  CG   . HIS A 1 11 ? 20.655  8.356   6.981   1.000 59.717  0 107 HIS A CG   1 
ATOM   156 N  ND1  . HIS A 1 11 ? 21.253  7.224   7.554   1.000 56.427  0 107 HIS A ND1  1 
ATOM   157 C  CD2  . HIS A 1 11 ? 21.640  8.990   6.292   1.000 67.244  0 107 HIS A CD2  1 
ATOM   158 C  CE1  . HIS A 1 11 ? 22.542  7.185   7.225   1.000 62.010  0 107 HIS A CE1  1 
ATOM   159 N  NE2  . HIS A 1 11 ? 22.808  8.271   6.460   1.000 71.289  0 107 HIS A NE2  1 
ATOM   160 H  H    . HIS A 1 11 ? 19.155  7.195   4.418   1.000 44.217  0 107 HIS A H    1 
ATOM   161 H  HA   . HIS A 1 11 ? 18.463  6.869   6.499   1.000 47.356  0 107 HIS A HA   1 
ATOM   162 H  HB2  . HIS A 1 11 ? 19.051  9.626   6.931   1.000 46.669  0 107 HIS A HB2  1 
ATOM   163 H  HB3  . HIS A 1 11 ? 18.947  8.546   8.091   1.000 48.076  0 107 HIS A HB3  1 
ATOM   164 H  HD2  . HIS A 1 11 ? 21.550  9.788   5.802   1.000 66.287  0 107 HIS A HD2  1 
ATOM   165 H  HE1  . HIS A 1 11 ? 23.164  6.531   7.499   1.000 68.236  0 107 HIS A HE1  1 
ATOM   166 H  HE2  . HIS A 1 11 ? 23.564  8.392   6.207   0.000 64.920  0 107 HIS A HE2  1 
ATOM   167 N  N    . LEU A 1 12 ? 15.996  7.518   5.483   1.000 46.198  0 108 LEU A N    1 
ATOM   168 C  CA   . LEU A 1 12 ? 14.546  7.514   5.578   1.000 46.501  0 108 LEU A CA   1 
ATOM   169 C  C    . LEU A 1 12 ? 14.023  6.129   5.232   1.000 41.895  0 108 LEU A C    1 
ATOM   170 O  O    . LEU A 1 12 ? 14.645  5.368   4.490   1.000 39.704  0 108 LEU A O    1 
ATOM   171 C  CB   . LEU A 1 12 ? 13.942  8.527   4.605   1.000 48.696  0 108 LEU A CB   1 
ATOM   172 C  CG   . LEU A 1 12 ? 14.363  9.976   4.805   1.000 53.395  0 108 LEU A CG   1 
ATOM   173 C  CD1  . LEU A 1 12 ? 13.670  10.851  3.788   1.000 61.298  0 108 LEU A CD1  1 
ATOM   174 C  CD2  . LEU A 1 12 ? 14.053  10.433  6.217   1.000 65.024  0 108 LEU A CD2  1 
ATOM   175 H  H    . LEU A 1 12 ? 16.423  7.103   4.669   1.000 46.056  0 108 LEU A H    1 
ATOM   176 H  HA   . LEU A 1 12 ? 14.285  7.737   6.499   1.000 47.001  0 108 LEU A HA   1 
ATOM   177 H  HB2  . LEU A 1 12 ? 14.183  8.260   3.695   1.000 48.185  0 108 LEU A HB2  1 
ATOM   178 H  HB3  . LEU A 1 12 ? 12.968  8.478   4.675   1.000 49.913  0 108 LEU A HB3  1 
ATOM   179 H  HG   . LEU A 1 12 ? 15.338  10.041  4.662   1.000 54.555  0 108 LEU A HG   1 
ATOM   180 H  HD11 . LEU A 1 12 ? 13.899  10.549  2.891   1.000 60.317  0 108 LEU A HD11 1 
ATOM   181 H  HD12 . LEU A 1 12 ? 13.959  11.773  3.903   1.000 59.754  0 108 LEU A HD12 1 
ATOM   182 H  HD13 . LEU A 1 12 ? 12.707  10.795  3.913   1.000 59.771  0 108 LEU A HD13 1 
ATOM   183 H  HD21 . LEU A 1 12 ? 13.138  10.191  6.444   1.000 62.802  0 108 LEU A HD21 1 
ATOM   184 H  HD22 . LEU A 1 12 ? 14.155  11.399  6.274   1.000 63.904  0 108 LEU A HD22 1 
ATOM   185 H  HD23 . LEU A 1 12 ? 14.663  10.009  6.841   1.000 61.277  0 108 LEU A HD23 1 
ATOM   186 N  N    . PRO A 1 13 ? 12.854  5.763   5.777   1.000 42.388  0 109 PRO A N    1 
ATOM   187 C  CA   . PRO A 1 13 ? 12.237  4.486   5.453   1.000 43.028  0 109 PRO A CA   1 
ATOM   188 C  C    . PRO A 1 13 ? 11.616  4.550   4.062   1.000 40.970  0 109 PRO A C    1 
ATOM   189 O  O    . PRO A 1 13 ? 11.417  5.633   3.507   1.000 41.563  0 109 PRO A O    1 
ATOM   190 C  CB   . PRO A 1 13 ? 11.220  4.303   6.589   1.000 44.237  0 109 PRO A CB   1 
ATOM   191 C  CG   . PRO A 1 13 ? 10.817  5.710   6.962   1.000 50.627  0 109 PRO A CG   1 
ATOM   192 C  CD   . PRO A 1 13 ? 12.060  6.557   6.732   1.000 51.832  0 109 PRO A CD   1 
ATOM   193 H  HA   . PRO A 1 13 ? 12.917  3.769   5.494   1.000 42.769  0 109 PRO A HA   1 
ATOM   194 H  HB2  . PRO A 1 13 ? 10.443  3.786   6.287   1.000 44.706  0 109 PRO A HB2  1 
ATOM   195 H  HB3  . PRO A 1 13 ? 11.628  3.844   7.355   1.000 44.754  0 109 PRO A HB3  1 
ATOM   196 H  HG2  . PRO A 1 13 ? 10.078  6.020   6.398   1.000 49.547  0 109 PRO A HG2  1 
ATOM   197 H  HG3  . PRO A 1 13 ? 10.538  5.755   7.899   1.000 50.439  0 109 PRO A HG3  1 
ATOM   198 H  HD2  . PRO A 1 13 ? 11.825  7.425   6.355   1.000 50.936  0 109 PRO A HD2  1 
ATOM   199 H  HD3  . PRO A 1 13 ? 12.549  6.693   7.563   1.000 51.030  0 109 PRO A HD3  1 
ATOM   200 N  N    . GLY A 1 14 ? 11.389  3.365   3.491   1.000 36.188  0 110 GLY A N    1 
ATOM   201 C  CA   . GLY A 1 14 ? 10.608  3.198   2.277   1.000 33.731  0 110 GLY A CA   1 
ATOM   202 C  C    . GLY A 1 14 ? 9.588   2.086   2.456   1.000 33.628  0 110 GLY A C    1 
ATOM   203 O  O    . GLY A 1 14 ? 9.760   1.206   3.271   1.000 32.554  0 110 GLY A O    1 
ATOM   204 H  H    . GLY A 1 14 ? 11.778  2.539   3.923   1.000 36.896  0 110 GLY A H    1 
ATOM   205 H  HA2  . GLY A 1 14 ? 10.141  4.046   2.065   1.000 33.961  0 110 GLY A HA2  1 
ATOM   206 H  HA3  . GLY A 1 14 ? 11.213  2.978   1.527   1.000 33.804  0 110 GLY A HA3  1 
ATOM   207 N  N    . GLU A 1 15 ? 8.493   2.170   1.704   1.000 33.889  0 111 GLU A N    1 
ATOM   208 C  CA   . GLU A 1 15 ? 7.426   1.195   1.811   1.000 32.990  0 111 GLU A CA   1 
ATOM   209 C  C    . GLU A 1 15 ? 6.763   1.039   0.449   1.000 35.324  0 111 GLU A C    1 
ATOM   210 O  O    . GLU A 1 15 ? 6.597   1.992   -0.301  1.000 35.977  0 111 GLU A O    1 
ATOM   211 C  CB   . GLU A 1 15 ? 6.410   1.646   2.870   1.000 35.076  0 111 GLU A CB   1 
ATOM   212 C  CG   . GLU A 1 15 ? 5.132   0.845   2.896   1.000 42.694  0 111 GLU A CG   1 
ATOM   213 C  CD   . GLU A 1 15 ? 4.174   1.281   3.984   1.000 47.715  0 111 GLU A CD   1 
ATOM   214 O  OE1  . GLU A 1 15 ? 3.538   2.373   3.866   1.000 55.526  0 111 GLU A OE1  1 
ATOM   215 O  OE2  . GLU A 1 15 ? 4.098   0.546   4.960   1.000 50.764  0 111 GLU A OE2  1 
ATOM   216 H  H    . GLU A 1 15 ? 8.398   2.928   1.043   1.000 33.439  0 111 GLU A H    1 
ATOM   217 H  HA   . GLU A 1 15 ? 7.813   0.333   2.082   1.000 33.167  0 111 GLU A HA   1 
ATOM   218 H  HB2  . GLU A 1 15 ? 6.835   1.590   3.751   1.000 35.162  0 111 GLU A HB2  1 
ATOM   219 H  HB3  . GLU A 1 15 ? 6.189   2.586   2.705   1.000 36.298  0 111 GLU A HB3  1 
ATOM   220 H  HG2  . GLU A 1 15 ? 4.678   0.931   2.031   1.000 41.754  0 111 GLU A HG2  1 
ATOM   221 H  HG3  . GLU A 1 15 ? 5.349   -0.102  3.028   1.000 42.052  0 111 GLU A HG3  1 
ATOM   222 N  N    . VAL A 1 16 ? 6.402   -0.200  0.159   1.000 31.190  0 112 VAL A N    1 
ATOM   223 C  CA   . VAL A 1 16 ? 5.429   -0.497  -0.875  1.000 32.342  0 112 VAL A CA   1 
ATOM   224 C  C    . VAL A 1 16 ? 4.188   -1.103  -0.249  1.000 37.243  0 112 VAL A C    1 
ATOM   225 O  O    . VAL A 1 16 ? 4.269   -1.839  0.733   1.000 35.485  0 112 VAL A O    1 
ATOM   226 C  CB   . VAL A 1 16 ? 6.025   -1.401  -1.949  1.000 33.865  0 112 VAL A CB   1 
ATOM   227 C  CG1  . VAL A 1 16 ? 7.059   -0.637  -2.742  1.000 39.144  0 112 VAL A CG1  1 
ATOM   228 C  CG2  . VAL A 1 16 ? 6.594   -2.705  -1.412  1.000 35.232  0 112 VAL A CG2  1 
ATOM   229 H  H    . VAL A 1 16 ? 6.807   -0.966  0.678   1.000 31.952  0 112 VAL A H    1 
ATOM   230 H  HA   . VAL A 1 16 ? 5.174   0.341   -1.297  1.000 32.738  0 112 VAL A HA   1 
ATOM   231 H  HB   . VAL A 1 16 ? 5.291   -1.633  -2.568  1.000 34.726  0 112 VAL A HB   1 
ATOM   232 H  HG11 . VAL A 1 16 ? 7.667   -0.181  -2.136  1.000 37.628  0 112 VAL A HG11 1 
ATOM   233 H  HG12 . VAL A 1 16 ? 6.614   0.019   -3.309  1.000 38.621  0 112 VAL A HG12 1 
ATOM   234 H  HG13 . VAL A 1 16 ? 7.562   -1.256  -3.300  1.000 38.004  0 112 VAL A HG13 1 
ATOM   235 H  HG21 . VAL A 1 16 ? 6.817   -3.290  -2.156  1.000 34.845  0 112 VAL A HG21 1 
ATOM   236 H  HG22 . VAL A 1 16 ? 5.936   -3.141  -0.845  1.000 35.016  0 112 VAL A HG22 1 
ATOM   237 H  HG23 . VAL A 1 16 ? 7.397   -2.521  -0.894  1.000 34.976  0 112 VAL A HG23 1 
ATOM   238 N  N    . LEU A 1 17 ? 3.043   -0.821  -0.892  1.000 33.515  0 113 LEU A N    1 
ATOM   239 C  CA   . LEU A 1 17 ? 1.791   -1.402  -0.478  1.000 37.994  0 113 LEU A CA   1 
ATOM   240 C  C    . LEU A 1 17 ? 1.431   -2.398  -1.575  1.000 34.147  0 113 LEU A C    1 
ATOM   241 O  O    . LEU A 1 17 ? 1.627   -2.128  -2.757  1.000 36.982  0 113 LEU A O    1 
ATOM   242 C  CB   . LEU A 1 17 ? 0.726   -0.319  -0.327  1.000 37.168  0 113 LEU A CB   1 
ATOM   243 C  CG   . LEU A 1 17 ? 0.924   0.709   0.774   1.000 43.822  0 113 LEU A CG   1 
ATOM   244 C  CD1  . LEU A 1 17 ? -0.225  1.686   0.812   1.000 49.998  0 113 LEU A CD1  1 
ATOM   245 C  CD2  . LEU A 1 17 ? 1.057   0.034   2.103   1.000 47.689  0 113 LEU A CD2  1 
ATOM   246 H  H    . LEU A 1 17 ? 3.051   -0.191  -1.681  1.000 34.264  0 113 LEU A H    1 
ATOM   247 H  HA   . LEU A 1 17 ? 1.917   -1.880  0.373   1.000 36.987  0 113 LEU A HA   1 
ATOM   248 H  HB2  . LEU A 1 17 ? 0.662   0.159   -1.178  1.000 38.271  0 113 LEU A HB2  1 
ATOM   249 H  HB3  . LEU A 1 17 ? -0.133  -0.761  -0.180  1.000 37.981  0 113 LEU A HB3  1 
ATOM   250 H  HG   . LEU A 1 17 ? 1.757   1.210   0.592   1.000 43.900  0 113 LEU A HG   1 
ATOM   251 H  HD11 . LEU A 1 17 ? -0.280  2.153   -0.037  1.000 49.208  0 113 LEU A HD11 1 
ATOM   252 H  HD12 . LEU A 1 17 ? -0.083  2.329   1.527   1.000 48.172  0 113 LEU A HD12 1 
ATOM   253 H  HD13 . LEU A 1 17 ? -1.056  1.203   0.972   1.000 49.351  0 113 LEU A HD13 1 
ATOM   254 H  HD21 . LEU A 1 17 ? 0.364   -0.643  2.194   1.000 47.269  0 113 LEU A HD21 1 
ATOM   255 H  HD22 . LEU A 1 17 ? 0.962   0.692   2.814   1.000 47.159  0 113 LEU A HD22 1 
ATOM   256 H  HD23 . LEU A 1 17 ? 1.931   -0.387  2.168   1.000 46.008  0 113 LEU A HD23 1 
ATOM   257 N  N    . ILE A 1 18 ? 0.952   -3.561  -1.143  1.000 33.942  0 114 ILE A N    1 
ATOM   258 C  CA   . ILE A 1 18 ? 0.638   -4.706  -1.993  1.000 33.478  0 114 ILE A CA   1 
ATOM   259 C  C    . ILE A 1 18 ? -0.854  -5.040  -1.836  1.000 32.783  0 114 ILE A C    1 
ATOM   260 O  O    . ILE A 1 18 ? -1.319  -5.334  -0.742  1.000 32.203  0 114 ILE A O    1 
ATOM   261 C  CB   . ILE A 1 18 ? 1.540   -5.901  -1.628  1.000 40.110  0 114 ILE A CB   1 
ATOM   262 C  CG1  . ILE A 1 18 ? 3.029   -5.513  -1.692  1.000 42.429  0 114 ILE A CG1  1 
ATOM   263 C  CG2  . ILE A 1 18 ? 1.224   -7.109  -2.518  1.000 43.286  0 114 ILE A CG2  1 
ATOM   264 C  CD1  . ILE A 1 18 ? 3.926   -6.410  -0.904  1.000 47.196  0 114 ILE A CD1  1 
ATOM   265 H  H    . ILE A 1 18 ? 0.786   -3.659  -0.152  1.000 33.769  0 114 ILE A H    1 
ATOM   266 H  HA   . ILE A 1 18 ? 0.809   -4.463  -2.917  1.000 34.377  0 114 ILE A HA   1 
ATOM   267 H  HB   . ILE A 1 18 ? 1.336   -6.153  -0.693  1.000 40.890  0 114 ILE A HB   1 
ATOM   268 H  HG12 . ILE A 1 18 ? 3.316   -5.525  -2.630  1.000 42.558  0 114 ILE A HG12 1 
ATOM   269 H  HG13 . ILE A 1 18 ? 3.134   -4.597  -1.359  1.000 42.552  0 114 ILE A HG13 1 
ATOM   270 H  HG21 . ILE A 1 18 ? 1.044   -6.808  -3.425  1.000 42.025  0 114 ILE A HG21 1 
ATOM   271 H  HG22 . ILE A 1 18 ? 0.443   -7.575  -2.172  1.000 42.903  0 114 ILE A HG22 1 
ATOM   272 H  HG23 . ILE A 1 18 ? 1.983   -7.718  -2.526  1.000 43.432  0 114 ILE A HG23 1 
ATOM   273 H  HD11 . ILE A 1 18 ? 3.971   -7.282  -1.332  1.000 46.077  0 114 ILE A HD11 1 
ATOM   274 H  HD12 . ILE A 1 18 ? 3.575   -6.509  -0.002  1.000 46.204  0 114 ILE A HD12 1 
ATOM   275 H  HD13 . ILE A 1 18 ? 4.817   -6.023  -0.864  1.000 46.163  0 114 ILE A HD13 1 
ATOM   276 N  N    . CYS A 1 19 ? -1.635  -4.970  -2.935  1.000 31.982  0 115 CYS A N    1 
ATOM   277 C  CA   . CYS A 1 19 ? -3.064  -5.254  -2.824  1.000 34.174  0 115 CYS A CA   1 
ATOM   278 C  C    . CYS A 1 19 ? -3.312  -6.696  -2.336  1.000 30.673  0 115 CYS A C    1 
ATOM   279 O  O    . CYS A 1 19 ? -2.768  -7.647  -2.887  1.000 30.356  0 115 CYS A O    1 
ATOM   280 C  CB   . CYS A 1 19 ? -3.775  -5.050  -4.155  1.000 34.639  0 115 CYS A CB   1 
ATOM   281 S  SG   . CYS A 1 19 ? -5.573  -5.203  -3.963  1.000 34.128  0 115 CYS A SG   1 
ATOM   282 H  H    . CYS A 1 19 ? -1.243  -4.725  -3.833  1.000 32.789  0 115 CYS A H    1 
ATOM   283 H  HA   . CYS A 1 19 ? -3.447  -4.629  -2.171  1.000 34.145  0 115 CYS A HA   1 
ATOM   284 H  HB2  . CYS A 1 19 ? -3.563  -4.164  -4.508  1.000 34.527  0 115 CYS A HB2  1 
ATOM   285 H  HB3  . CYS A 1 19 ? -3.464  -5.719  -4.798  1.000 33.986  0 115 CYS A HB3  1 
ATOM   286 N  N    . ASP A 1 20 ? -4.163  -6.873  -1.319  1.000 31.144  0 116 ASP A N    1 
ATOM   287 C  CA   . ASP A 1 20 ? -4.482  -8.209  -0.825  1.000 31.887  0 116 ASP A CA   1 
ATOM   288 C  C    . ASP A 1 20 ? -5.440  -8.964  -1.752  1.000 34.200  0 116 ASP A C    1 
ATOM   289 O  O    . ASP A 1 20 ? -5.665  -10.153 -1.517  1.000 36.298  0 116 ASP A O    1 
ATOM   290 C  CB   . ASP A 1 20 ? -5.031  -8.163  0.597   1.000 35.377  0 116 ASP A CB   1 
ATOM   291 C  CG   . ASP A 1 20 ? -4.032  -7.684  1.641   1.000 35.913  0 116 ASP A CG   1 
ATOM   292 O  OD1  . ASP A 1 20 ? -2.845  -8.101  1.551   1.000 38.147  0 116 ASP A OD1  1 
ATOM   293 O  OD2  . ASP A 1 20 ? -4.458  -6.937  2.549   1.000 34.999  0 116 ASP A OD2  1 
ATOM   294 H  H    . ASP A 1 20 ? -4.597  -6.073  -0.881  1.000 30.103  0 116 ASP A H    1 
ATOM   295 H  HA   . ASP A 1 20 ? -3.639  -8.720  -0.792  1.000 32.147  0 116 ASP A HA   1 
ATOM   296 H  HB2  . ASP A 1 20 ? -5.807  -7.566  0.618   1.000 34.678  0 116 ASP A HB2  1 
ATOM   297 H  HB3  . ASP A 1 20 ? -5.332  -9.060  0.853   1.000 35.155  0 116 ASP A HB3  1 
ATOM   298 N  N    . LEU A 1 21 ? -6.004  -8.306  -2.791  1.000 35.549  0 117 LEU A N    1 
ATOM   299 C  CA   . LEU A 1 21 ? -6.897  -9.009  -3.716  1.000 36.879  0 117 LEU A CA   1 
ATOM   300 C  C    . LEU A 1 21 ? -6.256  -9.249  -5.092  1.000 35.110  0 117 LEU A C    1 
ATOM   301 O  O    . LEU A 1 21 ? -6.483  -10.298 -5.663  1.000 48.436  0 117 LEU A O    1 
ATOM   302 C  CB   . LEU A 1 21 ? -8.209  -8.238  -3.863  1.000 39.997  0 117 LEU A CB   1 
ATOM   303 C  CG   . LEU A 1 21 ? -9.006  -7.947  -2.590  1.000 43.428  0 117 LEU A CG   1 
ATOM   304 C  CD1  . LEU A 1 21 ? -10.376 -7.362  -2.934  1.000 53.967  0 117 LEU A CD1  1 
ATOM   305 C  CD2  . LEU A 1 21 ? -9.150  -9.166  -1.720  1.000 50.201  0 117 LEU A CD2  1 
ATOM   306 H  H    . LEU A 1 21 ? -5.835  -7.321  -2.926  1.000 34.829  0 117 LEU A H    1 
ATOM   307 H  HA   . LEU A 1 21 ? -7.098  -9.891  -3.325  1.000 37.652  0 117 LEU A HA   1 
ATOM   308 H  HB2  . LEU A 1 21 ? -8.007  -7.384  -4.296  1.000 39.843  0 117 LEU A HB2  1 
ATOM   309 H  HB3  . LEU A 1 21 ? -8.785  -8.741  -4.472  1.000 39.457  0 117 LEU A HB3  1 
ATOM   310 H  HG   . LEU A 1 21 ? -8.509  -7.267  -2.073  1.000 44.052  0 117 LEU A HG   1 
ATOM   311 H  HD11 . LEU A 1 21 ? -10.800 -7.031  -2.123  1.000 51.140  0 117 LEU A HD11 1 
ATOM   312 H  HD12 . LEU A 1 21 ? -10.934 -8.052  -3.333  1.000 52.967  0 117 LEU A HD12 1 
ATOM   313 H  HD13 . LEU A 1 21 ? -10.266 -6.628  -3.564  1.000 52.165  0 117 LEU A HD13 1 
ATOM   314 H  HD21 . LEU A 1 21 ? -8.315  -9.326  -1.245  1.000 49.268  0 117 LEU A HD21 1 
ATOM   315 H  HD22 . LEU A 1 21 ? -9.360  -9.938  -2.274  1.000 49.781  0 117 LEU A HD22 1 
ATOM   316 H  HD23 . LEU A 1 21 ? -9.864  -9.024  -1.076  1.000 48.031  0 117 LEU A HD23 1 
ATOM   317 N  N    . CYS A 1 22 ? -5.462  -8.324  -5.643  1.000 33.715  0 118 CYS A N    1 
ATOM   318 C  CA   . CYS A 1 22 ? -4.825  -8.486  -6.965  1.000 38.829  0 118 CYS A CA   1 
ATOM   319 C  C    . CYS A 1 22 ? -3.267  -8.467  -6.976  1.000 38.012  0 118 CYS A C    1 
ATOM   320 O  O    . CYS A 1 22 ? -2.586  -8.647  -8.010  1.000 38.819  0 118 CYS A O    1 
ATOM   321 C  CB   . CYS A 1 22 ? -5.404  -7.404  -7.877  1.000 38.790  0 118 CYS A CB   1 
ATOM   322 S  SG   . CYS A 1 22 ? -4.713  -5.740  -7.639  1.000 40.231  0 118 CYS A SG   1 
ATOM   323 H  H    . CYS A 1 22 ? -5.310  -7.462  -5.143  1.000 35.029  0 118 CYS A H    1 
ATOM   324 H  HA   . CYS A 1 22 ? -5.110  -9.358  -7.324  1.000 38.003  0 118 CYS A HA   1 
ATOM   325 H  HB2  . CYS A 1 22 ? -5.255  -7.666  -8.809  1.000 38.183  0 118 CYS A HB2  1 
ATOM   326 H  HB3  . CYS A 1 22 ? -6.371  -7.358  -7.735  1.000 39.131  0 118 CYS A HB3  1 
ATOM   327 N  N    . PHE A 1 23 ? -2.669  -8.233  -5.814  1.000 36.014  0 119 PHE A N    1 
ATOM   328 C  CA   . PHE A 1 23 ? -1.206  -8.302  -5.530  1.000 41.329  0 119 PHE A CA   1 
ATOM   329 C  C    . PHE A 1 23 ? -0.358  -7.248  -6.273  1.000 40.832  0 119 PHE A C    1 
ATOM   330 O  O    . PHE A 1 23 ? 0.883   -7.334  -6.277  1.000 43.177  0 119 PHE A O    1 
ATOM   331 C  CB   . PHE A 1 23 ? -0.714  -9.763  -5.557  1.000 42.465  0 119 PHE A CB   1 
ATOM   332 C  CG   . PHE A 1 23 ? -1.309  -10.491 -4.375  1.000 51.652  0 119 PHE A CG   1 
ATOM   333 C  CD1  . PHE A 1 23 ? -0.764  -10.314 -3.106  1.000 49.981  0 119 PHE A CD1  1 
ATOM   334 C  CD2  . PHE A 1 23 ? -2.492  -11.220 -4.479  1.000 45.272  0 119 PHE A CD2  1 
ATOM   335 C  CE1  . PHE A 1 23 ? -1.336  -10.897 -1.989  1.000 45.411  0 119 PHE A CE1  1 
ATOM   336 C  CE2  . PHE A 1 23 ? -3.050  -11.834 -3.359  1.000 53.837  0 119 PHE A CE2  1 
ATOM   337 C  CZ   . PHE A 1 23 ? -2.492  -11.632 -2.107  1.000 53.773  0 119 PHE A CZ   1 
ATOM   338 H  H    . PHE A 1 23 ? -3.265  -7.988  -5.038  1.000 36.126  0 119 PHE A H    1 
ATOM   339 H  HA   . PHE A 1 23 ? -1.127  -8.034  -4.582  1.000 41.200  0 119 PHE A HA   1 
ATOM   340 H  HB2  . PHE A 1 23 ? -0.997  -10.190 -6.392  1.000 43.996  0 119 PHE A HB2  1 
ATOM   341 H  HB3  . PHE A 1 23 ? 0.265   -9.783  -5.504  1.000 43.211  0 119 PHE A HB3  1 
ATOM   342 H  HD1  . PHE A 1 23 ? 0.012   -9.784  -3.007  1.000 48.358  0 119 PHE A HD1  1 
ATOM   343 H  HD2  . PHE A 1 23 ? -2.891  -11.341 -5.327  1.000 48.854  0 119 PHE A HD2  1 
ATOM   344 H  HE1  . PHE A 1 23 ? -0.936  -10.782 -1.142  1.000 47.849  0 119 PHE A HE1  1 
ATOM   345 H  HE2  . PHE A 1 23 ? -3.838  -12.341 -3.445  1.000 49.252  0 119 PHE A HE2  1 
ATOM   346 H  HZ   . PHE A 1 23 ? -2.859  -12.059 -1.352  1.000 55.091  0 119 PHE A HZ   1 
ATOM   347 N  N    . ARG A 1 24 ? -0.987  -6.149  -6.743  1.000 46.060  0 120 ARG A N    1 
ATOM   348 C  CA   . ARG A 1 24 ? -0.257  -5.014  -7.312  1.000 40.448  0 120 ARG A CA   1 
ATOM   349 C  C    . ARG A 1 24 ? 0.523   -4.272  -6.238  1.000 41.786  0 120 ARG A C    1 
ATOM   350 O  O    . ARG A 1 24 ? 0.018   -4.183  -5.120  1.000 44.105  0 120 ARG A O    1 
ATOM   351 C  CB   . ARG A 1 24 ? -1.246  -4.046  -7.950  1.000 39.398  0 120 ARG A CB   1 
ATOM   352 C  CG   . ARG A 1 24 ? -1.764  -4.492  -9.294  1.000 46.576  0 120 ARG A CG   1 
ATOM   353 C  CD   . ARG A 1 24 ? -2.807  -3.518  -9.850  1.000 51.306  0 120 ARG A CD   1 
ATOM   354 N  NE   . ARG A 1 24 ? -2.860  -3.518  -11.316 1.000 53.946  0 120 ARG A NE   1 
ATOM   355 H  H    . ARG A 1 24 ? -1.993  -6.098  -6.695  1.000 42.710  0 120 ARG A H    1 
ATOM   356 H  HA   . ARG A 1 24 ? 0.365   -5.345  -7.997  1.000 44.419  0 120 ARG A HA   1 
ATOM   357 H  HB2  . ARG A 1 24 ? -2.005  -3.928  -7.341  1.000 39.106  0 120 ARG A HB2  1 
ATOM   358 H  HB3  . ARG A 1 24 ? -0.808  -3.175  -8.056  1.000 40.291  0 120 ARG A HB3  1 
ATOM   359 H  HG2  . ARG A 1 24 ? -1.017  -4.556  -9.927  1.000 46.036  0 120 ARG A HG2  1 
ATOM   360 H  HG3  . ARG A 1 24 ? -2.167  -5.382  -9.211  1.000 46.423  0 120 ARG A HG3  1 
ATOM   361 H  HD2  . ARG A 1 24 ? -3.689  -3.757  -9.497  1.000 50.641  0 120 ARG A HD2  1 
ATOM   362 H  HD3  . ARG A 1 24 ? -2.597  -2.612  -9.538  1.000 49.815  0 120 ARG A HD3  1 
ATOM   363 H  HE   . ARG A 1 24 ? -2.729  -4.275  -11.729 1.000 53.212  0 120 ARG A HE   1 
ATOM   364 N  N    . VAL A 1 25 ? 1.681   -3.699  -6.619  1.000 39.522  0 121 VAL A N    1 
ATOM   365 C  CA   . VAL A 1 25 ? 2.639   -3.130  -5.696  1.000 38.285  0 121 VAL A CA   1 
ATOM   366 C  C    . VAL A 1 25 ? 2.678   -1.635  -5.983  1.000 40.850  0 121 VAL A C    1 
ATOM   367 O  O    . VAL A 1 25 ? 3.049   -1.210  -7.060  1.000 45.236  0 121 VAL A O    1 
ATOM   368 C  CB   . VAL A 1 25 ? 4.027   -3.798  -5.842  1.000 38.667  0 121 VAL A CB   1 
ATOM   369 C  CG1  . VAL A 1 25 ? 4.977   -3.369  -4.725  1.000 39.763  0 121 VAL A CG1  1 
ATOM   370 C  CG2  . VAL A 1 25 ? 3.919   -5.325  -5.870  1.000 45.462  0 121 VAL A CG2  1 
ATOM   371 H  H    . VAL A 1 25 ? 1.894   -3.661  -7.606  1.000 39.106  0 121 VAL A H    1 
ATOM   372 H  HA   . VAL A 1 25 ? 2.320   -3.271  -4.790  1.000 38.492  0 121 VAL A HA   1 
ATOM   373 H  HB   . VAL A 1 25 ? 4.412   -3.503  -6.703  1.000 40.178  0 121 VAL A HB   1 
ATOM   374 H  HG11 . VAL A 1 25 ? 4.550   -3.511  -3.862  1.000 39.756  0 121 VAL A HG11 1 
ATOM   375 H  HG12 . VAL A 1 25 ? 5.194   -2.425  -4.826  1.000 39.538  0 121 VAL A HG12 1 
ATOM   376 H  HG13 . VAL A 1 25 ? 5.794   -3.894  -4.772  1.000 39.362  0 121 VAL A HG13 1 
ATOM   377 H  HG21 . VAL A 1 25 ? 4.805   -5.717  -5.781  1.000 44.265  0 121 VAL A HG21 1 
ATOM   378 H  HG22 . VAL A 1 25 ? 3.524   -5.609  -6.712  1.000 44.909  0 121 VAL A HG22 1 
ATOM   379 H  HG23 . VAL A 1 25 ? 3.357   -5.624  -5.133  1.000 43.665  0 121 VAL A HG23 1 
ATOM   380 N  N    . TYR A 1 26 ? 2.248   -0.847  -5.028  1.000 34.224  0 122 TYR A N    1 
ATOM   381 C  CA   . TYR A 1 26 ? 2.193   0.590   -5.156  1.000 32.451  0 122 TYR A CA   1 
ATOM   382 C  C    . TYR A 1 26 ? 3.322   1.204   -4.342  1.000 34.516  0 122 TYR A C    1 
ATOM   383 O  O    . TYR A 1 26 ? 3.580   0.758   -3.238  1.000 36.069  0 122 TYR A O    1 
ATOM   384 C  CB   . TYR A 1 26 ? 0.849   1.088   -4.624  1.000 34.343  0 122 TYR A CB   1 
ATOM   385 C  CG   . TYR A 1 26 ? -0.323  0.690   -5.481  1.000 31.432  0 122 TYR A CG   1 
ATOM   386 C  CD1  . TYR A 1 26 ? -0.939  -0.533  -5.327  1.000 33.531  0 122 TYR A CD1  1 
ATOM   387 C  CD2  . TYR A 1 26 ? -0.829  1.562   -6.421  1.000 39.032  0 122 TYR A CD2  1 
ATOM   388 C  CE1  . TYR A 1 26 ? -2.006  -0.911  -6.127  1.000 33.815  0 122 TYR A CE1  1 
ATOM   389 C  CE2  . TYR A 1 26 ? -1.916  1.214   -7.204  1.000 36.142  0 122 TYR A CE2  1 
ATOM   390 C  CZ   . TYR A 1 26 ? -2.510  -0.013  -7.044  1.000 33.682  0 122 TYR A CZ   1 
ATOM   391 O  OH   . TYR A 1 26 ? -3.568  -0.331  -7.846  1.000 39.211  0 122 TYR A OH   1 
ATOM   392 H  H    . TYR A 1 26 ? 1.940   -1.259  -4.160  1.000 34.812  0 122 TYR A H    1 
ATOM   393 H  HA   . TYR A 1 26 ? 2.292   0.849   -6.106  1.000 33.081  0 122 TYR A HA   1 
ATOM   394 H  HB2  . TYR A 1 26 ? 0.719   0.732   -3.720  1.000 33.948  0 122 TYR A HB2  1 
ATOM   395 H  HB3  . TYR A 1 26 ? 0.880   2.066   -4.561  1.000 34.340  0 122 TYR A HB3  1 
ATOM   396 H  HD1  . TYR A 1 26 ? -0.598  -1.145  -4.697  1.000 32.742  0 122 TYR A HD1  1 
ATOM   397 H  HD2  . TYR A 1 26 ? -0.433  2.409   -6.527  1.000 36.872  0 122 TYR A HD2  1 
ATOM   398 H  HE1  . TYR A 1 26 ? -2.416  -1.752  -6.010  1.000 34.426  0 122 TYR A HE1  1 
ATOM   399 H  HE2  . TYR A 1 26 ? -2.250  1.819   -7.846  1.000 36.761  0 122 TYR A HE2  1 
ATOM   400 H  HH   . TYR A 1 26 ? -3.756  0.245   -8.363  0.000 37.900  0 122 TYR A HH   1 
ATOM   401 N  N    . HIS A 1 27 ? 3.963   2.244   -4.878  1.000 33.132  0 123 HIS A N    1 
ATOM   402 C  CA   . HIS A 1 27 ? 4.744   3.122   -4.015  1.000 33.199  0 123 HIS A CA   1 
ATOM   403 C  C    . HIS A 1 27 ? 3.809   3.663   -2.927  1.000 37.755  0 123 HIS A C    1 
ATOM   404 O  O    . HIS A 1 27 ? 2.728   4.167   -3.230  1.000 36.386  0 123 HIS A O    1 
ATOM   405 C  CB   . HIS A 1 27 ? 5.313   4.310   -4.776  1.000 38.088  0 123 HIS A CB   1 
ATOM   406 C  CG   . HIS A 1 27 ? 6.288   4.045   -5.881  1.000 39.023  0 123 HIS A CG   1 
ATOM   407 N  ND1  . HIS A 1 27 ? 5.990   4.382   -7.187  1.000 38.653  0 123 HIS A ND1  1 
ATOM   408 C  CD2  . HIS A 1 27 ? 7.568   3.601   -5.894  1.000 41.822  0 123 HIS A CD2  1 
ATOM   409 C  CE1  . HIS A 1 27 ? 7.021   4.117   -7.968  1.000 38.228  0 123 HIS A CE1  1 
ATOM   410 N  NE2  . HIS A 1 27 ? 8.010   3.630   -7.200  1.000 41.212  0 123 HIS A NE2  1 
ATOM   411 H  H    . HIS A 1 27 ? 3.913   2.429   -5.869  1.000 33.282  0 123 HIS A H    1 
ATOM   412 H  HA   . HIS A 1 27 ? 5.471   2.605   -3.597  1.000 34.324  0 123 HIS A HA   1 
ATOM   413 H  HB2  . HIS A 1 27 ? 4.558   4.811   -5.154  1.000 37.683  0 123 HIS A HB2  1 
ATOM   414 H  HB3  . HIS A 1 27 ? 5.750   4.903   -4.126  1.000 37.357  0 123 HIS A HB3  1 
ATOM   415 H  HD2  . HIS A 1 27 ? 8.062   3.305   -5.152  1.000 42.343  0 123 HIS A HD2  1 
ATOM   416 H  HE1  . HIS A 1 27 ? 7.051   4.232   -8.903  1.000 39.233  0 123 HIS A HE1  1 
ATOM   417 H  HE2  . HIS A 1 27 ? 8.695   3.450   -7.535  0.000 44.760  0 123 HIS A HE2  1 
ATOM   418 N  N    . SER A 1 28 ? 4.183   3.572   -1.650  1.000 35.292  0 124 SER A N    1 
ATOM   419 C  CA   . SER A 1 28 ? 3.273   4.047   -0.611  1.000 36.856  0 124 SER A CA   1 
ATOM   420 C  C    . SER A 1 28 ? 3.076   5.558   -0.762  1.000 38.324  0 124 SER A C    1 
ATOM   421 O  O    . SER A 1 28 ? 1.989   6.069   -0.490  1.000 41.584  0 124 SER A O    1 
ATOM   422 C  CB   . SER A 1 28 ? 3.753   3.679   0.788   1.000 44.589  0 124 SER A CB   1 
ATOM   423 O  OG   . SER A 1 28 ? 4.833   4.494   1.126   1.000 57.496  0 124 SER A OG   1 
ATOM   424 H  H    . SER A 1 28 ? 5.081   3.185   -1.395  1.000 36.578  0 124 SER A H    1 
ATOM   425 H  HA   . SER A 1 28 ? 2.392   3.608   -0.758  1.000 38.822  0 124 SER A HA   1 
ATOM   426 H  HB2  . SER A 1 28 ? 3.022   3.807   1.434   1.000 45.922  0 124 SER A HB2  1 
ATOM   427 H  HB3  . SER A 1 28 ? 4.026   2.734   0.807   1.000 44.777  0 124 SER A HB3  1 
ATOM   428 H  HG   . SER A 1 28 ? 5.060   4.623   1.717   0.000 58.530  0 124 SER A HG   1 
ATOM   429 N  N    . LYS A 1 29 ? 4.104   6.262   -1.254  1.000 36.970  0 125 LYS A N    1 
ATOM   430 C  CA   . LYS A 1 29 ? 4.070   7.713   -1.407  1.000 42.413  0 125 LYS A CA   1 
ATOM   431 C  C    . LYS A 1 29 ? 3.233   8.180   -2.601  1.000 47.590  0 125 LYS A C    1 
ATOM   432 O  O    . LYS A 1 29 ? 3.006   9.379   -2.746  1.000 49.675  0 125 LYS A O    1 
ATOM   433 C  CB   . LYS A 1 29 ? 5.478   8.303   -1.568  1.000 45.923  0 125 LYS A CB   1 
ATOM   434 C  CG   . LYS A 1 29 ? 6.263   8.486   -0.270  1.000 52.418  0 125 LYS A CG   1 
ATOM   435 C  CD   . LYS A 1 29 ? 7.508   9.357   -0.464  1.000 65.457  0 125 LYS A CD   1 
ATOM   436 C  CE   . LYS A 1 29 ? 8.215   9.751   0.815   1.000 85.072  0 125 LYS A CE   1 
ATOM   437 N  NZ   . LYS A 1 29 ? 9.154   10.884  0.594   1.000 95.848  0 125 LYS A NZ   1 
ATOM   438 H  H    . LYS A 1 29 ? 4.949   5.776   -1.516  1.000 38.272  0 125 LYS A H    1 
ATOM   439 H  HA   . LYS A 1 29 ? 3.670   8.090   -0.590  1.000 41.984  0 125 LYS A HA   1 
ATOM   440 H  HB2  . LYS A 1 29 ? 5.992   7.722   -2.165  1.000 46.402  0 125 LYS A HB2  1 
ATOM   441 H  HB3  . LYS A 1 29 ? 5.400   9.178   -2.004  1.000 46.110  0 125 LYS A HB3  1 
ATOM   442 H  HG2  . LYS A 1 29 ? 5.679   8.902   0.401   1.000 52.632  0 125 LYS A HG2  1 
ATOM   443 H  HG3  . LYS A 1 29 ? 6.534   7.605   0.067   1.000 51.726  0 125 LYS A HG3  1 
ATOM   444 H  HD2  . LYS A 1 29 ? 8.142   8.872   -1.033  1.000 66.588  0 125 LYS A HD2  1 
ATOM   445 H  HD3  . LYS A 1 29 ? 7.247   10.174  -0.940  1.000 66.202  0 125 LYS A HD3  1 
ATOM   446 H  HE2  . LYS A 1 29 ? 7.557   10.008  1.487   1.000 83.660  0 125 LYS A HE2  1 
ATOM   447 H  HE3  . LYS A 1 29 ? 8.717   8.986   1.159   1.000 83.415  0 125 LYS A HE3  1 
ATOM   448 H  HZ1  . LYS A 1 29 ? 8.697   11.608  0.296   1.000 92.173  0 125 LYS A HZ1  1 
ATOM   449 H  HZ2  . LYS A 1 29 ? 9.777   10.651  -0.023  1.000 92.038  0 125 LYS A HZ2  1 
ATOM   450 H  HZ3  . LYS A 1 29 ? 9.571   11.094  1.372   1.000 97.296  0 125 LYS A HZ3  1 
ATOM   451 N  N    . CYS A 1 30 ? 2.782   7.267   -3.457  1.000 38.395  0 126 CYS A N    1 
ATOM   452 C  CA   . CYS A 1 30 ? 1.874   7.637   -4.539  1.000 41.625  0 126 CYS A CA   1 
ATOM   453 C  C    . CYS A 1 30 ? 0.395   7.655   -4.125  1.000 40.738  0 126 CYS A C    1 
ATOM   454 O  O    . CYS A 1 30 ? -0.437  8.030   -4.936  1.000 43.376  0 126 CYS A O    1 
ATOM   455 C  CB   . CYS A 1 30 ? 2.032   6.682   -5.711  1.000 38.083  0 126 CYS A CB   1 
ATOM   456 S  SG   . CYS A 1 30 ? 3.499   6.989   -6.731  1.000 43.456  0 126 CYS A SG   1 
ATOM   457 H  H    . CYS A 1 30 ? 3.076   6.307   -3.374  1.000 39.438  0 126 CYS A H    1 
ATOM   458 H  HA   . CYS A 1 30 ? 2.120   8.540   -4.846  1.000 41.057  0 126 CYS A HA   1 
ATOM   459 H  HB2  . CYS A 1 30 ? 2.078   5.765   -5.372  1.000 39.668  0 126 CYS A HB2  1 
ATOM   460 H  HB3  . CYS A 1 30 ? 1.242   6.748   -6.286  1.000 39.011  0 126 CYS A HB3  1 
ATOM   461 N  N    . LEU A 1 31 ? 0.041   7.232   -2.909  1.000 37.758  0 127 LEU A N    1 
ATOM   462 C  CA   . LEU A 1 31 ? -1.345  7.103   -2.484  1.000 42.245  0 127 LEU A CA   1 
ATOM   463 C  C    . LEU A 1 31 ? -1.659  8.113   -1.382  1.000 45.783  0 127 LEU A C    1 
ATOM   464 O  O    . LEU A 1 31 ? -0.840  8.361   -0.490  1.000 50.559  0 127 LEU A O    1 
ATOM   465 C  CB   . LEU A 1 31 ? -1.589  5.679   -1.972  1.000 43.780  0 127 LEU A CB   1 
ATOM   466 C  CG   . LEU A 1 31 ? -1.369  4.613   -3.036  1.000 41.100  0 127 LEU A CG   1 
ATOM   467 C  CD1  . LEU A 1 31 ? -1.436  3.212   -2.461  1.000 46.912  0 127 LEU A CD1  1 
ATOM   468 C  CD2  . LEU A 1 31 ? -2.376  4.799   -4.137  1.000 45.475  0 127 LEU A CD2  1 
ATOM   469 H  H    . LEU A 1 31 ? 0.763   6.984   -2.253  1.000 40.010  0 127 LEU A H    1 
ATOM   470 H  HA   . LEU A 1 31 ? -1.929  7.281   -3.253  1.000 42.149  0 127 LEU A HA   1 
ATOM   471 H  HB2  . LEU A 1 31 ? -0.989  5.506   -1.221  1.000 42.015  0 127 LEU A HB2  1 
ATOM   472 H  HB3  . LEU A 1 31 ? -2.509  5.615   -1.645  1.000 44.199  0 127 LEU A HB3  1 
ATOM   473 H  HG   . LEU A 1 31 ? -0.467  4.741   -3.420  1.000 42.357  0 127 LEU A HG   1 
ATOM   474 H  HD11 . LEU A 1 31 ? -1.112  2.573   -3.120  1.000 45.032  0 127 LEU A HD11 1 
ATOM   475 H  HD12 . LEU A 1 31 ? -2.358  3.000   -2.230  1.000 45.507  0 127 LEU A HD12 1 
ATOM   476 H  HD13 . LEU A 1 31 ? -0.884  3.164   -1.664  1.000 47.596  0 127 LEU A HD13 1 
ATOM   477 H  HD21 . LEU A 1 31 ? -2.073  5.502   -4.739  1.000 45.097  0 127 LEU A HD21 1 
ATOM   478 H  HD22 . LEU A 1 31 ? -3.235  5.046   -3.757  1.000 45.128  0 127 LEU A HD22 1 
ATOM   479 H  HD23 . LEU A 1 31 ? -2.470  3.968   -4.635  1.000 44.085  0 127 LEU A HD23 1 
ATOM   480 N  N    . SER A 1 32 ? -2.873  8.672   -1.451  1.000 49.148  0 128 SER A N    1 
ATOM   481 C  CA   . SER A 1 32 ? -3.403  9.551   -0.421  1.000 49.698  0 128 SER A CA   1 
ATOM   482 C  C    . SER A 1 32 ? -3.576  8.774   0.881   1.000 57.633  0 128 SER A C    1 
ATOM   483 O  O    . SER A 1 32 ? -3.634  7.545   0.858   1.000 55.904  0 128 SER A O    1 
ATOM   484 C  CB   . SER A 1 32 ? -4.721  10.110  -0.849  1.000 60.128  0 128 SER A CB   1 
ATOM   485 O  OG   . SER A 1 32 ? -5.706  9.079   -0.768  1.000 60.311  0 128 SER A OG   1 
ATOM   486 H  H    . SER A 1 32 ? -3.453  8.472   -2.253  1.000 48.089  0 128 SER A H    1 
ATOM   487 H  HA   . SER A 1 32 ? -2.761  10.296  -0.272  1.000 51.823  0 128 SER A HA   1 
ATOM   488 H  HB2  . SER A 1 32 ? -4.971  10.860  -0.262  1.000 58.283  0 128 SER A HB2  1 
ATOM   489 H  HB3  . SER A 1 32 ? -4.658  10.443  -1.771  1.000 59.415  0 128 SER A HB3  1 
ATOM   490 H  HG   . SER A 1 32 ? -6.072  9.103   -0.106  0.000 62.380  0 128 SER A HG   1 
ATOM   491 N  N    . ASP A 1 33 ? -3.722  9.506   1.995   1.000 57.947  0 129 ASP A N    1 
ATOM   492 C  CA   . ASP A 1 33 ? -3.808  8.879   3.302   1.000 59.234  0 129 ASP A CA   1 
ATOM   493 C  C    . ASP A 1 33 ? -5.061  8.009   3.395   1.000 55.960  0 129 ASP A C    1 
ATOM   494 O  O    . ASP A 1 33 ? -5.003  6.949   4.018   1.000 61.724  0 129 ASP A O    1 
ATOM   495 C  CB   . ASP A 1 33 ? -3.678  9.909   4.429   1.000 73.694  0 129 ASP A CB   1 
ATOM   496 C  CG   . ASP A 1 33 ? -2.273  9.984   5.016   1.000 79.918  0 129 ASP A CG   1 
ATOM   497 O  OD1  . ASP A 1 33 ? -1.921  11.052  5.547   1.000 96.045  0 129 ASP A OD1  1 
ATOM   498 O  OD2  . ASP A 1 33 ? -1.539  8.966   4.955   1.000 80.181  0 129 ASP A OD2  1 
ATOM   499 H  H    . ASP A 1 33 ? -3.774  10.513  1.927   1.000 57.496  0 129 ASP A H    1 
ATOM   500 H  HA   . ASP A 1 33 ? -3.035  8.274   3.377   1.000 60.789  0 129 ASP A HA   1 
ATOM   501 H  HB2  . ASP A 1 33 ? -3.922  10.794  4.092   1.000 71.341  0 129 ASP A HB2  1 
ATOM   502 H  HB3  . ASP A 1 33 ? -4.299  9.674   5.150   1.000 70.894  0 129 ASP A HB3  1 
ATOM   503 N  N    . GLU A 1 34 ? -6.165  8.410   2.739   1.000 62.115  0 130 GLU A N    1 
ATOM   504 C  CA   . GLU A 1 34 ? -7.380  7.606   2.784   1.000 61.425  0 130 GLU A CA   1 
ATOM   505 C  C    . GLU A 1 34 ? -7.136  6.228   2.160   1.000 59.208  0 130 GLU A C    1 
ATOM   506 O  O    . GLU A 1 34 ? -7.694  5.237   2.636   1.000 57.042  0 130 GLU A O    1 
ATOM   507 C  CB   . GLU A 1 34 ? -8.573  8.290   2.107   1.000 66.877  0 130 GLU A CB   1 
ATOM   508 C  CG   . GLU A 1 34 ? -9.849  7.455   2.192   1.000 78.694  0 130 GLU A CG   1 
ATOM   509 C  CD   . GLU A 1 34 ? -10.948 7.810   1.205   1.000 90.508  0 130 GLU A CD   1 
ATOM   510 O  OE1  . GLU A 1 34 ? -11.184 9.009   1.029   1.000 86.172  0 130 GLU A OE1  1 
ATOM   511 O  OE2  . GLU A 1 34 ? -11.563 6.881   0.620   1.000 99.716  0 130 GLU A OE2  1 
ATOM   512 H  H    . GLU A 1 34 ? -6.163  9.274   2.216   1.000 59.702  0 130 GLU A H    1 
ATOM   513 H  HA   . GLU A 1 34 ? -7.608  7.471   3.733   1.000 60.580  0 130 GLU A HA   1 
ATOM   514 H  HB2  . GLU A 1 34 ? -8.726  9.158   2.536   1.000 66.474  0 130 GLU A HB2  1 
ATOM   515 H  HB3  . GLU A 1 34 ? -8.353  8.449   1.166   1.000 68.355  0 130 GLU A HB3  1 
ATOM   516 H  HG2  . GLU A 1 34 ? -9.621  6.514   2.058   1.000 78.475  0 130 GLU A HG2  1 
ATOM   517 H  HG3  . GLU A 1 34 ? -10.217 7.539   3.098   1.000 79.370  0 130 GLU A HG3  1 
ATOM   518 N  N    . PHE A 1 35 ? -6.303  6.141   1.109   1.000 50.459  0 131 PHE A N    1 
ATOM   519 C  CA   . PHE A 1 35 ? -6.117  4.867   0.415   1.000 54.649  0 131 PHE A CA   1 
ATOM   520 C  C    . PHE A 1 35 ? -4.877  4.107   0.917   1.000 54.486  0 131 PHE A C    1 
ATOM   521 O  O    . PHE A 1 35 ? -4.601  3.033   0.397   1.000 63.187  0 131 PHE A O    1 
ATOM   522 C  CB   . PHE A 1 35 ? -6.128  5.074   -1.106  1.000 54.186  0 131 PHE A CB   1 
ATOM   523 C  CG   . PHE A 1 35 ? -7.512  5.305   -1.677  1.000 56.704  0 131 PHE A CG   1 
ATOM   524 C  CD1  . PHE A 1 35 ? -8.128  4.344   -2.465  1.000 54.246  0 131 PHE A CD1  1 
ATOM   525 C  CD2  . PHE A 1 35 ? -8.229  6.456   -1.364  1.000 59.061  0 131 PHE A CD2  1 
ATOM   526 C  CE1  . PHE A 1 35 ? -9.411  4.548   -2.950  1.000 62.254  0 131 PHE A CE1  1 
ATOM   527 C  CE2  . PHE A 1 35 ? -9.516  6.662   -1.853  1.000 63.284  0 131 PHE A CE2  1 
ATOM   528 C  CZ   . PHE A 1 35 ? -10.107 5.700   -2.641  1.000 62.507  0 131 PHE A CZ   1 
ATOM   529 H  H    . PHE A 1 35 ? -5.807  6.956   0.783   1.000 53.358  0 131 PHE A H    1 
ATOM   530 H  HA   . PHE A 1 35 ? -6.902  4.300   0.630   1.000 54.601  0 131 PHE A HA   1 
ATOM   531 H  HB2  . PHE A 1 35 ? -5.563  5.846   -1.319  1.000 53.556  0 131 PHE A HB2  1 
ATOM   532 H  HB3  . PHE A 1 35 ? -5.734  4.286   -1.533  1.000 55.134  0 131 PHE A HB3  1 
ATOM   533 H  HD1  . PHE A 1 35 ? -7.667  3.548   -2.679  1.000 58.124  0 131 PHE A HD1  1 
ATOM   534 H  HD2  . PHE A 1 35 ? -7.831  7.114   -0.817  1.000 59.414  0 131 PHE A HD2  1 
ATOM   535 H  HE1  . PHE A 1 35 ? -9.812  3.891   -3.498  1.000 59.792  0 131 PHE A HE1  1 
ATOM   536 H  HE2  . PHE A 1 35 ? -9.982  7.455   -1.640  1.000 61.782  0 131 PHE A HE2  1 
ATOM   537 H  HZ   . PHE A 1 35 ? -10.975 5.838   -2.986  1.000 61.849  0 131 PHE A HZ   1 
ATOM   538 N  N    . ARG A 1 36 ? -4.139  4.648   1.912   1.000 56.673  0 132 ARG A N    1 
ATOM   539 C  CA   . ARG A 1 36 ? -3.084  3.927   2.637   1.000 59.500  0 132 ARG A CA   1 
ATOM   540 C  C    . ARG A 1 36 ? -3.621  3.260   3.919   1.000 69.276  0 132 ARG A C    1 
ATOM   541 O  O    . ARG A 1 36 ? -3.174  2.167   4.284   1.000 70.657  0 132 ARG A O    1 
ATOM   542 C  CB   . ARG A 1 36 ? -1.928  4.872   3.015   1.000 51.778  0 132 ARG A CB   1 
ATOM   543 C  CG   . ARG A 1 36 ? -1.076  5.384   1.859   1.000 55.332  0 132 ARG A CG   1 
ATOM   544 C  CD   . ARG A 1 36 ? -0.135  6.545   2.189   1.000 63.927  0 132 ARG A CD   1 
ATOM   545 N  NE   . ARG A 1 36 ? 1.107   6.149   2.840   1.000 71.473  0 132 ARG A NE   1 
ATOM   546 C  CZ   . ARG A 1 36 ? 2.095   6.978   3.194   1.000 83.228  0 132 ARG A CZ   1 
ATOM   547 N  NH1  . ARG A 1 36 ? 2.000   8.278   2.953   1.000 89.813  0 132 ARG A NH1  1 
ATOM   548 N  NH2  . ARG A 1 36 ? 3.178   6.500   3.790   1.000 92.071  0 132 ARG A NH2  1 
ATOM   549 H  H    . ARG A 1 36 ? -4.307  5.609   2.163   1.000 55.632  0 132 ARG A H    1 
ATOM   550 H  HA   . ARG A 1 36 ? -2.731  3.224   2.046   1.000 60.914  0 132 ARG A HA   1 
ATOM   551 H  HB2  . ARG A 1 36 ? -2.307  5.644   3.486   1.000 52.730  0 132 ARG A HB2  1 
ATOM   552 H  HB3  . ARG A 1 36 ? -1.342  4.402   3.644   1.000 51.676  0 132 ARG A HB3  1 
ATOM   553 H  HG2  . ARG A 1 36 ? -0.538  4.640   1.514   1.000 56.533  0 132 ARG A HG2  1 
ATOM   554 H  HG3  . ARG A 1 36 ? -1.673  5.672   1.135   1.000 58.110  0 132 ARG A HG3  1 
ATOM   555 H  HD2  . ARG A 1 36 ? 0.086   7.015   1.358   1.000 64.675  0 132 ARG A HD2  1 
ATOM   556 H  HD3  . ARG A 1 36 ? -0.607  7.180   2.769   1.000 64.523  0 132 ARG A HD3  1 
ATOM   557 H  HE   . ARG A 1 36 ? 1.211   5.302   3.022   1.000 72.053  0 132 ARG A HE   1 
ATOM   558 H  HH11 . ARG A 1 36 ? 1.286   8.604   2.560   1.000 86.701  0 132 ARG A HH11 1 
ATOM   559 H  HH12 . ARG A 1 36 ? 2.656   8.814   3.187   1.000 89.503  0 132 ARG A HH12 1 
ATOM   560 H  HH21 . ARG A 1 36 ? 3.247   5.635   3.950   1.000 92.031  0 132 ARG A HH21 1 
ATOM   561 H  HH22 . ARG A 1 36 ? 3.831   7.045   4.019   1.000 88.215  0 132 ARG A HH22 1 
ATOM   562 N  N    . LEU A 1 37 ? -4.556  3.928   4.627   1.000 72.434  0 133 LEU A N    1 
ATOM   563 C  CA   . LEU A 1 37 ? -5.078  3.477   5.916   1.000 70.043  0 133 LEU A CA   1 
ATOM   564 C  C    . LEU A 1 37 ? -5.392  1.980   5.876   1.000 75.164  0 133 LEU A C    1 
ATOM   565 O  O    . LEU A 1 37 ? -6.080  1.506   4.974   1.000 66.041  0 133 LEU A O    1 
ATOM   566 C  CB   . LEU A 1 37 ? -6.336  4.286   6.268   1.000 61.974  0 133 LEU A CB   1 
ATOM   567 H  H    . LEU A 1 37 ? -4.913  4.794   4.250   1.000 69.389  0 133 LEU A H    1 
ATOM   568 H  HA   . LEU A 1 37 ? -4.387  3.637   6.600   1.000 71.577  0 133 LEU A HA   1 
ATOM   569 H  HB2  . LEU A 1 37 ? -7.079  3.964   5.699   1.000 63.626  0 133 LEU A HB2  1 
ATOM   570 H  HB3  . LEU A 1 37 ? -6.662  4.102   7.119   0.000 63.870  0 133 LEU A HB3  1 
ATOM   571 N  N    . ARG A 1 38 ? -4.887  1.229   6.864   1.000 73.777  0 134 ARG A N    1 
ATOM   572 C  CA   . ARG A 1 38 ? -5.289  -0.161  7.031   1.000 72.848  0 134 ARG A CA   1 
ATOM   573 C  C    . ARG A 1 38 ? -5.782  -0.393  8.456   1.000 70.296  0 134 ARG A C    1 
ATOM   574 O  O    . ARG A 1 38 ? -5.397  0.315   9.384   1.000 67.884  0 134 ARG A O    1 
ATOM   575 C  CB   . ARG A 1 38 ? -4.140  -1.119  6.715   1.000 68.179  0 134 ARG A CB   1 
ATOM   576 C  CG   . ARG A 1 38 ? -4.109  -1.603  5.274   1.000 67.430  0 134 ARG A CG   1 
ATOM   577 C  CD   . ARG A 1 38 ? -2.703  -2.021  4.888   1.000 85.068  0 134 ARG A CD   1 
ATOM   578 N  NE   . ARG A 1 38 ? -1.734  -0.981  5.237   1.000 84.361  0 134 ARG A NE   1 
ATOM   579 C  CZ   . ARG A 1 38 ? -0.449  -1.183  5.546   1.000 101.807 0 134 ARG A CZ   1 
ATOM   580 N  NH1  . ARG A 1 38 ? 0.308   -0.138  5.853   1.000 109.386 0 134 ARG A NH1  1 
ATOM   581 N  NH2  . ARG A 1 38 ? 0.085   -2.406  5.541   1.000 90.268  0 134 ARG A NH2  1 
ATOM   582 H  H    . ARG A 1 38 ? -4.216  1.627   7.505   1.000 79.470  0 134 ARG A H    1 
ATOM   583 H  HA   . ARG A 1 38 ? -6.031  -0.347  6.411   1.000 75.847  0 134 ARG A HA   1 
ATOM   584 H  HB2  . ARG A 1 38 ? -3.297  -0.667  6.922   1.000 71.295  0 134 ARG A HB2  1 
ATOM   585 H  HB3  . ARG A 1 38 ? -4.212  -1.898  7.305   1.000 69.665  0 134 ARG A HB3  1 
ATOM   586 H  HG2  . ARG A 1 38 ? -4.717  -2.366  5.170   1.000 69.944  0 134 ARG A HG2  1 
ATOM   587 H  HG3  . ARG A 1 38 ? -4.409  -0.883  4.680   1.000 67.153  0 134 ARG A HG3  1 
ATOM   588 H  HD2  . ARG A 1 38 ? -2.475  -2.853  5.355   1.000 83.891  0 134 ARG A HD2  1 
ATOM   589 H  HD3  . ARG A 1 38 ? -2.665  -2.192  3.923   1.000 82.239  0 134 ARG A HD3  1 
ATOM   590 H  HE   . ARG A 1 38 ? -2.022  -0.155  5.251   1.000 88.669  0 134 ARG A HE   1 
ATOM   591 H  HH11 . ARG A 1 38 ? -0.037  0.673   5.846   1.000 108.926 0 134 ARG A HH11 1 
ATOM   592 H  HH12 . ARG A 1 38 ? 1.158   -0.256  6.050   1.000 110.205 0 134 ARG A HH12 1 
ATOM   593 H  HH21 . ARG A 1 38 ? -0.409  -3.106  5.348   1.000 95.884  0 134 ARG A HH21 1 
ATOM   594 H  HH22 . ARG A 1 38 ? 0.934   -2.513  5.753   1.000 94.034  0 134 ARG A HH22 1 
ATOM   595 N  N    . ASP A 1 39 ? -6.653  -1.398  8.600   1.000 63.906  0 135 ASP A N    1 
ATOM   596 C  CA   . ASP A 1 39 ? -7.086  -1.876  9.903   1.000 79.678  0 135 ASP A CA   1 
ATOM   597 C  C    . ASP A 1 39 ? -6.555  -3.296  10.081  1.000 84.696  0 135 ASP A C    1 
ATOM   598 O  O    . ASP A 1 39 ? -6.311  -4.011  9.106   1.000 87.762  0 135 ASP A O    1 
ATOM   599 H  H    . ASP A 1 39 ? -7.020  -1.851  7.774   1.000 69.086  0 135 ASP A H    1 
ATOM   600 H  HA   . ASP A 1 39 ? -8.072  -1.901  9.914   1.000 81.821  0 135 ASP A HA   1 
ATOM   601 N  N    . SER A 1 40 ? -6.398  -3.703  11.343  1.000 82.208  0 136 SER A N    1 
ATOM   602 C  CA   . SER A 1 40 ? -5.869  -5.014  11.670  1.000 80.248  0 136 SER A CA   1 
ATOM   603 C  C    . SER A 1 40 ? -6.938  -6.098  11.531  1.000 80.996  0 136 SER A C    1 
ATOM   604 O  O    . SER A 1 40 ? -6.717  -7.214  12.006  1.000 89.072  0 136 SER A O    1 
ATOM   605 H  H    . SER A 1 40 ? -6.653  -3.081  12.097  1.000 82.477  0 136 SER A H    1 
ATOM   606 H  HA   . SER A 1 40 ? -5.565  -4.997  12.618  1.000 82.972  0 136 SER A HA   1 
ATOM   607 N  N    . SER A 1 41 ? -8.071  -5.782  10.870  1.000 72.676  0 137 SER A N    1 
ATOM   608 C  CA   . SER A 1 41 ? -9.184  -6.717  10.760  1.000 76.402  0 137 SER A CA   1 
ATOM   609 C  C    . SER A 1 41 ? -9.479  -7.163  9.320   1.000 86.515  0 137 SER A C    1 
ATOM   610 O  O    . SER A 1 41 ? -9.892  -8.310  9.113   1.000 88.429  0 137 SER A O    1 
ATOM   611 H  H    . SER A 1 41 ? -8.166  -4.874  10.446  1.000 75.105  0 137 SER A H    1 
ATOM   612 H  HA   . SER A 1 41 ? -9.997  -6.271  11.121  1.000 77.575  0 137 SER A HA   1 
ATOM   613 N  N    . SER A 1 42 ? -9.300  -6.271  8.329   1.000 69.544  0 138 SER A N    1 
ATOM   614 C  CA   . SER A 1 42 ? -9.792  -6.538  6.984   1.000 61.343  0 138 SER A CA   1 
ATOM   615 C  C    . SER A 1 42 ? -8.693  -6.298  5.940   1.000 49.613  0 138 SER A C    1 
ATOM   616 O  O    . SER A 1 42 ? -7.708  -5.589  6.166   1.000 53.694  0 138 SER A O    1 
ATOM   617 C  CB   . SER A 1 42 ? -11.077 -5.765  6.701   1.000 72.744  0 138 SER A CB   1 
ATOM   618 O  OG   . SER A 1 42 ? -10.834 -4.599  5.933   1.000 79.489  0 138 SER A OG   1 
ATOM   619 H  H    . SER A 1 42 ? -8.821  -5.402  8.509   1.000 70.976  0 138 SER A H    1 
ATOM   620 H  HA   . SER A 1 42 ? -10.019 -7.505  6.945   1.000 64.689  0 138 SER A HA   1 
ATOM   621 H  HB2  . SER A 1 42 ? -11.706 -6.347  6.218   1.000 71.801  0 138 SER A HB2  1 
ATOM   622 H  HB3  . SER A 1 42 ? -11.496 -5.511  7.555   1.000 73.987  0 138 SER A HB3  1 
ATOM   623 H  HG   . SER A 1 42 ? -11.433 -3.925  6.173   0.000 73.960  0 138 SER A HG   1 
ATOM   624 N  N    . PRO A 1 43 ? -8.796  -6.933  4.758   1.000 46.511  0 139 PRO A N    1 
ATOM   625 C  CA   . PRO A 1 43 ? -7.760  -6.809  3.733   1.000 48.996  0 139 PRO A CA   1 
ATOM   626 C  C    . PRO A 1 43 ? -7.703  -5.404  3.146   1.000 44.704  0 139 PRO A C    1 
ATOM   627 O  O    . PRO A 1 43 ? -8.708  -4.689  3.148   1.000 54.271  0 139 PRO A O    1 
ATOM   628 C  CB   . PRO A 1 43 ? -8.152  -7.844  2.675   1.000 47.392  0 139 PRO A CB   1 
ATOM   629 C  CG   . PRO A 1 43 ? -9.624  -8.084  2.888   1.000 46.759  0 139 PRO A CG   1 
ATOM   630 C  CD   . PRO A 1 43 ? -9.883  -7.835  4.359   1.000 45.416  0 139 PRO A CD   1 
ATOM   631 H  HA   . PRO A 1 43 ? -6.882  -7.052  4.122   1.000 48.932  0 139 PRO A HA   1 
ATOM   632 H  HB2  . PRO A 1 43 ? -7.985  -7.503  1.770   1.000 48.033  0 139 PRO A HB2  1 
ATOM   633 H  HB3  . PRO A 1 43 ? -7.645  -8.676  2.796   1.000 47.225  0 139 PRO A HB3  1 
ATOM   634 H  HG2  . PRO A 1 43 ? -10.154 -7.471  2.338   1.000 45.372  0 139 PRO A HG2  1 
ATOM   635 H  HG3  . PRO A 1 43 ? -9.861  -9.003  2.648   1.000 46.609  0 139 PRO A HG3  1 
ATOM   636 H  HD2  . PRO A 1 43 ? -10.753 -7.415  4.491   1.000 45.851  0 139 PRO A HD2  1 
ATOM   637 H  HD3  . PRO A 1 43 ? -9.853  -8.667  4.866   1.000 46.296  0 139 PRO A HD3  1 
ATOM   638 N  N    . TRP A 1 44 ? -6.488  -5.003  2.752   1.000 38.983  0 140 TRP A N    1 
ATOM   639 C  CA   . TRP A 1 44 ? -6.260  -3.762  2.040   1.000 42.286  0 140 TRP A CA   1 
ATOM   640 C  C    . TRP A 1 44 ? -6.611  -3.938  0.573   1.000 42.741  0 140 TRP A C    1 
ATOM   641 O  O    . TRP A 1 44 ? -6.029  -4.775  -0.117  1.000 37.832  0 140 TRP A O    1 
ATOM   642 C  CB   . TRP A 1 44 ? -4.819  -3.283  2.165   1.000 38.499  0 140 TRP A CB   1 
ATOM   643 C  CG   . TRP A 1 44 ? -4.647  -1.918  1.578   1.000 41.250  0 140 TRP A CG   1 
ATOM   644 C  CD1  . TRP A 1 44 ? -5.174  -0.753  2.043   1.000 45.717  0 140 TRP A CD1  1 
ATOM   645 C  CD2  . TRP A 1 44 ? -3.959  -1.585  0.365   1.000 38.479  0 140 TRP A CD2  1 
ATOM   646 N  NE1  . TRP A 1 44 ? -4.824  0.289   1.224   1.000 41.501  0 140 TRP A NE1  1 
ATOM   647 C  CE2  . TRP A 1 44 ? -4.064  -0.189  0.195   1.000 38.920  0 140 TRP A CE2  1 
ATOM   648 C  CE3  . TRP A 1 44 ? -3.222  -2.324  -0.566  1.000 33.823  0 140 TRP A CE3  1 
ATOM   649 C  CZ2  . TRP A 1 44 ? -3.508  0.475   -0.895  1.000 37.878  0 140 TRP A CZ2  1 
ATOM   650 C  CZ3  . TRP A 1 44 ? -2.668  -1.664  -1.644  1.000 36.559  0 140 TRP A CZ3  1 
ATOM   651 C  CH2  . TRP A 1 44 ? -2.795  -0.278  -1.790  1.000 37.506  0 140 TRP A CH2  1 
ATOM   652 H  H    . TRP A 1 44 ? -5.691  -5.589  2.958   1.000 41.361  0 140 TRP A H    1 
ATOM   653 H  HA   . TRP A 1 44 ? -6.845  -3.072  2.432   1.000 42.778  0 140 TRP A HA   1 
ATOM   654 H  HB2  . TRP A 1 44 ? -4.571  -3.271  3.109   1.000 40.407  0 140 TRP A HB2  1 
ATOM   655 H  HB3  . TRP A 1 44 ? -4.234  -3.916  1.701   1.000 38.751  0 140 TRP A HB3  1 
ATOM   656 H  HD1  . TRP A 1 44 ? -5.685  -0.664  2.832   1.000 42.788  0 140 TRP A HD1  1 
ATOM   657 H  HE1  . TRP A 1 44 ? -5.044  1.124   1.351   1.000 41.358  0 140 TRP A HE1  1 
ATOM   658 H  HE3  . TRP A 1 44 ? -3.130  -3.258  -0.472  1.000 34.600  0 140 TRP A HE3  1 
ATOM   659 H  HZ2  . TRP A 1 44 ? -3.595  1.406   -0.996  1.000 38.204  0 140 TRP A HZ2  1 
ATOM   660 H  HZ3  . TRP A 1 44 ? -2.168  -2.150  -2.279  1.000 37.418  0 140 TRP A HZ3  1 
ATOM   661 H  HH2  . TRP A 1 44 ? -2.399  0.145   -2.532  1.000 37.369  0 140 TRP A HH2  1 
ATOM   662 N  N    . GLN A 1 45 ? -7.528  -3.089  0.105   1.000 41.570  0 141 GLN A N    1 
ATOM   663 C  CA   . GLN A 1 45 ? -7.912  -3.061  -1.290  1.000 40.063  0 141 GLN A CA   1 
ATOM   664 C  C    . GLN A 1 45 ? -7.277  -1.846  -1.958  1.000 37.098  0 141 GLN A C    1 
ATOM   665 O  O    . GLN A 1 45 ? -7.417  -0.720  -1.489  1.000 40.080  0 141 GLN A O    1 
ATOM   666 C  CB   . GLN A 1 45 ? -9.432  -2.996  -1.390  1.000 41.901  0 141 GLN A CB   1 
ATOM   667 C  CG   . GLN A 1 45 ? -10.082 -4.235  -0.828  1.000 47.824  0 141 GLN A CG   1 
ATOM   668 C  CD   . GLN A 1 45 ? -11.566 -4.201  -1.009  1.000 51.612  0 141 GLN A CD   1 
ATOM   669 O  OE1  . GLN A 1 45 ? -12.310 -4.252  -0.039  1.000 71.206  0 141 GLN A OE1  1 
ATOM   670 N  NE2  . GLN A 1 45 ? -12.000 -4.099  -2.253  1.000 56.707  0 141 GLN A NE2  1 
ATOM   671 H  H    . GLN A 1 45 ? -7.974  -2.444  0.741   1.000 40.443  0 141 GLN A H    1 
ATOM   672 H  HA   . GLN A 1 45 ? -7.592  -3.882  -1.729  1.000 40.715  0 141 GLN A HA   1 
ATOM   673 H  HB2  . GLN A 1 45 ? -9.749  -2.209  -0.899  1.000 43.160  0 141 GLN A HB2  1 
ATOM   674 H  HB3  . GLN A 1 45 ? -9.683  -2.891  -2.332  1.000 42.649  0 141 GLN A HB3  1 
ATOM   675 H  HG2  . GLN A 1 45 ? -9.719  -5.027  -1.278  1.000 46.113  0 141 GLN A HG2  1 
ATOM   676 H  HG3  . GLN A 1 45 ? -9.875  -4.307  0.128   1.000 47.736  0 141 GLN A HG3  1 
ATOM   677 H  HE21 . GLN A 1 45 ? -11.471 -4.318  -2.927  1.000 55.018  0 141 GLN A HE21 1 
ATOM   678 H  HE22 . GLN A 1 45 ? -12.821 -3.812  -2.412  1.000 55.368  0 141 GLN A HE22 1 
ATOM   679 N  N    . CYS A 1 46 ? -6.603  -2.091  -3.083  1.000 33.664  0 142 CYS A N    1 
ATOM   680 C  CA   . CYS A 1 46 ? -5.935  -1.038  -3.819  1.000 33.219  0 142 CYS A CA   1 
ATOM   681 C  C    . CYS A 1 46 ? -6.968  -0.145  -4.520  1.000 33.358  0 142 CYS A C    1 
ATOM   682 O  O    . CYS A 1 46 ? -8.156  -0.430  -4.533  1.000 35.465  0 142 CYS A O    1 
ATOM   683 C  CB   . CYS A 1 46 ? -4.976  -1.634  -4.841  1.000 34.192  0 142 CYS A CB   1 
ATOM   684 S  SG   . CYS A 1 46 ? -5.749  -2.307  -6.352  1.000 35.279  0 142 CYS A SG   1 
ATOM   685 H  H    . CYS A 1 46 ? -6.558  -3.035  -3.439  1.000 33.600  0 142 CYS A H    1 
ATOM   686 H  HA   . CYS A 1 46 ? -5.420  -0.494  -3.179  1.000 34.469  0 142 CYS A HA   1 
ATOM   687 H  HB2  . CYS A 1 46 ? -4.339  -0.948  -5.106  1.000 34.875  0 142 CYS A HB2  1 
ATOM   688 H  HB3  . CYS A 1 46 ? -4.471  -2.351  -4.411  1.000 33.749  0 142 CYS A HB3  1 
ATOM   689 N  N    . PRO A 1 47 ? -6.546  0.984   -5.102  1.000 34.970  0 143 PRO A N    1 
ATOM   690 C  CA   . PRO A 1 47 ? -7.474  1.880   -5.802  1.000 40.867  0 143 PRO A CA   1 
ATOM   691 C  C    . PRO A 1 47 ? -8.329  1.251   -6.901  1.000 36.951  0 143 PRO A C    1 
ATOM   692 O  O    . PRO A 1 47 ? -9.496  1.588   -7.045  1.000 39.745  0 143 PRO A O    1 
ATOM   693 C  CB   . PRO A 1 47 ? -6.518  2.920   -6.391  1.000 43.181  0 143 PRO A CB   1 
ATOM   694 C  CG   . PRO A 1 47 ? -5.418  3.008   -5.339  1.000 40.083  0 143 PRO A CG   1 
ATOM   695 C  CD   . PRO A 1 47 ? -5.214  1.576   -4.906  1.000 44.389  0 143 PRO A CD   1 
ATOM   696 H  HA   . PRO A 1 47 ? -8.060  2.320   -5.135  1.000 40.188  0 143 PRO A HA   1 
ATOM   697 H  HB2  . PRO A 1 47 ? -6.158  2.623   -7.254  1.000 42.273  0 143 PRO A HB2  1 
ATOM   698 H  HB3  . PRO A 1 47 ? -6.964  3.785   -6.509  1.000 42.926  0 143 PRO A HB3  1 
ATOM   699 H  HG2  . PRO A 1 47 ? -4.597  3.379   -5.721  1.000 41.859  0 143 PRO A HG2  1 
ATOM   700 H  HG3  . PRO A 1 47 ? -5.699  3.564   -4.584  1.000 41.329  0 143 PRO A HG3  1 
ATOM   701 H  HD2  . PRO A 1 47 ? -4.546  1.134   -5.460  1.000 41.550  0 143 PRO A HD2  1 
ATOM   702 H  HD3  . PRO A 1 47 ? -4.940  1.528   -3.972  1.000 43.319  0 143 PRO A HD3  1 
ATOM   703 N  N    . VAL A 1 48 ? -7.755  0.321   -7.659  1.000 34.247  0 144 VAL A N    1 
ATOM   704 C  CA   . VAL A 1 48 ? -8.512  -0.353  -8.699  1.000 36.893  0 144 VAL A CA   1 
ATOM   705 C  C    . VAL A 1 48 ? -9.538  -1.291  -8.065  1.000 38.327  0 144 VAL A C    1 
ATOM   706 O  O    . VAL A 1 48 ? -10.708 -1.263  -8.439  1.000 36.560  0 144 VAL A O    1 
ATOM   707 C  CB   . VAL A 1 48 ? -7.593  -1.089  -9.684  1.000 42.397  0 144 VAL A CB   1 
ATOM   708 C  CG1  . VAL A 1 48 ? -8.394  -1.967  -10.644 1.000 45.483  0 144 VAL A CG1  1 
ATOM   709 C  CG2  . VAL A 1 48 ? -6.698  -0.094  -10.431 1.000 53.073  0 144 VAL A CG2  1 
ATOM   710 H  H    . VAL A 1 48 ? -6.784  0.081   -7.520  1.000 35.769  0 144 VAL A H    1 
ATOM   711 H  HA   . VAL A 1 48 ? -9.000  0.326   -9.200  1.000 37.069  0 144 VAL A HA   1 
ATOM   712 H  HB   . VAL A 1 48 ? -7.007  -1.682  -9.153  1.000 42.987  0 144 VAL A HB   1 
ATOM   713 H  HG11 . VAL A 1 48 ? -8.778  -2.721  -10.158 1.000 44.261  0 144 VAL A HG11 1 
ATOM   714 H  HG12 . VAL A 1 48 ? -7.805  -2.302  -11.345 1.000 44.544  0 144 VAL A HG12 1 
ATOM   715 H  HG13 . VAL A 1 48 ? -9.109  -1.440  -11.045 1.000 45.534  0 144 VAL A HG13 1 
ATOM   716 H  HG21 . VAL A 1 48 ? -7.244  0.616   -10.810 1.000 51.682  0 144 VAL A HG21 1 
ATOM   717 H  HG22 . VAL A 1 48 ? -6.225  -0.555  -11.147 1.000 50.612  0 144 VAL A HG22 1 
ATOM   718 H  HG23 . VAL A 1 48 ? -6.051  0.290   -9.813  1.000 50.543  0 144 VAL A HG23 1 
ATOM   719 N  N    . CYS A 1 49 ? -9.113  -2.159  -7.133  1.000 32.771  0 145 CYS A N    1 
ATOM   720 C  CA   . CYS A 1 49 ? -10.048 -3.071  -6.480  1.000 38.992  0 145 CYS A CA   1 
ATOM   721 C  C    . CYS A 1 49 ? -11.131 -2.297  -5.734  1.000 37.343  0 145 CYS A C    1 
ATOM   722 O  O    . CYS A 1 49 ? -12.302 -2.701  -5.758  1.000 42.425  0 145 CYS A O    1 
ATOM   723 C  CB   . CYS A 1 49 ? -9.306  -4.076  -5.599  1.000 37.320  0 145 CYS A CB   1 
ATOM   724 S  SG   . CYS A 1 49 ? -8.299  -5.182  -6.622  1.000 41.284  0 145 CYS A SG   1 
ATOM   725 H  H    . CYS A 1 49 ? -8.137  -2.189  -6.879  1.000 34.244  0 145 CYS A H    1 
ATOM   726 H  HA   . CYS A 1 49 ? -10.493 -3.583  -7.195  1.000 36.991  0 145 CYS A HA   1 
ATOM   727 H  HB2  . CYS A 1 49 ? -8.725  -3.600  -4.970  1.000 38.857  0 145 CYS A HB2  1 
ATOM   728 H  HB3  . CYS A 1 49 ? -9.950  -4.606  -5.087  1.000 36.829  0 145 CYS A HB3  1 
ATOM   729 N  N    . ARG A 1 50 ? -10.796 -1.141  -5.153  1.000 38.876  0 146 ARG A N    1 
ATOM   730 C  CA   . ARG A 1 50 ? -11.822 -0.363  -4.465  1.000 43.046  0 146 ARG A CA   1 
ATOM   731 C  C    . ARG A 1 50 ? -12.861 0.203   -5.436  1.000 43.397  0 146 ARG A C    1 
ATOM   732 O  O    . ARG A 1 50 ? -14.023 0.332   -5.060  1.000 49.508  0 146 ARG A O    1 
ATOM   733 C  CB   . ARG A 1 50 ? -11.215 0.756   -3.615  1.000 43.339  0 146 ARG A CB   1 
ATOM   734 C  CG   . ARG A 1 50 ? -10.943 0.329   -2.184  1.000 50.767  0 146 ARG A CG   1 
ATOM   735 C  CD   . ARG A 1 50 ? -10.683 1.440   -1.193  1.000 58.199  0 146 ARG A CD   1 
ATOM   736 N  NE   . ARG A 1 50 ? -11.868 2.252   -0.933  1.000 72.301  0 146 ARG A NE   1 
ATOM   737 C  CZ   . ARG A 1 50 ? -11.925 3.265   -0.072  1.000 66.805  0 146 ARG A CZ   1 
ATOM   738 N  NH1  . ARG A 1 50 ? -10.866 3.571   0.660   1.000 75.546  0 146 ARG A NH1  1 
ATOM   739 N  NH2  . ARG A 1 50 ? -13.048 3.954   0.072   1.000 74.763  0 146 ARG A NH2  1 
ATOM   740 H  H    . ARG A 1 50 ? -9.844  -0.807  -5.176  1.000 39.623  0 146 ARG A H    1 
ATOM   741 H  HA   . ARG A 1 50 ? -12.294 -0.978  -3.856  1.000 42.075  0 146 ARG A HA   1 
ATOM   742 H  HB2  . ARG A 1 50 ? -10.375 1.048   -4.026  1.000 43.518  0 146 ARG A HB2  1 
ATOM   743 H  HB3  . ARG A 1 50 ? -11.830 1.519   -3.607  1.000 44.194  0 146 ARG A HB3  1 
ATOM   744 H  HG2  . ARG A 1 50 ? -11.711 -0.190  -1.862  1.000 50.918  0 146 ARG A HG2  1 
ATOM   745 H  HG3  . ARG A 1 50 ? -10.167 -0.270  -2.180  1.000 49.108  0 146 ARG A HG3  1 
ATOM   746 H  HD2  . ARG A 1 50 ? -10.377 1.048   -0.350  1.000 59.709  0 146 ARG A HD2  1 
ATOM   747 H  HD3  . ARG A 1 50 ? -9.967  2.017   -1.536  1.000 57.894  0 146 ARG A HD3  1 
ATOM   748 H  HE   . ARG A 1 50 ? -12.584 2.084   -1.402  1.000 70.929  0 146 ARG A HE   1 
ATOM   749 H  HH11 . ARG A 1 50 ? -10.116 3.122   0.565   1.000 77.000  0 146 ARG A HH11 1 
ATOM   750 H  HH12 . ARG A 1 50 ? -10.908 4.237   1.232   1.000 76.776  0 146 ARG A HH12 1 
ATOM   751 H  HH21 . ARG A 1 50 ? -13.087 4.614   0.655   1.000 73.438  0 146 ARG A HH21 1 
ATOM   752 H  HH22 . ARG A 1 50 ? -13.757 3.744   -0.406  1.000 73.241  0 146 ARG A HH22 1 
ATOM   753 N  N    . SER A 1 51 ? -12.457 0.532   -6.669  1.000 39.018  0 147 SER A N    1 
ATOM   754 C  CA   . SER A 1 51 ? -13.244 1.379   -7.565  1.000 41.309  0 147 SER A CA   1 
ATOM   755 C  C    . SER A 1 51 ? -14.002 0.574   -8.629  1.000 44.055  0 147 SER A C    1 
ATOM   756 O  O    . SER A 1 51 ? -15.032 1.039   -9.122  1.000 49.744  0 147 SER A O    1 
ATOM   757 C  CB   . SER A 1 51 ? -12.372 2.460   -8.208  1.000 38.555  0 147 SER A CB   1 
ATOM   758 O  OG   . SER A 1 51 ? -11.357 1.911   -9.048  1.000 40.301  0 147 SER A OG   1 
ATOM   759 H  H    . SER A 1 51 ? -11.563 0.201   -6.992  1.000 40.709  0 147 SER A H    1 
ATOM   760 H  HA   . SER A 1 51 ? -13.925 1.842   -7.009  1.000 40.057  0 147 SER A HA   1 
ATOM   761 H  HB2  . SER A 1 51 ? -12.943 3.059   -8.738  1.000 38.488  0 147 SER A HB2  1 
ATOM   762 H  HB3  . SER A 1 51 ? -11.949 2.995   -7.497  1.000 39.282  0 147 SER A HB3  1 
ATOM   763 H  HG   . SER A 1 51 ? -11.793 1.902   -9.839  0.000 48.710  0 147 SER A HG   1 
ATOM   764 N  N    . ILE A 1 52 ? -13.517 -0.623  -8.991  1.000 37.040  0 148 ILE A N    1 
ATOM   765 C  CA   . ILE A 1 52 ? -14.037 -1.364  -10.122 1.000 40.490  0 148 ILE A CA   1 
ATOM   766 C  C    . ILE A 1 52 ? -15.378 -2.022  -9.768  1.000 46.371  0 148 ILE A C    1 
ATOM   767 O  O    . ILE A 1 52 ? -15.662 -2.355  -8.615  1.000 44.657  0 148 ILE A O    1 
ATOM   768 C  CB   . ILE A 1 52 ? -12.971 -2.367  -10.612 1.000 40.059  0 148 ILE A CB   1 
ATOM   769 C  CG1  . ILE A 1 52 ? -13.238 -2.806  -12.045 1.000 48.444  0 148 ILE A CG1  1 
ATOM   770 C  CG2  . ILE A 1 52 ? -12.804 -3.559  -9.668  1.000 40.411  0 148 ILE A CG2  1 
ATOM   771 C  CD1  . ILE A 1 52 ? -12.039 -3.365  -12.747 1.000 53.173  0 148 ILE A CD1  1 
ATOM   772 H  H    . ILE A 1 52 ? -12.759 -1.024  -8.462  1.000 38.521  0 148 ILE A H    1 
ATOM   773 H  HA   . ILE A 1 52 ? -14.197 -0.728  -10.842 1.000 41.242  0 148 ILE A HA   1 
ATOM   774 H  HB   . ILE A 1 52 ? -12.109 -1.882  -10.619 1.000 40.012  0 148 ILE A HB   1 
ATOM   775 H  HG12 . ILE A 1 52 ? -13.945 -3.486  -12.039 1.000 47.831  0 148 ILE A HG12 1 
ATOM   776 H  HG13 . ILE A 1 52 ? -13.567 -2.036  -12.554 1.000 46.902  0 148 ILE A HG13 1 
ATOM   777 H  HG21 . ILE A 1 52 ? -13.466 -4.239  -9.880  1.000 41.143  0 148 ILE A HG21 1 
ATOM   778 H  HG22 . ILE A 1 52 ? -12.925 -3.269  -8.748  1.000 39.999  0 148 ILE A HG22 1 
ATOM   779 H  HG23 . ILE A 1 52 ? -11.912 -3.935  -9.773  1.000 39.835  0 148 ILE A HG23 1 
ATOM   780 H  HD11 . ILE A 1 52 ? -11.730 -4.160  -12.279 1.000 52.961  0 148 ILE A HD11 1 
ATOM   781 H  HD12 . ILE A 1 52 ? -11.329 -2.700  -12.758 1.000 52.378  0 148 ILE A HD12 1 
ATOM   782 H  HD13 . ILE A 1 52 ? -12.277 -3.599  -13.660 1.000 51.981  0 148 ILE A HD13 1 
ATOM   783 N  N    . LYS A 1 53 ? -16.223 -2.162  -10.797 1.000 41.451  0 149 LYS A N    1 
ATOM   784 C  CA   . LYS A 1 53 ? -17.518 -2.815  -10.693 1.000 51.935  0 149 LYS A CA   1 
ATOM   785 C  C    . LYS A 1 53 ? -17.350 -4.306  -10.417 1.000 49.208  0 149 LYS A C    1 
ATOM   786 O  O    . LYS A 1 53 ? -16.573 -4.962  -11.108 1.000 55.226  0 149 LYS A O    1 
ATOM   787 C  CB   . LYS A 1 53 ? -18.285 -2.615  -12.011 1.000 52.422  0 149 LYS A CB   1 
ATOM   788 H  H    . LYS A 1 53 ? -15.945 -1.801  -11.699 1.000 43.302  0 149 LYS A H    1 
ATOM   789 H  HA   . LYS A 1 53 ? -18.022 -2.401  -9.956  1.000 51.056  0 149 LYS A HA   1 
ATOM   790 H  HB2  . LYS A 1 53 ? -19.130 -3.108  -11.957 1.000 52.714  0 149 LYS A HB2  1 
ATOM   791 H  HB3  . LYS A 1 53 ? -18.456 -1.604  -11.991 0.000 52.050  0 149 LYS A HB3  1 
ATOM   792 N  N    . LYS A 1 54 ? -18.114 -4.804  -9.429  1.000 62.631  0 150 LYS A N    1 
ATOM   793 C  CA   . LYS A 1 54 ? -18.380 -6.222  -9.198  1.000 68.808  0 150 LYS A CA   1 
ATOM   794 C  C    . LYS A 1 54 ? -17.154 -7.049  -9.590  1.000 65.895  0 150 LYS A C    1 
ATOM   795 O  O    . LYS A 1 54 ? -16.300 -7.230  -8.699  1.000 90.114  0 150 LYS A O    1 
ATOM   796 C  CB   . LYS A 1 54 ? -19.647 -6.688  -9.940  1.000 67.234  0 150 LYS A CB   1 
ATOM   797 H  H    . LYS A 1 54 ? -18.538 -4.145  -8.791  1.000 61.835  0 150 LYS A H    1 
ATOM   798 H  HA   . LYS A 1 54 ? -18.531 -6.343  -8.232  1.000 68.849  0 150 LYS A HA   1 
ATOM   799 H  HB2  . LYS A 1 54 ? -19.736 -7.657  -9.825  1.000 67.800  0 150 LYS A HB2  1 
ATOM   800 H  HB3  . LYS A 1 54 ? -20.208 -6.107  -9.732  0.000 70.640  0 150 LYS A HB3  1 
HETATM 801 ZN ZN   . ZN  B 2 .  ? -6.156  -4.592  -6.134  1.000 36.794  0 201 ZN  A ZN   1 
HETATM 802 ZN ZN   . ZN  C 2 .  ? 17.095  6.563   0.086   1.000 40.946  0 202 ZN  A ZN   1 
HETATM 803 O  O    . HOH D 3 .  ? -3.340  -5.991  4.571   1.000 48.253  0 301 HOH A O    1 
HETATM 804 O  O    . HOH D 3 .  ? -11.294 -4.902  2.745   1.000 63.559  0 302 HOH A O    1 
HETATM 805 O  O    . HOH D 3 .  ? -5.535  -12.701 -5.113  1.000 52.551  0 303 HOH A O    1 
HETATM 806 O  O    . HOH D 3 .  ? 5.432   -3.919  6.099   0.490 50.056  0 304 HOH A O    1 
HETATM 807 O  O    . HOH D 3 .  ? 18.305  -1.445  4.890   1.000 38.087  0 305 HOH A O    1 
HETATM 808 O  O    . HOH D 3 .  ? 7.820   2.881   -2.558  1.000 39.666  0 306 HOH A O    1 
HETATM 809 O  O    . HOH D 3 .  ? 3.000   -8.918  -5.632  1.000 44.855  0 307 HOH A O    1 
HETATM 810 O  O    . HOH D 3 .  ? -1.526  -10.491 1.633   1.000 33.059  0 308 HOH A O    1 
HETATM 811 O  O    . HOH D 3 .  ? -8.950  -1.494  1.856   1.000 48.899  0 309 HOH A O    1 
HETATM 812 O  O    . HOH D 3 .  ? 11.199  0.672   7.426   1.000 41.699  0 310 HOH A O    1 
HETATM 813 O  O    . HOH D 3 .  ? -8.167  1.194   0.457   1.000 58.292  0 311 HOH A O    1 
HETATM 814 O  O    . HOH D 3 .  ? 19.948  0.897   2.652   1.000 40.128  0 312 HOH A O    1 
HETATM 815 O  O    . HOH D 3 .  ? -5.689  -4.216  -10.955 1.000 61.884  0 313 HOH A O    1 
HETATM 816 O  O    . HOH D 3 .  ? 7.029   5.498   -1.948  1.000 44.994  0 314 HOH A O    1 
HETATM 817 O  O    . HOH D 3 .  ? 8.075   5.165   0.713   1.000 41.375  0 315 HOH A O    1 
HETATM 818 O  O    . HOH D 3 .  ? 13.863  -4.614  5.238   1.000 42.872  0 316 HOH A O    1 
HETATM 819 O  O    . HOH D 3 .  ? 3.702   -1.467  8.479   0.500 67.033  0 317 HOH A O    1 
HETATM 820 O  O    . HOH D 3 .  ? 25.931  6.393   4.090   1.000 65.408  0 318 HOH A O    1 
HETATM 821 O  O    . HOH D 3 .  ? -2.356  -12.198 -8.443  0.333 62.384  0 319 HOH A O    1 
HETATM 822 O  O    . HOH D 3 .  ? 26.862  8.196   5.837   1.000 66.281  0 320 HOH A O    1 
HETATM 823 O  O    . HOH D 3 .  ? 10.546  3.521   -3.473  0.500 34.949  0 321 HOH A O    1 
HETATM 824 O  O    . HOH D 3 .  ? 2.255   -11.706 -5.597  0.260 39.743  0 322 HOH A O    1 
HETATM 825 O  O    . HOH D 3 .  ? 13.852  -5.714  2.456   1.000 56.575  0 323 HOH A O    1 
HETATM 826 O  O    . HOH D 3 .  ? -10.686 -7.389  -6.201  1.000 62.566  0 324 HOH A O    1 
HETATM 827 O  O    . HOH D 3 .  ? 2.580   -10.448 -1.038  1.000 44.897  0 325 HOH A O    1 
# 
loop_
_atom_site_anisotrop.id 
_atom_site_anisotrop.type_symbol 
_atom_site_anisotrop.pdbx_label_atom_id 
_atom_site_anisotrop.pdbx_label_alt_id 
_atom_site_anisotrop.pdbx_label_comp_id 
_atom_site_anisotrop.pdbx_label_asym_id 
_atom_site_anisotrop.pdbx_label_seq_id 
_atom_site_anisotrop.pdbx_PDB_ins_code 
_atom_site_anisotrop.U[1][1] 
_atom_site_anisotrop.U[2][2] 
_atom_site_anisotrop.U[3][3] 
_atom_site_anisotrop.U[1][2] 
_atom_site_anisotrop.U[1][3] 
_atom_site_anisotrop.U[2][3] 
_atom_site_anisotrop.pdbx_auth_seq_id 
_atom_site_anisotrop.pdbx_auth_comp_id 
_atom_site_anisotrop.pdbx_auth_asym_id 
_atom_site_anisotrop.pdbx_auth_atom_id 
1   N  N    . GLY A 1  ? 0.4269 0.6246 0.6145 -0.0884 -0.2066 0.1993  97  GLY A N    
2   C  CA   . GLY A 1  ? 0.3523 0.6310 0.4947 -0.0196 -0.1217 0.1732  97  GLY A CA   
3   C  C    . GLY A 1  ? 0.4512 0.4993 0.5295 0.0304  -0.1697 0.0404  97  GLY A C    
4   O  O    . GLY A 1  ? 0.3677 0.4920 0.5263 0.0687  -0.0639 0.0214  97  GLY A O    
5   H  H1   . GLY A 1  ? 0.4100 0.6285 0.5895 -0.0600 -0.1713 0.1914  97  GLY A H1   
6   H  H2   . GLY A 1  ? 0.4084 0.6276 0.5801 -0.0609 -0.1775 0.1856  97  GLY A H2   
7   H  H3   . GLY A 1  ? 0.4201 0.6298 0.5971 -0.0560 -0.1891 0.1798  97  GLY A H3   
8   H  HA2  . GLY A 1  ? 0.3907 0.5939 0.4933 -0.0198 -0.1516 0.1581  97  GLY A HA2  
9   H  HA3  . GLY A 1  ? 0.3922 0.6049 0.5258 -0.0233 -0.1529 0.1543  97  GLY A HA3  
10  N  N    . SER A 2  ? 0.3897 0.4810 0.3462 -0.0082 -0.0849 0.0732  98  SER A N    
11  C  CA   . SER A 2  ? 0.3674 0.4589 0.4826 0.0259  -0.0568 0.0914  98  SER A CA   
12  C  C    . SER A 2  ? 0.3436 0.4598 0.3776 0.0041  -0.0749 0.0100  98  SER A C    
13  O  O    . SER A 2  ? 0.3623 0.4426 0.4051 0.0180  -0.1013 0.0148  98  SER A O    
14  C  CB   . SER A 2  ? 0.4766 0.5573 0.4281 0.0816  0.0140  0.0743  98  SER A CB   
15  O  OG   . SER A 2  ? 0.6117 0.5559 0.4174 0.0467  -0.0782 -0.0726 98  SER A OG   
16  H  H    . SER A 2  ? 0.3927 0.4763 0.4109 0.0064  -0.0951 0.0733  98  SER A H    
17  H  HA   . SER A 2  ? 0.3869 0.4817 0.4554 0.0236  -0.0558 0.0579  98  SER A HA   
18  H  HB2  . SER A 2  ? 0.4826 0.5378 0.4417 0.0679  -0.0299 0.0453  98  SER A HB2  
19  H  HB3  . SER A 2  ? 0.4764 0.5322 0.4444 0.0612  -0.0279 0.0450  98  SER A HB3  
20  H  HG   . SER A 2  ? 0.6270 0.6270 0.6270 0.0000  0.0000  0.0000  98  SER A HG   
21  N  N    . MET A 3  ? 0.3566 0.4436 0.3848 0.0155  -0.0828 0.0846  99  MET A N    
22  C  CA   . MET A 3  ? 0.2973 0.4433 0.4213 0.0538  -0.0532 0.0581  99  MET A CA   
23  C  C    . MET A 3  ? 0.3633 0.4438 0.4329 0.0301  -0.0738 0.0513  99  MET A C    
24  O  O    . MET A 3  ? 0.4019 0.4298 0.4263 -0.0416 -0.1190 0.0432  99  MET A O    
25  C  CB   . MET A 3  ? 0.3182 0.4474 0.4774 0.0768  -0.0309 -0.0019 99  MET A CB   
26  C  CG   . MET A 3  ? 0.4584 0.5275 0.6721 0.0038  -0.0483 0.1243  99  MET A CG   
27  S  SD   . MET A 3  ? 0.6290 0.9162 0.8528 0.0137  -0.0611 -0.1213 99  MET A SD   
28  C  CE   . MET A 3  ? 0.4411 0.7232 0.5537 -0.0009 -0.0377 0.0039  99  MET A CE   
29  H  H    . MET A 3  ? 0.3412 0.4330 0.3869 0.0265  -0.0760 0.0732  99  MET A H    
30  H  HA   . MET A 3  ? 0.3258 0.4402 0.4190 0.0443  -0.0600 0.0544  99  MET A HA   
31  H  HB2  . MET A 3  ? 0.3393 0.4699 0.5098 0.0534  -0.0398 0.0326  99  MET A HB2  
32  H  HB3  . MET A 3  ? 0.3249 0.4794 0.5046 0.0508  -0.0446 0.0361  99  MET A HB3  
33  H  HG2  . MET A 3  ? 0.4381 0.5958 0.6130 0.0474  -0.0419 -0.0143 99  MET A HG2  
34  H  HG3  . MET A 3  ? 0.4543 0.5746 0.6372 0.0333  -0.0384 0.0283  99  MET A HG3  
35  H  HE1  . MET A 3  ? 0.4421 0.7257 0.5652 0.0048  -0.0416 0.0007  99  MET A HE1  
36  H  HE2  . MET A 3  ? 0.4595 0.7142 0.5862 0.0068  -0.0446 -0.0087 99  MET A HE2  
37  H  HE3  . MET A 3  ? 0.4568 0.7282 0.5560 0.0073  -0.0466 -0.0104 99  MET A HE3  
38  N  N    . ASP A 4  ? 0.3377 0.4269 0.4094 0.0297  -0.0904 0.0585  100 ASP A N    
39  C  CA   . ASP A 4  ? 0.3438 0.4349 0.4463 -0.0094 -0.0667 0.0319  100 ASP A CA   
40  C  C    . ASP A 4  ? 0.3676 0.3927 0.4147 0.0315  -0.0833 0.0042  100 ASP A C    
41  O  O    . ASP A 4  ? 0.3476 0.4211 0.4523 0.0234  -0.1099 -0.0004 100 ASP A O    
42  C  CB   . ASP A 4  ? 0.4888 0.4137 0.5585 0.0172  0.0712  -0.0528 100 ASP A CB   
43  C  CG   . ASP A 4  ? 0.6442 0.7858 0.6020 0.0173  0.1095  0.0258  100 ASP A CG   
44  O  OD1  . ASP A 4  ? 0.9217 0.9737 0.5946 0.2517  -0.0516 0.1431  100 ASP A OD1  
45  O  OD2  . ASP A 4  ? 1.7651 0.7845 0.5954 -0.0637 0.2127  0.0539  100 ASP A OD2  
46  H  H    . ASP A 4  ? 0.3440 0.4204 0.4175 0.0245  -0.0813 0.0588  100 ASP A H    
47  H  HA   . ASP A 4  ? 0.3731 0.4177 0.4472 0.0123  -0.0548 0.0206  100 ASP A HA   
48  H  HB2  . ASP A 4  ? 0.4967 0.4867 0.5546 -0.0032 0.0502  -0.0260 100 ASP A HB2  
49  H  HB3  . ASP A 4  ? 0.4750 0.4293 0.5397 -0.0100 0.0377  -0.0237 100 ASP A HB3  
50  N  N    . TRP A 5  ? 0.3558 0.3881 0.4491 0.0310  -0.0923 -0.0050 101 TRP A N    
51  C  CA   . TRP A 5  ? 0.3413 0.4166 0.3741 -0.0063 -0.0509 0.0125  101 TRP A CA   
52  C  C    . TRP A 5  ? 0.4457 0.4245 0.4718 0.0228  -0.0579 -0.0407 101 TRP A C    
53  O  O    . TRP A 5  ? 0.4052 0.4286 0.4501 0.0154  -0.1327 -0.0361 101 TRP A O    
54  C  CB   . TRP A 5  ? 0.3901 0.3665 0.3744 0.0064  -0.0284 -0.0472 101 TRP A CB   
55  C  CG   . TRP A 5  ? 0.4356 0.4278 0.4066 -0.0221 -0.0514 -0.0387 101 TRP A CG   
56  C  CD1  . TRP A 5  ? 0.5097 0.4191 0.3933 -0.0027 -0.0473 0.0029  101 TRP A CD1  
57  C  CD2  . TRP A 5  ? 0.3747 0.4630 0.4413 -0.0028 -0.0531 -0.0126 101 TRP A CD2  
58  N  NE1  . TRP A 5  ? 0.5288 0.3671 0.5121 -0.0529 -0.1263 0.0333  101 TRP A NE1  
59  C  CE2  . TRP A 5  ? 0.4100 0.4422 0.4428 0.0050  -0.0870 -0.0199 101 TRP A CE2  
60  C  CE3  . TRP A 5  ? 0.3926 0.5674 0.3950 -0.0406 -0.0292 0.0049  101 TRP A CE3  
61  C  CZ2  . TRP A 5  ? 0.4521 0.5181 0.4448 -0.0133 -0.0924 0.0027  101 TRP A CZ2  
62  C  CZ3  . TRP A 5  ? 0.4430 0.5381 0.4680 0.0362  -0.0633 0.0425  101 TRP A CZ3  
63  C  CH2  . TRP A 5  ? 0.3602 0.5480 0.4008 0.0233  -0.1139 0.0059  101 TRP A CH2  
64  H  H    . TRP A 5  ? 0.3579 0.3915 0.4225 0.0240  -0.0790 0.0049  101 TRP A H    
65  H  HA   . TRP A 5  ? 0.3711 0.3907 0.3952 0.0117  -0.0595 0.0012  101 TRP A HA   
66  H  HB2  . TRP A 5  ? 0.3917 0.3888 0.3835 -0.0040 -0.0395 -0.0299 101 TRP A HB2  
67  H  HB3  . TRP A 5  ? 0.3866 0.3773 0.3801 -0.0092 -0.0406 -0.0357 101 TRP A HB3  
68  H  HD1  . TRP A 5  ? 0.5082 0.4201 0.4297 -0.0104 -0.0539 0.0037  101 TRP A HD1  
69  H  HE1  . TRP A 5  ? 0.4805 0.3825 0.4530 -0.0338 -0.0870 0.0225  101 TRP A HE1  
70  H  HE3  . TRP A 5  ? 0.4045 0.5303 0.4252 -0.0127 -0.0471 0.0052  101 TRP A HE3  
71  H  HZ2  . TRP A 5  ? 0.4214 0.5062 0.4345 0.0006  -0.0938 -0.0057 101 TRP A HZ2  
72  H  HZ3  . TRP A 5  ? 0.4443 0.5485 0.4342 0.0311  -0.0614 0.0243  101 TRP A HZ3  
73  H  HH2  . TRP A 5  ? 0.3843 0.5258 0.3989 0.0199  -0.1176 0.0183  101 TRP A HH2  
74  N  N    . TYR A 6  ? 0.4288 0.3760 0.4242 -0.0094 -0.0914 0.0250  102 TYR A N    
75  C  CA   . TYR A 6  ? 0.4498 0.4222 0.3560 -0.0022 -0.0862 -0.0124 102 TYR A CA   
76  C  C    . TYR A 6  ? 0.4464 0.4435 0.4261 0.0031  -0.0801 -0.0346 102 TYR A C    
77  O  O    . TYR A 6  ? 0.4218 0.3839 0.4383 -0.0260 -0.0826 0.0125  102 TYR A O    
78  C  CB   . TYR A 6  ? 0.4949 0.4963 0.4117 -0.0899 -0.1415 -0.0099 102 TYR A CB   
79  C  CG   . TYR A 6  ? 0.5689 0.4316 0.3785 -0.0620 -0.0508 0.0094  102 TYR A CG   
80  C  CD1  . TYR A 6  ? 0.6392 0.5045 0.3972 0.0043  -0.0768 -0.0267 102 TYR A CD1  
81  C  CD2  . TYR A 6  ? 0.5972 0.4597 0.5751 -0.1499 -0.0691 0.0241  102 TYR A CD2  
82  C  CE1  . TYR A 6  ? 0.7558 0.5381 0.4771 -0.0437 -0.0476 -0.0616 102 TYR A CE1  
83  C  CE2  . TYR A 6  ? 0.6754 0.4892 0.6294 -0.0861 -0.0990 -0.0776 102 TYR A CE2  
84  C  CZ   . TYR A 6  ? 0.7507 0.5052 0.4672 -0.0983 -0.0400 -0.0275 102 TYR A CZ   
85  O  OH   . TYR A 6  ? 0.9023 0.5388 0.5659 -0.1890 -0.1153 -0.0546 102 TYR A OH   
86  H  H    . TYR A 6  ? 0.4310 0.3937 0.4143 0.0013  -0.0793 -0.0001 102 TYR A H    
87  H  HA   . TYR A 6  ? 0.4473 0.4203 0.3994 -0.0073 -0.0969 -0.0105 102 TYR A HA   
88  H  HB2  . TYR A 6  ? 0.5180 0.4654 0.3966 -0.0584 -0.1166 -0.0111 102 TYR A HB2  
89  H  HB3  . TYR A 6  ? 0.5204 0.4806 0.3909 -0.0789 -0.1046 -0.0094 102 TYR A HB3  
90  H  HD1  . TYR A 6  ? 0.6498 0.4914 0.4177 -0.0290 -0.0648 -0.0232 102 TYR A HD1  
91  H  HD2  . TYR A 6  ? 0.6257 0.4802 0.5310 -0.1297 -0.0821 0.0105  102 TYR A HD2  
92  H  HE1  . TYR A 6  ? 0.7174 0.5203 0.4583 -0.0517 -0.0577 -0.0401 102 TYR A HE1  
93  H  HE2  . TYR A 6  ? 0.6828 0.4864 0.5669 -0.0998 -0.0772 -0.0396 102 TYR A HE2  
94  H  HH   . TYR A 6  ? 0.7360 0.7360 0.7360 0.0000  0.0000  0.0000  102 TYR A HH   
95  N  N    . CYS A 7  ? 0.4816 0.4084 0.4100 -0.0395 -0.1089 -0.0615 103 CYS A N    
96  C  CA   . CYS A 7  ? 0.4378 0.4597 0.3865 -0.0146 -0.1204 -0.0213 103 CYS A CA   
97  C  C    . CYS A 7  ? 0.4491 0.4633 0.3906 -0.0889 -0.0347 0.0022  103 CYS A C    
98  O  O    . CYS A 7  ? 0.5744 0.4719 0.4387 -0.1311 -0.1059 -0.0267 103 CYS A O    
99  C  CB   . CYS A 7  ? 0.4743 0.4945 0.3941 0.0578  -0.0778 0.0064  103 CYS A CB   
100 S  SG   . CYS A 7  ? 0.4813 0.3858 0.4599 -0.0475 -0.1116 0.0377  103 CYS A SG   
101 H  H    . CYS A 7  ? 0.4718 0.4340 0.4072 -0.0310 -0.1049 -0.0430 103 CYS A H    
102 H  HA   . CYS A 7  ? 0.4538 0.4549 0.3983 -0.0225 -0.0910 -0.0162 103 CYS A HA   
103 H  HB2  . CYS A 7  ? 0.4910 0.4707 0.4203 0.0330  -0.0781 0.0186  103 CYS A HB2  
104 H  HB3  . CYS A 7  ? 0.4698 0.4529 0.4103 0.0225  -0.0894 0.0049  103 CYS A HB3  
105 N  N    . PHE A 8  ? 0.4066 0.4414 0.4320 -0.1111 -0.1076 0.0273  104 PHE A N    
106 C  CA   . PHE A 8  ? 0.5261 0.5263 0.5106 -0.1808 -0.1644 0.0703  104 PHE A CA   
107 C  C    . PHE A 8  ? 0.5429 0.5215 0.5327 -0.2162 -0.1587 0.0411  104 PHE A C    
108 O  O    . PHE A 8  ? 0.6417 0.6766 0.5417 -0.2812 -0.2625 0.0762  104 PHE A O    
109 C  CB   . PHE A 8  ? 0.4628 0.6380 0.5462 -0.1471 -0.1332 0.1437  104 PHE A CB   
110 C  CG   . PHE A 8  ? 0.6733 0.5245 0.5412 -0.1671 -0.1370 0.1283  104 PHE A CG   
111 C  CD1  . PHE A 8  ? 0.7873 0.5963 0.5664 -0.2860 -0.1832 0.1471  104 PHE A CD1  
112 C  CD2  . PHE A 8  ? 0.3882 0.4068 0.5741 -0.0039 -0.0442 0.0596  104 PHE A CD2  
113 C  CE1  . PHE A 8  ? 0.6298 0.7662 0.4560 -0.2990 -0.2615 0.1190  104 PHE A CE1  
114 C  CE2  . PHE A 8  ? 0.5315 0.5993 0.4872 -0.0657 0.0232  0.0375  104 PHE A CE2  
115 C  CZ   . PHE A 8  ? 0.6053 0.5314 0.5663 -0.1483 -0.1202 0.0978  104 PHE A CZ   
116 H  H    . PHE A 8  ? 0.4442 0.4523 0.4345 -0.1134 -0.1017 0.0208  104 PHE A H    
117 H  HA   . PHE A 8  ? 0.4956 0.5237 0.5217 -0.1657 -0.1497 0.0754  104 PHE A HA   
118 H  HB2  . PHE A 8  ? 0.5206 0.5960 0.5614 -0.1619 -0.1419 0.1401  104 PHE A HB2  
119 H  HB3  . PHE A 8  ? 0.5082 0.5814 0.5434 -0.1743 -0.1447 0.1222  104 PHE A HB3  
120 H  HD1  . PHE A 8  ? 0.6999 0.5978 0.5343 -0.2538 -0.1796 0.1310  104 PHE A HD1  
121 H  HD2  . PHE A 8  ? 0.4831 0.4785 0.5564 -0.0525 -0.0461 0.0720  104 PHE A HD2  
122 H  HE1  . PHE A 8  ? 0.6425 0.6506 0.4529 -0.2481 -0.2095 0.0958  104 PHE A HE1  
123 H  HE2  . PHE A 8  ? 0.5316 0.5711 0.5233 -0.0475 -0.0285 0.0627  104 PHE A HE2  
124 H  HZ   . PHE A 8  ? 0.5909 0.5993 0.5317 -0.1587 -0.1180 0.0860  104 PHE A HZ   
125 N  N    . GLU A 9  ? 0.5479 0.3748 0.4613 -0.0659 -0.0956 -0.0104 105 GLU A N    
126 C  CA   . GLU A 9  ? 0.5883 0.4356 0.4442 -0.1062 -0.0934 -0.0049 105 GLU A CA   
127 C  C    . GLU A 9  ? 0.5600 0.4057 0.6282 -0.1561 -0.0997 -0.0331 105 GLU A C    
128 O  O    . GLU A 9  ? 0.7275 0.5100 0.7156 -0.3156 -0.3344 0.0252  105 GLU A O    
129 C  CB   . GLU A 9  ? 0.6111 0.4082 0.4707 -0.0946 -0.1154 0.0186  105 GLU A CB   
130 C  CG   . GLU A 9  ? 0.6427 0.3977 0.5916 -0.1488 -0.0978 0.0610  105 GLU A CG   
131 C  CD   . GLU A 9  ? 0.6262 0.4583 0.6396 -0.1049 -0.0818 0.1809  105 GLU A CD   
132 O  OE1  . GLU A 9  ? 0.4816 0.4199 0.6665 -0.1216 -0.1233 0.0877  105 GLU A OE1  
133 O  OE2  . GLU A 9  ? 0.5730 0.4456 0.5904 -0.1524 -0.1758 0.0901  105 GLU A OE2  
134 H  H    . GLU A 9  ? 0.5548 0.4244 0.4718 -0.1014 -0.1027 0.0056  105 GLU A H    
135 H  HA   . GLU A 9  ? 0.5899 0.4198 0.4914 -0.1118 -0.1028 -0.0031 105 GLU A HA   
136 H  HB2  . GLU A 9  ? 0.6078 0.4027 0.4936 -0.1067 -0.1054 0.0208  105 GLU A HB2  
137 H  HB3  . GLU A 9  ? 0.6015 0.4106 0.4930 -0.1077 -0.1081 0.0223  105 GLU A HB3  
138 H  HG2  . GLU A 9  ? 0.6334 0.4114 0.5892 -0.1243 -0.0908 0.0740  105 GLU A HG2  
139 H  HG3  . GLU A 9  ? 0.6300 0.3997 0.5723 -0.1234 -0.0958 0.0686  105 GLU A HG3  
140 N  N    . CYS A 10 ? 0.5642 0.4334 0.5454 -0.0844 -0.1222 0.0242  106 CYS A N    
141 C  CA   . CYS A 10 ? 0.6580 0.3379 0.6131 -0.1193 -0.1011 -0.0656 106 CYS A CA   
142 C  C    . CYS A 10 ? 0.7903 0.3607 0.5700 -0.0350 -0.0658 -0.0406 106 CYS A C    
143 O  O    . CYS A 10 ? 0.8217 0.3116 0.6758 -0.0511 -0.1285 -0.0514 106 CYS A O    
144 C  CB   . CYS A 10 ? 0.7319 0.6206 0.6195 -0.1378 -0.1586 0.0797  106 CYS A CB   
145 S  SG   . CYS A 10 ? 0.6074 0.4430 0.5607 -0.0189 -0.0812 0.0070  106 CYS A SG   
146 H  H    . CYS A 10 ? 0.5956 0.4350 0.5744 -0.0906 -0.1075 -0.0029 106 CYS A H    
147 H  HA   . CYS A 10 ? 0.6563 0.3743 0.5954 -0.1311 -0.1072 -0.0128 106 CYS A HA   
148 H  HB2  . CYS A 10 ? 0.7175 0.6007 0.6158 -0.1563 -0.1393 0.0503  106 CYS A HB2  
149 H  HB3  . CYS A 10 ? 0.6895 0.5189 0.6276 -0.1103 -0.1327 0.0252  106 CYS A HB3  
150 N  N    . HIS A 11 ? 0.6771 0.4211 0.4988 -0.1247 -0.1461 0.0146  107 HIS A N    
151 C  CA   . HIS A 11 ? 0.6680 0.6491 0.3929 -0.0903 -0.1653 -0.1924 107 HIS A CA   
152 C  C    . HIS A 11 ? 0.6567 0.7039 0.5715 -0.0946 -0.1576 -0.0481 107 HIS A C    
153 O  O    . HIS A 11 ? 0.9463 0.5717 0.6019 -0.0983 -0.1407 -0.0875 107 HIS A O    
154 C  CB   . HIS A 11 ? 0.6564 0.5692 0.5204 -0.1047 -0.1672 -0.1604 107 HIS A CB   
155 C  CG   . HIS A 11 ? 0.6218 0.8785 0.7687 -0.1704 -0.0742 -0.1395 107 HIS A CG   
156 N  ND1  . HIS A 11 ? 0.6306 0.8650 0.6483 -0.3596 -0.0595 -0.0578 107 HIS A ND1  
157 C  CD2  . HIS A 11 ? 0.9243 0.8575 0.7732 -0.1858 0.0211  -0.1021 107 HIS A CD2  
158 C  CE1  . HIS A 11 ? 0.6527 1.2190 0.4843 -0.1699 0.1429  0.1170  107 HIS A CE1  
159 N  NE2  . HIS A 11 ? 0.8069 1.0666 0.8355 -0.2623 0.0040  0.0617  107 HIS A NE2  
160 H  H    . HIS A 11 ? 0.6980 0.4768 0.5052 -0.1108 -0.1386 -0.0274 107 HIS A H    
161 H  HA   . HIS A 11 ? 0.6696 0.6559 0.4735 -0.1148 -0.1522 -0.1297 107 HIS A HA   
162 H  HB2  . HIS A 11 ? 0.6583 0.5806 0.5341 -0.1029 -0.1480 -0.1447 107 HIS A HB2  
163 H  HB3  . HIS A 11 ? 0.6616 0.6327 0.5327 -0.1122 -0.1458 -0.1555 107 HIS A HB3  
164 H  HD2  . HIS A 11 ? 0.8370 0.9023 0.7797 -0.1954 -0.0004 -0.0690 107 HIS A HD2  
165 H  HE1  . HIS A 11 ? 0.8387 1.1025 0.6518 -0.2293 0.1210  0.0547  107 HIS A HE1  
166 H  HE2  . HIS A 11 ? 0.8220 0.8220 0.8220 0.0000  0.0000  0.0000  107 HIS A HE2  
167 N  N    . LEU A 12 ? 0.6877 0.5145 0.5537 0.0007  -0.1212 -0.1089 108 LEU A N    
168 C  CA   . LEU A 12 ? 0.6836 0.5031 0.5794 -0.0463 -0.1262 -0.1018 108 LEU A CA   
169 C  C    . LEU A 12 ? 0.4941 0.5242 0.5737 -0.0155 -0.1038 -0.0709 108 LEU A C    
170 O  O    . LEU A 12 ? 0.5390 0.4865 0.4835 -0.0715 -0.1190 -0.0832 108 LEU A O    
171 C  CB   . LEU A 12 ? 0.8110 0.4163 0.6227 0.0229  -0.1063 -0.1319 108 LEU A CB   
172 C  CG   . LEU A 12 ? 0.8147 0.4169 0.7973 -0.0230 -0.1020 -0.0924 108 LEU A CG   
173 C  CD1  . LEU A 12 ? 0.8867 0.4669 0.9754 0.0744  -0.1821 -0.0792 108 LEU A CD1  
174 C  CD2  . LEU A 12 ? 0.9744 0.7120 0.7846 0.1146  -0.0231 -0.0255 108 LEU A CD2  
175 H  H    . LEU A 12 ? 0.6722 0.5404 0.5363 -0.0279 -0.1173 -0.1027 108 LEU A H    
176 H  HA   . LEU A 12 ? 0.6829 0.5070 0.5961 -0.0163 -0.1055 -0.1018 108 LEU A HA   
177 H  HB2  . LEU A 12 ? 0.7746 0.4394 0.6180 -0.0025 -0.1018 -0.1199 108 LEU A HB2  
178 H  HB3  . LEU A 12 ? 0.8076 0.4441 0.6453 -0.0030 -0.1080 -0.1160 108 LEU A HB3  
179 H  HG   . LEU A 12 ? 0.8142 0.4750 0.7838 0.0220  -0.0985 -0.0867 108 LEU A HG   
180 H  HD11 . LEU A 12 ? 0.8707 0.4599 0.9613 0.0395  -0.1659 -0.0648 108 LEU A HD11 
181 H  HD12 . LEU A 12 ? 0.8701 0.4798 0.9200 0.0499  -0.1549 -0.0734 108 LEU A HD12 
182 H  HD13 . LEU A 12 ? 0.8938 0.4550 0.9222 0.0446  -0.1606 -0.0782 108 LEU A HD13 
183 H  HD21 . LEU A 12 ? 0.9660 0.6333 0.7867 0.0764  -0.0632 -0.0523 108 LEU A HD21 
184 H  HD22 . LEU A 12 ? 0.9252 0.7178 0.7860 0.0783  -0.0522 -0.0433 108 LEU A HD22 
185 H  HD23 . LEU A 12 ? 0.9176 0.6312 0.7792 0.0484  -0.0486 -0.0604 108 LEU A HD23 
186 N  N    . PRO A 13 ? 0.5774 0.4722 0.5614 -0.0160 -0.0161 -0.0998 109 PRO A N    
187 C  CA   . PRO A 13 ? 0.5688 0.4915 0.5737 -0.0134 -0.0980 -0.0588 109 PRO A CA   
188 C  C    . PRO A 13 ? 0.5469 0.3947 0.6155 0.0494  -0.1582 0.0350  109 PRO A C    
189 O  O    . PRO A 13 ? 0.5427 0.3711 0.6662 0.0393  -0.2076 -0.0324 109 PRO A O    
190 C  CB   . PRO A 13 ? 0.5297 0.5078 0.6435 -0.0154 -0.1005 -0.0967 109 PRO A CB   
191 C  CG   . PRO A 13 ? 0.6131 0.5270 0.7840 -0.0107 -0.0928 -0.1822 109 PRO A CG   
192 C  CD   . PRO A 13 ? 0.6229 0.5947 0.7524 0.0047  0.0504  -0.1852 109 PRO A CD   
193 H  HA   . PRO A 13 ? 0.5629 0.4841 0.5780 -0.0177 -0.0955 -0.0531 109 PRO A HA   
194 H  HB2  . PRO A 13 ? 0.5463 0.4998 0.6530 -0.0198 -0.1040 -0.1045 109 PRO A HB2  
195 H  HB3  . PRO A 13 ? 0.5533 0.5025 0.6452 -0.0112 -0.1048 -0.0996 109 PRO A HB3  
196 H  HG2  . PRO A 13 ? 0.5965 0.5363 0.7492 -0.0113 -0.0620 -0.1597 109 PRO A HG2  
197 H  HG3  . PRO A 13 ? 0.5951 0.5361 0.7857 -0.0107 -0.0760 -0.1563 109 PRO A HG3  
198 H  HD2  . PRO A 13 ? 0.6219 0.5929 0.7212 -0.0195 0.0092  -0.1803 109 PRO A HD2  
199 H  HD3  . PRO A 13 ? 0.6301 0.5530 0.7559 -0.0022 0.0304  -0.1537 109 PRO A HD3  
200 N  N    . GLY A 14 ? 0.4474 0.4440 0.4825 0.0237  -0.1420 0.0131  110 GLY A N    
201 C  CA   . GLY A 14 ? 0.4457 0.3716 0.4636 0.0583  -0.1012 -0.0343 110 GLY A CA   
202 C  C    . GLY A 14 ? 0.4189 0.3975 0.4615 0.0329  -0.0909 -0.0095 110 GLY A C    
203 O  O    . GLY A 14 ? 0.3896 0.4167 0.4316 0.0545  -0.0797 -0.0216 110 GLY A O    
204 H  H    . GLY A 14 ? 0.4720 0.4218 0.5082 0.0330  -0.1326 0.0003  110 GLY A H    
205 H  HA2  . GLY A 14 ? 0.4389 0.3813 0.4698 0.0524  -0.1089 -0.0139 110 GLY A HA2  
206 H  HA3  . GLY A 14 ? 0.4336 0.3907 0.4597 0.0475  -0.1001 -0.0199 110 GLY A HA3  
207 N  N    . GLU A 15 ? 0.4537 0.3959 0.4374 0.0470  -0.0911 0.0193  111 GLU A N    
208 C  CA   . GLU A 15 ? 0.4520 0.3825 0.4195 0.0456  -0.0137 0.0273  111 GLU A CA   
209 C  C    . GLU A 15 ? 0.4834 0.4137 0.4450 0.0090  -0.0314 0.0234  111 GLU A C    
210 O  O    . GLU A 15 ? 0.5092 0.4060 0.4517 0.0058  -0.0823 0.0144  111 GLU A O    
211 C  CB   . GLU A 15 ? 0.4298 0.4899 0.4123 0.0447  -0.0849 -0.0321 111 GLU A CB   
212 C  CG   . GLU A 15 ? 0.4080 0.5867 0.6283 0.0793  -0.1347 0.0163  111 GLU A CG   
213 C  CD   . GLU A 15 ? 0.5992 0.6180 0.5958 0.0361  0.0117  0.1343  111 GLU A CD   
214 O  OE1  . GLU A 15 ? 0.7258 0.6741 0.7101 0.1969  0.0645  0.1012  111 GLU A OE1  
215 O  OE2  . GLU A 15 ? 0.5625 0.7710 0.5945 0.0623  -0.0228 0.2299  111 GLU A OE2  
216 H  H    . GLU A 15 ? 0.4449 0.3878 0.4373 0.0434  -0.0739 0.0164  111 GLU A H    
217 H  HA   . GLU A 15 ? 0.4450 0.3917 0.4243 0.0452  -0.0529 0.0217  111 GLU A HA   
218 H  HB2  . GLU A 15 ? 0.4262 0.4837 0.4251 0.0520  -0.0901 -0.0048 111 GLU A HB2  
219 H  HB3  . GLU A 15 ? 0.4320 0.4956 0.4514 0.0479  -0.0783 -0.0085 111 GLU A HB3  
220 H  HG2  . GLU A 15 ? 0.4597 0.5635 0.5628 0.0596  -0.0875 0.0281  111 GLU A HG2  
221 H  HG3  . GLU A 15 ? 0.4599 0.5765 0.5606 0.0615  -0.0878 0.0311  111 GLU A HG3  
222 N  N    . VAL A 16 ? 0.3507 0.4340 0.4002 0.0042  -0.1206 0.0562  112 VAL A N    
223 C  CA   . VAL A 16 ? 0.4316 0.4216 0.3748 -0.0017 -0.1410 0.0557  112 VAL A CA   
224 C  C    . VAL A 16 ? 0.4398 0.5220 0.4532 0.0265  -0.1267 0.0648  112 VAL A C    
225 O  O    . VAL A 16 ? 0.3771 0.4674 0.5025 0.0061  -0.1448 0.0562  112 VAL A O    
226 C  CB   . VAL A 16 ? 0.4776 0.4521 0.3573 -0.0065 -0.0960 0.0171  112 VAL A CB   
227 C  CG1  . VAL A 16 ? 0.5537 0.5294 0.4039 -0.0576 -0.0685 -0.0209 112 VAL A CG1  
228 C  CG2  . VAL A 16 ? 0.4518 0.4828 0.4034 0.0277  -0.0710 -0.0009 112 VAL A CG2  
229 H  H    . VAL A 16 ? 0.3987 0.4151 0.4002 0.0119  -0.1051 0.0539  112 VAL A H    
230 H  HA   . VAL A 16 ? 0.4281 0.4252 0.3897 0.0090  -0.1235 0.0588  112 VAL A HA   
231 H  HB   . VAL A 16 ? 0.4734 0.4650 0.3817 -0.0108 -0.1013 0.0130  112 VAL A HB   
232 H  HG11 . VAL A 16 ? 0.5249 0.5073 0.3979 -0.0379 -0.0743 -0.0029 112 VAL A HG11 
233 H  HG12 . VAL A 16 ? 0.5361 0.5240 0.4069 -0.0542 -0.0656 -0.0232 112 VAL A HG12 
234 H  HG13 . VAL A 16 ? 0.5313 0.5136 0.3992 -0.0470 -0.0795 -0.0035 112 VAL A HG13 
235 H  HG21 . VAL A 16 ? 0.4616 0.4719 0.3905 0.0184  -0.0785 0.0053  112 VAL A HG21 
236 H  HG22 . VAL A 16 ? 0.4624 0.4740 0.3946 0.0190  -0.0818 0.0065  112 VAL A HG22 
237 H  HG23 . VAL A 16 ? 0.4640 0.4718 0.3932 0.0188  -0.0759 0.0080  112 VAL A HG23 
238 N  N    . LEU A 17 ? 0.4158 0.4177 0.4395 0.0217  -0.1209 0.0905  113 LEU A N    
239 C  CA   . LEU A 17 ? 0.5013 0.4751 0.4676 0.0009  -0.0346 0.0283  113 LEU A CA   
240 C  C    . LEU A 17 ? 0.4111 0.4228 0.4631 0.0218  -0.0431 0.0358  113 LEU A C    
241 O  O    . LEU A 17 ? 0.3807 0.5658 0.4586 0.0380  -0.0272 0.0403  113 LEU A O    
242 C  CB   . LEU A 17 ? 0.4423 0.5245 0.4452 0.0361  -0.0827 0.0004  113 LEU A CB   
243 C  CG   . LEU A 17 ? 0.5549 0.6047 0.5044 0.1071  -0.0718 -0.0342 113 LEU A CG   
244 C  CD1  . LEU A 17 ? 0.6952 0.6020 0.6028 0.1746  -0.0436 -0.1191 113 LEU A CD1  
245 C  CD2  . LEU A 17 ? 0.5843 0.6755 0.5522 0.1958  0.0340  -0.0050 113 LEU A CD2  
246 H  H    . LEU A 17 ? 0.4404 0.4371 0.4245 0.0164  -0.1035 0.0873  113 LEU A H    
247 H  HA   . LEU A 17 ? 0.4532 0.4748 0.4771 0.0201  -0.0606 0.0294  113 LEU A HA   
248 H  HB2  . LEU A 17 ? 0.4774 0.5245 0.4521 0.0413  -0.0686 0.0068  113 LEU A HB2  
249 H  HB3  . LEU A 17 ? 0.4574 0.5231 0.4625 0.0311  -0.0646 0.0018  113 LEU A HB3  
250 H  HG   . LEU A 17 ? 0.5554 0.5971 0.5156 0.1169  -0.0501 -0.0347 113 LEU A HG   
251 H  HD11 . LEU A 17 ? 0.6561 0.6095 0.6054 0.1475  -0.0464 -0.1083 113 LEU A HD11 
252 H  HD12 . LEU A 17 ? 0.6541 0.6048 0.5721 0.1540  -0.0540 -0.0949 113 LEU A HD12 
253 H  HD13 . LEU A 17 ? 0.6834 0.6162 0.5764 0.1709  -0.0593 -0.0968 113 LEU A HD13 
254 H  HD21 . LEU A 17 ? 0.5912 0.6683 0.5365 0.1828  -0.0062 -0.0144 113 LEU A HD21 
255 H  HD22 . LEU A 17 ? 0.5812 0.6615 0.5493 0.1686  -0.0049 -0.0063 113 LEU A HD22 
256 H  HD23 . LEU A 17 ? 0.5678 0.6451 0.5351 0.1663  -0.0045 -0.0103 113 LEU A HD23 
257 N  N    . ILE A 18 ? 0.3329 0.5012 0.4549 0.0335  -0.0777 0.0751  114 ILE A N    
258 C  CA   . ILE A 18 ? 0.3876 0.3889 0.4945 0.0689  -0.0705 0.0539  114 ILE A CA   
259 C  C    . ILE A 18 ? 0.3842 0.4292 0.4326 0.0433  -0.0756 0.0381  114 ILE A C    
260 O  O    . ILE A 18 ? 0.3595 0.4333 0.4302 0.0558  -0.0908 -0.0048 114 ILE A O    
261 C  CB   . ILE A 18 ? 0.3595 0.4677 0.6968 0.1138  -0.0409 0.0023  114 ILE A CB   
262 C  CG1  . ILE A 18 ? 0.3758 0.5757 0.6605 0.0046  -0.0785 0.0163  114 ILE A CG1  
263 C  CG2  . ILE A 18 ? 0.4387 0.5908 0.6155 0.0573  -0.1123 -0.0266 114 ILE A CG2  
264 C  CD1  . ILE A 18 ? 0.4331 0.6663 0.6936 0.0148  -0.1216 -0.0288 114 ILE A CD1  
265 H  H    . ILE A 18 ? 0.3697 0.4572 0.4561 0.0373  -0.0671 0.0603  114 ILE A H    
266 H  HA   . ILE A 18 ? 0.3776 0.4348 0.4936 0.0614  -0.0628 0.0471  114 ILE A HA   
267 H  HB   . ILE A 18 ? 0.3847 0.4956 0.6727 0.0762  -0.0756 -0.0008 114 ILE A HB   
268 H  HG12 . ILE A 18 ? 0.3836 0.5695 0.6640 0.0347  -0.0750 0.0038  114 ILE A HG12 
269 H  HG13 . ILE A 18 ? 0.3830 0.5716 0.6614 0.0366  -0.0760 0.0110  114 ILE A HG13 
270 H  HG21 . ILE A 18 ? 0.4226 0.5485 0.6259 0.0728  -0.0905 -0.0118 114 ILE A HG21 
271 H  HG22 . ILE A 18 ? 0.4375 0.5579 0.6346 0.0774  -0.0953 -0.0184 114 ILE A HG22 
272 H  HG23 . ILE A 18 ? 0.4425 0.5689 0.6386 0.0527  -0.0899 -0.0163 114 ILE A HG23 
273 H  HD11 . ILE A 18 ? 0.4192 0.6454 0.6864 0.0139  -0.1067 -0.0074 114 ILE A HD11 
274 H  HD12 . ILE A 18 ? 0.4203 0.6328 0.7028 0.0155  -0.1134 -0.0128 114 ILE A HD12 
275 H  HD13 . ILE A 18 ? 0.4323 0.6360 0.6847 0.0192  -0.1049 -0.0101 114 ILE A HD13 
276 N  N    . CYS A 19 ? 0.3809 0.4329 0.4012 0.0580  -0.0588 -0.0170 115 CYS A N    
277 C  CA   . CYS A 19 ? 0.4102 0.4182 0.4696 -0.0113 0.0039  0.0506  115 CYS A CA   
278 C  C    . CYS A 19 ? 0.3418 0.3978 0.4254 -0.0198 -0.0528 0.0074  115 CYS A C    
279 O  O    . CYS A 19 ? 0.3543 0.4534 0.3454 0.0497  -0.0418 0.0187  115 CYS A O    
280 C  CB   . CYS A 19 ? 0.4431 0.4400 0.4329 0.0661  0.0197  0.0219  115 CYS A CB   
281 S  SG   . CYS A 19 ? 0.4163 0.4486 0.4321 0.0426  -0.0698 0.0048  115 CYS A SG   
282 H  H    . CYS A 19 ? 0.3891 0.4291 0.4278 0.0407  -0.0478 0.0117  115 CYS A H    
283 H  HA   . CYS A 19 ? 0.4033 0.4369 0.4578 0.0105  -0.0310 0.0359  115 CYS A HA   
284 H  HB2  . CYS A 19 ? 0.4288 0.4413 0.4409 0.0465  -0.0071 0.0206  115 CYS A HB2  
285 H  HB3  . CYS A 19 ? 0.4299 0.4285 0.4336 0.0479  -0.0027 0.0119  115 CYS A HB3  
286 N  N    . ASP A 20 ? 0.3714 0.4328 0.3788 0.0902  -0.0013 -0.0175 116 ASP A N    
287 C  CA   . ASP A 20 ? 0.3302 0.4501 0.4307 0.0299  -0.0421 0.0220  116 ASP A CA   
288 C  C    . ASP A 20 ? 0.3322 0.4979 0.4689 -0.0762 -0.0534 0.0428  116 ASP A C    
289 O  O    . ASP A 20 ? 0.4452 0.4441 0.4897 0.0130  -0.0293 -0.0036 116 ASP A O    
290 C  CB   . ASP A 20 ? 0.3971 0.4837 0.4632 0.0282  -0.0144 0.0064  116 ASP A CB   
291 C  CG   . ASP A 20 ? 0.4629 0.4664 0.4357 -0.0061 0.0030  0.0507  116 ASP A CG   
292 O  OD1  . ASP A 20 ? 0.4588 0.4988 0.4925 0.0360  -0.0339 0.0448  116 ASP A OD1  
293 O  OD2  . ASP A 20 ? 0.3984 0.5003 0.4312 0.0868  -0.0513 -0.0006 116 ASP A OD2  
294 H  H    . ASP A 20 ? 0.3484 0.4012 0.3954 0.0645  -0.0147 -0.0165 116 ASP A H    
295 H  HA   . ASP A 20 ? 0.3345 0.4541 0.4324 0.0343  -0.0317 0.0160  116 ASP A HA   
296 H  HB2  . ASP A 20 ? 0.3947 0.4738 0.4485 0.0236  -0.0186 0.0192  116 ASP A HB2  
297 H  HB3  . ASP A 20 ? 0.3960 0.4890 0.4510 0.0249  -0.0205 0.0158  116 ASP A HB3  
298 N  N    . LEU A 21 ? 0.4124 0.4391 0.4994 0.0347  -0.0262 0.0470  117 LEU A N    
299 C  CA   . LEU A 21 ? 0.3915 0.4996 0.5109 0.0151  -0.0472 0.0155  117 LEU A CA   
300 C  C    . LEU A 21 ? 0.4555 0.4324 0.4462 -0.0180 -0.1016 0.0329  117 LEU A C    
301 O  O    . LEU A 21 ? 0.7641 0.6053 0.4706 -0.2324 -0.0284 -0.0705 117 LEU A O    
302 C  CB   . LEU A 21 ? 0.4423 0.5644 0.5134 0.0233  -0.0444 0.0639  117 LEU A CB   
303 C  CG   . LEU A 21 ? 0.3994 0.4868 0.7638 0.0994  0.0807  0.0363  117 LEU A CG   
304 C  CD1  . LEU A 21 ? 0.4770 0.7620 0.8120 0.2348  0.1179  0.0577  117 LEU A CD1  
305 C  CD2  . LEU A 21 ? 0.5305 0.6485 0.7280 0.1470  0.2052  0.1271  117 LEU A CD2  
306 H  H    . LEU A 21 ? 0.3859 0.4485 0.4886 0.0031  -0.0378 0.0369  117 LEU A H    
307 H  HA   . LEU A 21 ? 0.4238 0.5060 0.5012 0.0140  -0.0510 0.0253  117 LEU A HA   
308 H  HB2  . LEU A 21 ? 0.4196 0.5300 0.5644 0.0363  -0.0201 0.0439  117 LEU A HB2  
309 H  HB3  . LEU A 21 ? 0.4178 0.5246 0.5576 0.0322  -0.0255 0.0399  117 LEU A HB3  
310 H  HG   . LEU A 21 ? 0.4310 0.5477 0.6943 0.0911  0.0659  0.0380  117 LEU A HG   
311 H  HD11 . LEU A 21 ? 0.4569 0.6827 0.8044 0.1939  0.1065  0.0532  117 LEU A HD11 
312 H  HD12 . LEU A 21 ? 0.4803 0.7193 0.8135 0.2259  0.1264  0.0738  117 LEU A HD12 
313 H  HD13 . LEU A 21 ? 0.4556 0.7060 0.8205 0.1986  0.1052  0.0300  117 LEU A HD13 
314 H  HD21 . LEU A 21 ? 0.5249 0.6023 0.7448 0.1175  0.1831  0.0946  117 LEU A HD21 
315 H  HD22 . LEU A 21 ? 0.4967 0.6404 0.7549 0.1377  0.1731  0.1264  117 LEU A HD22 
316 H  HD23 . LEU A 21 ? 0.4846 0.6055 0.7339 0.1333  0.1776  0.0986  117 LEU A HD23 
317 N  N    . CYS A 22 ? 0.3640 0.3943 0.5227 0.0286  -0.0503 -0.0155 118 CYS A N    
318 C  CA   . CYS A 22 ? 0.6232 0.4234 0.4294 0.0104  -0.0474 -0.0227 118 CYS A CA   
319 C  C    . CYS A 22 ? 0.5717 0.3389 0.5344 0.0212  -0.0269 -0.0952 118 CYS A C    
320 O  O    . CYS A 22 ? 0.5813 0.4173 0.4764 -0.0005 -0.0634 -0.0735 118 CYS A O    
321 C  CB   . CYS A 22 ? 0.6448 0.4472 0.3821 0.0361  -0.0496 -0.0406 118 CYS A CB   
322 S  SG   . CYS A 22 ? 0.6159 0.4404 0.4717 0.0212  -0.1142 -0.0114 118 CYS A SG   
323 H  H    . CYS A 22 ? 0.4415 0.4055 0.4840 0.0162  -0.0579 -0.0104 118 CYS A H    
324 H  HA   . CYS A 22 ? 0.5608 0.4233 0.4599 0.0205  -0.0454 -0.0316 118 CYS A HA   
325 H  HB2  . CYS A 22 ? 0.6334 0.4379 0.3807 0.0273  -0.0588 -0.0389 118 CYS A HB2  
326 H  HB3  . CYS A 22 ? 0.6363 0.4382 0.4125 0.0267  -0.0661 -0.0307 118 CYS A HB3  
327 N  N    . PHE A 23 ? 0.4582 0.4000 0.5108 0.1063  -0.0087 -0.0704 119 PHE A N    
328 C  CA   . PHE A 23 ? 0.4393 0.5203 0.6104 0.0729  -0.0934 -0.0864 119 PHE A CA   
329 C  C    . PHE A 23 ? 0.4897 0.5540 0.5083 0.0237  -0.0403 -0.1610 119 PHE A C    
330 O  O    . PHE A 23 ? 0.4784 0.5868 0.5758 0.0296  -0.1025 -0.0589 119 PHE A O    
331 C  CB   . PHE A 23 ? 0.4928 0.5078 0.6134 -0.0495 -0.0064 -0.0700 119 PHE A CB   
332 C  CG   . PHE A 23 ? 0.8033 0.5948 0.5638 -0.1025 -0.1227 0.0357  119 PHE A CG   
333 C  CD1  . PHE A 23 ? 0.5757 0.7019 0.6215 -0.0330 -0.1140 0.0626  119 PHE A CD1  
334 C  CD2  . PHE A 23 ? 0.5545 0.6207 0.5448 0.0992  -0.0541 -0.0174 119 PHE A CD2  
335 C  CE1  . PHE A 23 ? 0.5830 0.6651 0.4779 0.0700  -0.0979 0.0119  119 PHE A CE1  
336 C  CE2  . PHE A 23 ? 0.5428 0.9856 0.5176 -0.1344 -0.1211 -0.0381 119 PHE A CE2  
337 C  CZ   . PHE A 23 ? 0.8250 0.4861 0.7319 0.0152  -0.3862 -0.0605 119 PHE A CZ   
338 H  H    . PHE A 23 ? 0.4608 0.4108 0.5014 0.0799  -0.0124 -0.0814 119 PHE A H    
339 H  HA   . PHE A 23 ? 0.4664 0.5027 0.5959 0.0452  -0.0471 -0.0773 119 PHE A HA   
340 H  HB2  . PHE A 23 ? 0.5399 0.5268 0.6043 -0.0300 -0.0510 -0.0494 119 PHE A HB2  
341 H  HB3  . PHE A 23 ? 0.5018 0.5324 0.6077 -0.0293 -0.0520 -0.0470 119 PHE A HB3  
342 H  HD1  . PHE A 23 ? 0.6041 0.6573 0.5756 -0.0314 -0.1162 0.0323  119 PHE A HD1  
343 H  HD2  . PHE A 23 ? 0.6099 0.6830 0.5631 0.0090  -0.0776 -0.0128 119 PHE A HD2  
344 H  HE1  . PHE A 23 ? 0.6296 0.6439 0.5435 0.0281  -0.1689 0.0028  119 PHE A HE1  
345 H  HE2  . PHE A 23 ? 0.5679 0.7286 0.5755 -0.0614 -0.1561 -0.0375 119 PHE A HE2  
346 H  HZ   . PHE A 23 ? 0.7124 0.6687 0.7120 0.0304  -0.2810 -0.0998 119 PHE A HZ   
347 N  N    . ARG A 24 ? 0.4783 0.6601 0.6115 0.0126  0.0628  0.0016  120 ARG A N    
348 C  CA   . ARG A 24 ? 0.4580 0.6395 0.4395 0.0043  -0.2095 0.0284  120 ARG A CA   
349 C  C    . ARG A 24 ? 0.4639 0.5461 0.5779 0.0513  0.0214  -0.1759 120 ARG A C    
350 O  O    . ARG A 24 ? 0.6343 0.5122 0.5295 0.0145  0.0495  0.0344  120 ARG A O    
351 C  CB   . ARG A 24 ? 0.5524 0.5195 0.4241 0.1128  0.0845  0.1034  120 ARG A CB   
352 C  CG   . ARG A 24 ? 0.4906 0.6903 0.5891 0.0250  -0.0192 -0.0526 120 ARG A CG   
353 C  CD   . ARG A 24 ? 0.6920 0.5422 0.7148 0.1167  0.0319  0.0088  120 ARG A CD   
354 N  NE   . ARG A 24 ? 0.6564 0.6729 0.7208 0.1263  -0.2119 -0.1017 120 ARG A NE   
355 H  H    . ARG A 24 ? 0.4721 0.6136 0.5373 0.0193  -0.0266 -0.0264 120 ARG A H    
356 H  HA   . ARG A 24 ? 0.5261 0.6131 0.5478 0.0098  -0.1114 0.0264  120 ARG A HA   
357 H  HB2  . ARG A 24 ? 0.4719 0.5780 0.4371 0.0736  0.0354  0.0433  120 ARG A HB2  
358 H  HB3  . ARG A 24 ? 0.5059 0.5607 0.4634 0.0611  0.0072  0.0483  120 ARG A HB3  
359 H  HG2  . ARG A 24 ? 0.5590 0.6155 0.5745 0.0689  0.0163  0.0036  120 ARG A HG2  
360 H  HG3  . ARG A 24 ? 0.5586 0.6356 0.5688 0.0798  0.0187  0.0020  120 ARG A HG3  
361 H  HD2  . ARG A 24 ? 0.6324 0.6132 0.6784 0.0964  -0.0441 -0.0368 120 ARG A HD2  
362 H  HD3  . ARG A 24 ? 0.6220 0.6013 0.6688 0.0937  -0.0351 -0.0302 120 ARG A HD3  
363 H  HE   . ARG A 24 ? 0.6672 0.6375 0.7173 0.1209  -0.1251 -0.0561 120 ARG A HE   
364 N  N    . VAL A 25 ? 0.6138 0.4694 0.4188 -0.1099 -0.0796 0.0332  121 VAL A N    
365 C  CA   . VAL A 25 ? 0.5920 0.4175 0.4455 -0.0674 -0.0200 0.0162  121 VAL A CA   
366 C  C    . VAL A 25 ? 0.7005 0.4046 0.4469 -0.0488 -0.0079 0.0290  121 VAL A C    
367 O  O    . VAL A 25 ? 0.7768 0.5016 0.4406 -0.0407 -0.0538 -0.0175 121 VAL A O    
368 C  CB   . VAL A 25 ? 0.5194 0.4535 0.4961 -0.0751 -0.0809 -0.0241 121 VAL A CB   
369 C  CG1  . VAL A 25 ? 0.5174 0.4547 0.5389 -0.0356 -0.0977 -0.0181 121 VAL A CG1  
370 C  CG2  . VAL A 25 ? 0.6804 0.4601 0.5865 -0.0142 0.0443  -0.0216 121 VAL A CG2  
371 H  H    . VAL A 25 ? 0.5701 0.4805 0.4353 -0.0573 -0.0405 -0.0192 121 VAL A H    
372 H  HA   . VAL A 25 ? 0.5872 0.4358 0.4400 -0.0656 -0.0294 0.0154  121 VAL A HA   
373 H  HB   . VAL A 25 ? 0.5654 0.4479 0.5126 -0.0544 -0.0510 -0.0151 121 VAL A HB   
374 H  HG11 . VAL A 25 ? 0.5195 0.4548 0.5357 -0.0439 -0.0978 -0.0208 121 VAL A HG11 
375 H  HG12 . VAL A 25 ? 0.5201 0.4583 0.5236 -0.0435 -0.0915 -0.0184 121 VAL A HG12 
376 H  HG13 . VAL A 25 ? 0.5151 0.4523 0.5286 -0.0399 -0.0894 -0.0199 121 VAL A HG13 
377 H  HG21 . VAL A 25 ? 0.6522 0.4649 0.5649 -0.0485 0.0040  -0.0195 121 VAL A HG21 
378 H  HG22 . VAL A 25 ? 0.6390 0.4650 0.6020 -0.0315 0.0223  -0.0039 121 VAL A HG22 
379 H  HG23 . VAL A 25 ? 0.6321 0.4600 0.5669 -0.0365 0.0028  -0.0188 121 VAL A HG23 
380 N  N    . TYR A 26 ? 0.3989 0.4149 0.4872 -0.0221 0.0043  0.0466  122 TYR A N    
381 C  CA   . TYR A 26 ? 0.4314 0.3906 0.4110 -0.0122 -0.0931 0.0413  122 TYR A CA   
382 C  C    . TYR A 26 ? 0.4606 0.4166 0.4338 -0.0366 -0.0466 0.0005  122 TYR A C    
383 O  O    . TYR A 26 ? 0.4895 0.4174 0.4641 0.0390  -0.0695 0.0282  122 TYR A O    
384 C  CB   . TYR A 26 ? 0.4248 0.4252 0.4550 -0.0050 -0.0982 -0.0021 122 TYR A CB   
385 C  CG   . TYR A 26 ? 0.4707 0.3016 0.4227 -0.0006 -0.0831 -0.0363 122 TYR A CG   
386 C  CD1  . TYR A 26 ? 0.4639 0.3440 0.4651 0.0139  -0.0792 0.0193  122 TYR A CD1  
387 C  CD2  . TYR A 26 ? 0.5879 0.4096 0.4855 0.0220  -0.1341 0.0216  122 TYR A CD2  
388 C  CE1  . TYR A 26 ? 0.3768 0.4678 0.4404 0.0330  -0.0179 -0.0008 122 TYR A CE1  
389 C  CE2  . TYR A 26 ? 0.4545 0.4029 0.5155 0.0050  -0.0507 -0.0170 122 TYR A CE2  
390 C  CZ   . TYR A 26 ? 0.4072 0.4872 0.3856 -0.0150 -0.0806 -0.0121 122 TYR A CZ   
391 O  OH   . TYR A 26 ? 0.4580 0.5965 0.4355 -0.0303 -0.1544 0.0059  122 TYR A OH   
392 H  H    . TYR A 26 ? 0.4645 0.4051 0.4534 -0.0258 -0.0278 0.0385  122 TYR A H    
393 H  HA   . TYR A 26 ? 0.4389 0.4048 0.4133 -0.0189 -0.0640 0.0316  122 TYR A HA   
394 H  HB2  . TYR A 26 ? 0.4390 0.3951 0.4558 -0.0054 -0.0935 -0.0052 122 TYR A HB2  
395 H  HB3  . TYR A 26 ? 0.4419 0.4230 0.4401 -0.0044 -0.0922 0.0016  122 TYR A HB3  
396 H  HD1  . TYR A 26 ? 0.4450 0.3595 0.4395 0.0180  -0.0719 0.0117  122 TYR A HD1  
397 H  HD2  . TYR A 26 ? 0.5192 0.4132 0.4686 0.0269  -0.0991 -0.0079 122 TYR A HD2  
398 H  HE1  . TYR A 26 ? 0.4149 0.4561 0.4370 0.0276  -0.0512 -0.0014 122 TYR A HE1  
399 H  HE2  . TYR A 26 ? 0.4730 0.4362 0.4878 -0.0029 -0.0695 -0.0180 122 TYR A HE2  
400 H  HH   . TYR A 26 ? 0.4800 0.4800 0.4800 0.0000  0.0000  0.0000  122 TYR A HH   
401 N  N    . HIS A 27 ? 0.4609 0.3770 0.4201 -0.0131 -0.0911 0.0183  123 HIS A N    
402 C  CA   . HIS A 27 ? 0.4321 0.3776 0.4513 0.0219  -0.1146 -0.0174 123 HIS A CA   
403 C  C    . HIS A 27 ? 0.4680 0.4380 0.5290 0.0747  -0.1031 -0.0476 123 HIS A C    
404 O  O    . HIS A 27 ? 0.4846 0.4478 0.4507 0.0396  -0.1829 0.0111  123 HIS A O    
405 C  CB   . HIS A 27 ? 0.4966 0.4787 0.4716 -0.0258 -0.1200 0.0177  123 HIS A CB   
406 C  CG   . HIS A 27 ? 0.5764 0.4380 0.4686 0.0413  -0.0920 0.0052  123 HIS A CG   
407 N  ND1  . HIS A 27 ? 0.4494 0.5288 0.4908 -0.0254 -0.1030 0.0297  123 HIS A ND1  
408 C  CD2  . HIS A 27 ? 0.5586 0.5024 0.5290 0.0218  -0.0259 0.0062  123 HIS A CD2  
409 C  CE1  . HIS A 27 ? 0.4443 0.4694 0.5383 0.0750  -0.1062 0.0363  123 HIS A CE1  
410 N  NE2  . HIS A 27 ? 0.4636 0.5583 0.5431 0.0450  -0.1757 -0.0022 123 HIS A NE2  
411 H  H    . HIS A 27 ? 0.4574 0.3895 0.4181 -0.0099 -0.0862 0.0094  123 HIS A H    
412 H  HA   . HIS A 27 ? 0.4428 0.4002 0.4610 0.0287  -0.1156 -0.0033 123 HIS A HA   
413 H  HB2  . HIS A 27 ? 0.5095 0.4492 0.4723 -0.0027 -0.1043 0.0006  123 HIS A HB2  
414 H  HB3  . HIS A 27 ? 0.5004 0.4469 0.4727 0.0046  -0.1088 0.0035  123 HIS A HB3  
415 H  HD2  . HIS A 27 ? 0.5516 0.5038 0.5535 0.0223  -0.0555 -0.0101 123 HIS A HD2  
416 H  HE1  . HIS A 27 ? 0.4532 0.5027 0.5341 0.0435  -0.1192 0.0245  123 HIS A HE1  
417 H  HE2  . HIS A 27 ? 0.5670 0.5670 0.5670 0.0000  0.0000  0.0000  123 HIS A HE2  
418 N  N    . SER A 28 ? 0.4218 0.4413 0.4790 0.0042  -0.0538 -0.0159 124 SER A N    
419 C  CA   . SER A 28 ? 0.4763 0.4625 0.4622 0.1166  -0.0913 0.0188  124 SER A CA   
420 C  C    . SER A 28 ? 0.5363 0.4521 0.4677 0.0772  -0.0376 -0.0349 124 SER A C    
421 O  O    . SER A 28 ? 0.5686 0.4762 0.5352 0.1257  -0.0991 -0.1178 124 SER A O    
422 C  CB   . SER A 28 ? 0.4970 0.5890 0.6081 0.0844  -0.2761 0.0393  124 SER A CB   
423 O  OG   . SER A 28 ? 0.7082 0.7207 0.7551 -0.1010 -0.1399 0.1517  124 SER A OG   
424 H  H    . SER A 28 ? 0.4587 0.4442 0.4871 0.0395  -0.0699 -0.0152 124 SER A H    
425 H  HA   . SER A 28 ? 0.5001 0.4822 0.4927 0.0887  -0.1029 0.0071  124 SER A HA   
426 H  HB2  . SER A 28 ? 0.5604 0.5708 0.6128 0.0544  -0.2196 0.0583  124 SER A HB2  
427 H  HB3  . SER A 28 ? 0.5353 0.5721 0.5936 0.0587  -0.1938 0.0556  124 SER A HB3  
428 H  HG   . SER A 28 ? 0.7410 0.7410 0.7410 0.0000  0.0000  0.0000  124 SER A HG   
429 N  N    . LYS A 29 ? 0.4848 0.4496 0.4706 0.0698  -0.1248 -0.0183 125 LYS A N    
430 C  CA   . LYS A 29 ? 0.5714 0.4930 0.5476 0.0677  -0.1463 -0.0415 125 LYS A CA   
431 C  C    . LYS A 29 ? 0.6316 0.5368 0.6396 0.0218  -0.2343 -0.0386 125 LYS A C    
432 O  O    . LYS A 29 ? 0.6934 0.5468 0.6478 0.0857  -0.2807 -0.0210 125 LYS A O    
433 C  CB   . LYS A 29 ? 0.6102 0.4784 0.6564 0.0083  -0.1568 -0.0002 125 LYS A CB   
434 C  CG   . LYS A 29 ? 0.6492 0.5126 0.8302 0.0611  -0.3083 -0.0487 125 LYS A CG   
435 C  CD   . LYS A 29 ? 0.7709 0.7814 0.9337 -0.1229 -0.3614 -0.0767 125 LYS A CD   
436 C  CE   . LYS A 29 ? 1.1147 1.0531 1.0652 -0.0967 -0.5165 -0.2428 125 LYS A CE   
437 N  NZ   . LYS A 29 ? 1.1139 1.1719 1.3562 0.0536  -0.1243 0.0566  125 LYS A NZ   
438 H  H    . LYS A 29 ? 0.5042 0.4565 0.4943 0.0761  -0.1051 -0.0274 125 LYS A H    
439 H  HA   . LYS A 29 ? 0.5644 0.4838 0.5467 0.0557  -0.1464 -0.0384 125 LYS A HA   
440 H  HB2  . LYS A 29 ? 0.6069 0.4933 0.6628 0.0330  -0.1880 -0.0168 125 LYS A HB2  
441 H  HB3  . LYS A 29 ? 0.6133 0.4755 0.6632 0.0345  -0.1920 -0.0098 125 LYS A HB3  
442 H  HG2  . LYS A 29 ? 0.6591 0.5441 0.7959 0.0136  -0.2732 -0.0367 125 LYS A HG2  
443 H  HG3  . LYS A 29 ? 0.6591 0.5127 0.7942 0.0217  -0.2788 -0.0215 125 LYS A HG3  
444 H  HD2  . LYS A 29 ? 0.8172 0.7692 0.9436 -0.0753 -0.3848 -0.0916 125 LYS A HD2  
445 H  HD3  . LYS A 29 ? 0.8055 0.7743 0.9351 -0.0672 -0.3626 -0.1057 125 LYS A HD3  
446 H  HE2  . LYS A 29 ? 1.0542 0.9982 1.1266 -0.1030 -0.4423 -0.1131 125 LYS A HE2  
447 H  HE3  . LYS A 29 ? 1.0374 1.0414 1.0902 -0.1198 -0.3817 -0.1495 125 LYS A HE3  
448 H  HZ1  . LYS A 29 ? 1.1127 1.1169 1.2724 0.0120  -0.2274 -0.0286 125 LYS A HZ1  
449 H  HZ2  . LYS A 29 ? 1.1055 1.1262 1.2663 0.0181  -0.2041 -0.0366 125 LYS A HZ2  
450 H  HZ3  . LYS A 29 ? 1.1571 1.1386 1.4014 0.0303  -0.1600 0.0049  125 LYS A HZ3  
451 N  N    . CYS A 30 ? 0.4759 0.4149 0.5672 0.1070  -0.1925 -0.0229 126 CYS A N    
452 C  CA   . CYS A 30 ? 0.5998 0.4583 0.5239 0.1364  -0.2209 -0.0523 126 CYS A CA   
453 C  C    . CYS A 30 ? 0.5503 0.4861 0.5116 0.0629  -0.1927 -0.0111 126 CYS A C    
454 O  O    . CYS A 30 ? 0.5593 0.4742 0.6136 0.1176  -0.2299 -0.0281 126 CYS A O    
455 C  CB   . CYS A 30 ? 0.5121 0.4264 0.5085 0.1253  -0.1875 -0.0570 126 CYS A CB   
456 S  SG   . CYS A 30 ? 0.6563 0.4432 0.5515 0.0615  -0.1394 -0.0178 126 CYS A SG   
457 H  H    . CYS A 30 ? 0.5283 0.4109 0.5588 0.1069  -0.1987 -0.0309 126 CYS A H    
458 H  HA   . CYS A 30 ? 0.5531 0.4740 0.5319 0.1180  -0.2057 -0.0461 126 CYS A HA   
459 H  HB2  . CYS A 30 ? 0.5567 0.4322 0.5181 0.1130  -0.1875 -0.0448 126 CYS A HB2  
460 H  HB3  . CYS A 30 ? 0.5364 0.4364 0.5092 0.1150  -0.2026 -0.0441 126 CYS A HB3  
461 N  N    . LEU A 31 ? 0.5594 0.4107 0.4639 0.1148  -0.1296 -0.0929 127 LEU A N    
462 C  CA   . LEU A 31 ? 0.5127 0.5084 0.5838 0.1321  -0.1855 -0.0416 127 LEU A CA   
463 C  C    . LEU A 31 ? 0.5350 0.4826 0.7214 0.1132  -0.2282 -0.1333 127 LEU A C    
464 O  O    . LEU A 31 ? 0.6421 0.5446 0.7343 0.1494  -0.2615 -0.2389 127 LEU A O    
465 C  CB   . LEU A 31 ? 0.6081 0.4863 0.5686 0.1218  -0.2708 -0.0835 127 LEU A CB   
466 C  CG   . LEU A 31 ? 0.5429 0.4357 0.5824 0.0732  -0.1499 -0.0867 127 LEU A CG   
467 C  CD1  . LEU A 31 ? 0.7384 0.4702 0.5734 0.0043  0.1380  -0.0538 127 LEU A CD1  
468 C  CD2  . LEU A 31 ? 0.6191 0.4962 0.6117 0.0233  -0.2418 -0.1611 127 LEU A CD2  
469 H  H    . LEU A 31 ? 0.5578 0.4498 0.5134 0.1032  -0.1484 -0.0640 127 LEU A H    
470 H  HA   . LEU A 31 ? 0.5415 0.4827 0.5768 0.1192  -0.2039 -0.0760 127 LEU A HA   
471 H  HB2  . LEU A 31 ? 0.5696 0.4772 0.5501 0.1159  -0.2379 -0.0675 127 LEU A HB2  
472 H  HB3  . LEU A 31 ? 0.6198 0.4804 0.5788 0.1136  -0.2410 -0.0759 127 LEU A HB3  
473 H  HG   . LEU A 31 ? 0.5713 0.4614 0.5763 0.0580  -0.1273 -0.0931 127 LEU A HG   
474 H  HD11 . LEU A 31 ? 0.6760 0.4523 0.5828 0.0315  0.0543  -0.0699 127 LEU A HD11 
475 H  HD12 . LEU A 31 ? 0.6825 0.4584 0.5882 0.0310  0.0503  -0.0654 127 LEU A HD12 
476 H  HD13 . LEU A 31 ? 0.7033 0.4615 0.6442 0.0306  0.0844  -0.0707 127 LEU A HD13 
477 H  HD21 . LEU A 31 ? 0.6048 0.4944 0.6148 0.0517  -0.2191 -0.1514 127 LEU A HD21 
478 H  HD22 . LEU A 31 ? 0.6300 0.4791 0.6059 0.0366  -0.2257 -0.1337 127 LEU A HD22 
479 H  HD23 . LEU A 31 ? 0.6068 0.4698 0.5984 0.0402  -0.2066 -0.1421 127 LEU A HD23 
480 N  N    . SER A 32 ? 0.5183 0.5725 0.7763 0.1043  -0.2142 -0.1206 128 SER A N    
481 C  CA   . SER A 32 ? 0.4842 0.6802 0.7236 0.0139  -0.0450 -0.0794 128 SER A CA   
482 C  C    . SER A 32 ? 0.8520 0.6481 0.6899 0.0528  -0.1473 -0.1106 128 SER A C    
483 O  O    . SER A 32 ? 0.8771 0.6245 0.6223 0.1938  -0.0998 -0.1019 128 SER A O    
484 C  CB   . SER A 32 ? 0.4528 0.7933 1.0380 0.0625  -0.0700 -0.1915 128 SER A CB   
485 O  OG   . SER A 32 ? 0.5737 0.6137 1.1036 0.1255  -0.0786 -0.1322 128 SER A OG   
486 H  H    . SER A 32 ? 0.5072 0.5777 0.7431 0.0856  -0.1832 -0.1163 128 SER A H    
487 H  HA   . SER A 32 ? 0.5391 0.6482 0.7818 0.0282  -0.1016 -0.1121 128 SER A HA   
488 H  HB2  . SER A 32 ? 0.4886 0.7377 0.9878 0.0625  -0.0672 -0.1394 128 SER A HB2  
489 H  HB3  . SER A 32 ? 0.4901 0.7269 1.0410 0.0660  -0.0730 -0.1704 128 SER A HB3  
490 H  HG   . SER A 32 ? 0.7900 0.7900 0.7900 0.0000  0.0000  0.0000  128 SER A HG   
491 N  N    . ASP A 33 ? 0.8204 0.6098 0.7718 0.1054  -0.1251 -0.1754 129 ASP A N    
492 C  CA   . ASP A 33 ? 0.8250 0.7109 0.7152 0.0905  -0.0603 -0.2266 129 ASP A CA   
493 C  C    . ASP A 33 ? 0.8313 0.7751 0.5196 0.1030  -0.0338 -0.0469 129 ASP A C    
494 O  O    . ASP A 33 ? 0.9673 0.7581 0.6196 0.2991  0.0063  -0.0098 129 ASP A O    
495 C  CB   . ASP A 33 ? 1.2792 0.7894 0.7314 0.1359  -0.0091 -0.2972 129 ASP A CB   
496 C  CG   . ASP A 33 ? 1.3015 0.7378 0.9977 0.1464  -0.0728 -0.1865 129 ASP A CG   
497 O  OD1  . ASP A 33 ? 1.6865 1.0151 0.9484 -0.0631 0.0683  -0.3488 129 ASP A OD1  
498 O  OD2  . ASP A 33 ? 1.2155 0.8740 0.9565 0.2241  -0.0436 -0.0381 129 ASP A OD2  
499 H  H    . ASP A 33 ? 0.8353 0.6104 0.7382 0.0890  -0.1088 -0.1700 129 ASP A H    
500 H  HA   . ASP A 33 ? 0.8960 0.7116 0.7024 0.1297  -0.0576 -0.1835 129 ASP A HA   
501 H  HB2  . ASP A 33 ? 1.1291 0.7991 0.7829 0.1036  -0.0421 -0.2663 129 ASP A HB2  
502 H  HB3  . ASP A 33 ? 1.1447 0.7641 0.7861 0.1225  -0.0533 -0.2543 129 ASP A HB3  
503 N  N    . GLU A 34 ? 0.8115 0.6010 0.9475 0.2564  -0.0249 -0.0343 130 GLU A N    
504 C  CA   . GLU A 34 ? 0.8889 0.7068 0.7393 0.1598  -0.0728 -0.0892 130 GLU A CA   
505 C  C    . GLU A 34 ? 0.8609 0.6621 0.7260 0.0928  -0.0678 -0.0474 130 GLU A C    
506 O  O    . GLU A 34 ? 0.8103 0.5874 0.7693 0.1947  -0.0107 -0.0597 130 GLU A O    
507 C  CB   . GLU A 34 ? 0.8843 0.6096 1.0481 0.2225  -0.0280 -0.0124 130 GLU A CB   
508 C  CG   . GLU A 34 ? 0.9253 0.8370 1.2287 0.1489  -0.0682 0.1064  130 GLU A CG   
509 C  CD   . GLU A 34 ? 1.0914 1.0117 1.3358 0.1666  -0.2451 0.0223  130 GLU A CD   
510 O  OE1  . GLU A 34 ? 1.4155 1.1783 0.6802 0.6858  -0.0262 0.1767  130 GLU A OE1  
511 O  OE2  . GLU A 34 ? 1.0331 1.3738 1.3811 0.0541  -0.1861 -0.0996 130 GLU A OE2  
512 H  H    . GLU A 34 ? 0.8339 0.6511 0.7830 0.1889  -0.0420 -0.0447 130 GLU A H    
513 H  HA   . GLU A 34 ? 0.8655 0.6628 0.7737 0.1735  -0.0404 -0.0481 130 GLU A HA   
514 H  HB2  . GLU A 34 ? 0.8932 0.6335 0.9982 0.2007  -0.0445 -0.0329 130 GLU A HB2  
515 H  HB3  . GLU A 34 ? 0.8951 0.6704 1.0305 0.1935  -0.0535 -0.0167 130 GLU A HB3  
516 H  HG2  . GLU A 34 ? 0.9410 0.8625 1.1785 0.1637  -0.0886 0.0434  130 GLU A HG2  
517 H  HG3  . GLU A 34 ? 0.9461 0.8609 1.2090 0.1677  -0.0945 0.0506  130 GLU A HG3  
518 N  N    . PHE A 35 ? 0.7859 0.5497 0.5814 0.1939  -0.1402 0.0167  131 PHE A N    
519 C  CA   . PHE A 35 ? 0.9226 0.5422 0.6123 0.1704  -0.0762 -0.0013 131 PHE A CA   
520 C  C    . PHE A 35 ? 0.9119 0.6268 0.5323 0.2519  0.0177  -0.0324 131 PHE A C    
521 O  O    . PHE A 35 ? 1.3887 0.5055 0.5069 0.1826  0.1335  0.0570  131 PHE A O    
522 C  CB   . PHE A 35 ? 0.8610 0.5632 0.6338 0.0314  -0.0870 0.0629  131 PHE A CB   
523 C  CG   . PHE A 35 ? 0.9179 0.6859 0.5503 -0.0100 -0.1362 0.0087  131 PHE A CG   
524 C  CD1  . PHE A 35 ? 0.8703 0.7251 0.4656 -0.1615 -0.1143 0.1129  131 PHE A CD1  
525 C  CD2  . PHE A 35 ? 0.7449 0.8720 0.6271 0.0216  -0.2481 0.0411  131 PHE A CD2  
526 C  CE1  . PHE A 35 ? 1.0200 0.7190 0.6270 -0.0405 -0.2451 0.0680  131 PHE A CE1  
527 C  CE2  . PHE A 35 ? 0.8010 0.9629 0.6401 0.0759  -0.2424 0.0208  131 PHE A CE2  
528 C  CZ   . PHE A 35 ? 0.7462 0.9103 0.7185 -0.0220 -0.2433 0.0439  131 PHE A CZ   
529 H  H    . PHE A 35 ? 0.8327 0.5717 0.6227 0.1598  -0.1055 -0.0005 131 PHE A H    
530 H  HA   . PHE A 35 ? 0.8966 0.5769 0.6015 0.1723  -0.0788 0.0022  131 PHE A HA   
531 H  HB2  . PHE A 35 ? 0.8723 0.5557 0.6070 0.0309  -0.0894 0.0460  131 PHE A HB2  
532 H  HB3  . PHE A 35 ? 0.8968 0.5938 0.6044 0.0442  -0.0916 0.0433  131 PHE A HB3  
533 H  HD1  . PHE A 35 ? 0.9194 0.7554 0.5333 -0.1104 -0.1551 0.0854  131 PHE A HD1  
534 H  HD2  . PHE A 35 ? 0.8089 0.8380 0.6110 0.0250  -0.2132 0.0331  131 PHE A HD2  
535 H  HE1  . PHE A 35 ? 0.9120 0.7602 0.5998 -0.0636 -0.2082 0.0731  131 PHE A HE1  
536 H  HE2  . PHE A 35 ? 0.7869 0.9090 0.6500 0.0320  -0.2385 0.0321  131 PHE A HE2  
537 H  HZ   . PHE A 35 ? 0.9022 0.8237 0.6241 0.0090  -0.2304 0.0467  131 PHE A HZ   
538 N  N    . ARG A 36 ? 1.0072 0.6976 0.4492 0.3662  -0.0333 -0.0072 132 ARG A N    
539 C  CA   . ARG A 36 ? 0.8469 0.8581 0.5560 0.2361  -0.1103 0.0445  132 ARG A CA   
540 C  C    . ARG A 36 ? 1.0230 0.9576 0.6514 0.3273  0.0064  0.0882  132 ARG A C    
541 O  O    . ARG A 36 ? 0.9160 1.0733 0.6957 0.3414  -0.0265 0.2553  132 ARG A O    
542 C  CB   . ARG A 36 ? 0.6886 0.7682 0.5102 0.3239  -0.0846 0.0521  132 ARG A CB   
543 C  CG   . ARG A 36 ? 0.9023 0.7117 0.4890 0.0830  -0.0795 -0.0620 132 ARG A CG   
544 C  CD   . ARG A 36 ? 0.8332 0.7888 0.8080 0.0941  -0.3217 -0.0231 132 ARG A CD   
545 N  NE   . ARG A 36 ? 0.9559 0.7448 1.0153 0.1060  -0.3944 0.0951  132 ARG A NE   
546 C  CZ   . ARG A 36 ? 1.0276 0.5920 1.5424 0.0865  -0.3761 0.1298  132 ARG A CZ   
547 N  NH1  . ARG A 36 ? 1.4734 0.5665 1.3731 0.2730  -0.4923 -0.0205 132 ARG A NH1  
548 N  NH2  . ARG A 36 ? 0.7049 0.9797 1.8134 0.1184  -0.3744 -0.0917 132 ARG A NH2  
549 H  H    . ARG A 36 ? 0.9347 0.6771 0.5012 0.3053  -0.0384 -0.0084 132 ARG A H    
550 H  HA   . ARG A 36 ? 0.8961 0.8501 0.5678 0.2752  -0.0798 0.0702  132 ARG A HA   
551 H  HB2  . ARG A 36 ? 0.7591 0.7466 0.4983 0.2658  -0.0867 0.0160  132 ARG A HB2  
552 H  HB3  . ARG A 36 ? 0.7357 0.7477 0.4796 0.2773  -0.1184 0.0505  132 ARG A HB3  
553 H  HG2  . ARG A 36 ? 0.8336 0.7443 0.5701 0.1438  -0.1288 -0.0281 132 ARG A HG2  
554 H  HG3  . ARG A 36 ? 0.8594 0.7499 0.5987 0.1335  -0.1023 -0.0416 132 ARG A HG3  
555 H  HD2  . ARG A 36 ? 0.8831 0.7584 0.8166 0.1007  -0.2801 -0.0317 132 ARG A HD2  
556 H  HD3  . ARG A 36 ? 0.8913 0.7660 0.7937 0.0874  -0.2786 -0.0001 132 ARG A HD3  
557 H  HE   . ARG A 36 ? 0.9430 0.7259 1.0692 0.1030  -0.3603 0.0625  132 ARG A HE   
558 H  HH11 . ARG A 36 ? 1.3053 0.6126 1.3761 0.1850  -0.4068 0.0239  132 ARG A HH11 
559 H  HH12 . ARG A 36 ? 1.3548 0.6360 1.4101 0.2482  -0.4162 0.0509  132 ARG A HH12 
560 H  HH21 . ARG A 36 ? 0.8296 0.9904 1.6771 0.1000  -0.3772 -0.0496 132 ARG A HH21 
561 H  HH22 . ARG A 36 ? 0.8164 0.8607 1.6750 0.0943  -0.3835 -0.0322 132 ARG A HH22 
562 N  N    . LEU A 37 ? 0.8182 1.1189 0.8159 0.3651  0.0459  0.2782  133 LEU A N    
563 C  CA   . LEU A 37 ? 0.7502 1.0927 0.8181 0.2438  0.1495  0.1748  133 LEU A CA   
564 C  C    . LEU A 37 ? 0.9496 1.2009 0.7055 0.0738  0.1278  0.1219  133 LEU A C    
565 O  O    . LEU A 37 ? 0.9070 0.9394 0.6626 0.3333  -0.0328 0.1325  133 LEU A O    
566 C  CB   . LEU A 37 ? 0.7655 1.0869 0.5026 0.2393  0.1225  0.0797  133 LEU A CB   
567 H  H    . LEU A 37 ? 0.8631 1.0265 0.7475 0.3253  0.0470  0.1975  133 LEU A H    
568 H  HA   . LEU A 37 ? 0.8148 1.1078 0.7974 0.2287  0.1288  0.1727  133 LEU A HA   
569 H  HB2  . LEU A 37 ? 0.7474 1.0826 0.5870 0.2255  0.1138  0.0985  133 LEU A HB2  
570 H  HB3  . LEU A 37 ? 0.8090 0.8090 0.8090 0.0000  0.0000  0.0000  133 LEU A HB3  
571 N  N    . ARG A 38 ? 1.0099 1.0212 0.7729 0.2291  0.0536  0.0020  134 ARG A N    
572 C  CA   . ARG A 38 ? 0.8559 0.8847 1.0264 0.2355  0.0817  0.2609  134 ARG A CA   
573 C  C    . ARG A 38 ? 1.0752 0.7624 0.8334 0.0093  -0.1301 0.0148  134 ARG A C    
574 O  O    . ARG A 38 ? 1.0447 0.7300 0.8053 0.0432  0.1172  -0.1603 134 ARG A O    
575 C  CB   . ARG A 38 ? 0.9931 0.8141 0.7838 0.2527  0.0800  0.1058  134 ARG A CB   
576 C  CG   . ARG A 38 ? 1.0236 0.7706 0.7678 0.3124  -0.0082 0.0829  134 ARG A CG   
577 C  CD   . ARG A 38 ? 0.9801 1.1861 1.0668 0.2010  -0.0417 -0.0354 134 ARG A CD   
578 N  NE   . ARG A 38 ? 0.9850 1.3050 0.9150 0.0713  0.0952  0.0660  134 ARG A NE   
579 C  CZ   . ARG A 38 ? 1.1539 1.5210 1.1942 0.1769  -0.0541 0.0730  134 ARG A CZ   
580 N  NH1  . ARG A 38 ? 1.5374 1.5351 1.0834 0.1277  -0.0317 -0.1335 134 ARG A NH1  
581 N  NH2  . ARG A 38 ? 1.0207 1.5137 0.8956 0.3146  0.0490  -0.0127 134 ARG A NH2  
582 H  H    . ARG A 38 ? 1.0354 1.0267 0.9579 0.1960  0.0505  0.1066  134 ARG A H    
583 H  HA   . ARG A 38 ? 0.9989 0.8922 0.9899 0.1830  0.0268  0.1649  134 ARG A HA   
584 H  HB2  . ARG A 38 ? 0.9859 0.8358 0.8863 0.2539  0.0423  0.1391  134 ARG A HB2  
585 H  HB3  . ARG A 38 ? 0.9781 0.8103 0.8576 0.2543  0.0456  0.1356  134 ARG A HB3  
586 H  HG2  . ARG A 38 ? 0.9993 0.8438 0.8150 0.2728  0.0056  0.0699  134 ARG A HG2  
587 H  HG3  . ARG A 38 ? 0.9837 0.7874 0.7809 0.2819  -0.0097 0.1039  134 ARG A HG3  
588 H  HD2  . ARG A 38 ? 1.0007 1.1888 0.9985 0.1794  0.0102  -0.0131 134 ARG A HD2  
589 H  HD3  . ARG A 38 ? 0.9876 1.0958 1.0406 0.1924  -0.0014 0.0290  134 ARG A HD3  
590 H  HE   . ARG A 38 ? 1.0364 1.3310 1.0015 0.1227  0.0296  0.0489  134 ARG A HE   
591 H  HH11 . ARG A 38 ? 1.4287 1.5911 1.1192 0.0983  -0.0454 -0.0333 134 ARG A HH11 
592 H  HH12 . ARG A 38 ? 1.5278 1.5439 1.1153 0.1069  -0.0135 -0.0477 134 ARG A HH12 
593 H  HH21 . ARG A 38 ? 1.0701 1.5406 1.0322 0.2749  0.0139  0.0206  134 ARG A HH21 
594 H  HH22 . ARG A 38 ? 1.0322 1.5167 1.0241 0.2623  -0.0069 0.0102  134 ARG A HH22 
595 N  N    . ASP A 39 ? 1.0838 0.7146 0.6296 0.1267  0.3289  -0.0795 135 ASP A N    
596 C  CA   . ASP A 39 ? 1.5390 0.7858 0.7022 -0.0024 0.3037  0.0551  135 ASP A CA   
597 C  C    . ASP A 39 ? 1.4592 0.9780 0.7808 0.2014  0.4544  -0.0886 135 ASP A C    
598 O  O    . ASP A 39 ? 1.3337 1.1263 0.8740 0.0463  0.5027  -0.2015 135 ASP A O    
599 H  H    . ASP A 39 ? 1.1708 0.7468 0.7073 0.0873  0.2075  -0.0304 135 ASP A H    
600 H  HA   . ASP A 39 ? 1.5291 0.8317 0.7472 0.0703  0.2864  -0.0025 135 ASP A HA   
601 N  N    . SER A 40 ? 1.1961 1.0055 0.9224 0.2676  0.2005  -0.1420 136 SER A N    
602 C  CA   . SER A 40 ? 1.0941 0.8188 1.1360 0.0912  0.2466  -0.1688 136 SER A CA   
603 C  C    . SER A 40 ? 0.8844 1.1708 1.0218 0.0129  0.1478  -0.0143 136 SER A C    
604 O  O    . SER A 40 ? 0.9999 1.2644 1.1206 0.2158  0.2590  0.0230  136 SER A O    
605 H  H    . SER A 40 ? 1.2346 0.9544 0.9449 0.2060  0.2680  -0.1299 136 SER A H    
606 H  HA   . SER A 40 ? 1.0758 0.9439 1.1323 0.1144  0.2395  -0.1269 136 SER A HA   
607 N  N    . SER A 41 ? 0.9574 0.9550 0.8497 0.2093  0.1250  -0.1667 137 SER A N    
608 C  CA   . SER A 41 ? 0.9146 1.0388 0.9497 0.1577  -0.0885 -0.0308 137 SER A CA   
609 C  C    . SER A 41 ? 1.2707 1.0732 0.9431 -0.0116 0.0379  -0.0877 137 SER A C    
610 O  O    . SER A 41 ? 1.2390 1.2312 0.8898 -0.0930 0.1976  -0.0250 137 SER A O    
611 H  H    . SER A 41 ? 0.9433 1.0094 0.9012 0.1573  0.0943  -0.0958 137 SER A H    
612 H  HA   . SER A 41 ? 1.0018 1.0112 0.9350 0.1397  -0.0087 -0.0778 137 SER A HA   
613 N  N    . SER A 42 ? 0.8525 0.9648 0.8247 0.2201  0.1510  -0.1630 138 SER A N    
614 C  CA   . SER A 42 ? 0.7298 0.8929 0.7073 0.2281  0.3178  -0.0072 138 SER A CA   
615 C  C    . SER A 42 ? 0.6864 0.6643 0.5343 0.1058  0.1568  0.0975  138 SER A C    
616 O  O    . SER A 42 ? 0.8602 0.7478 0.4319 -0.0168 0.1101  -0.0123 138 SER A O    
617 C  CB   . SER A 42 ? 1.1441 0.6583 0.9616 0.3433  0.0584  0.0363  138 SER A CB   
618 O  OG   . SER A 42 ? 1.3255 0.7053 0.9903 0.0928  0.2060  -0.1012 138 SER A OG   
619 H  H    . SER A 42 ? 0.8991 0.9684 0.8296 0.1826  0.1589  -0.1104 138 SER A H    
620 H  HA   . SER A 42 ? 0.8262 0.8828 0.7491 0.2236  0.1947  -0.0050 138 SER A HA   
621 H  HB2  . SER A 42 ? 1.0692 0.7438 0.9150 0.2737  0.1650  0.0147  138 SER A HB2  
622 H  HB3  . SER A 42 ? 1.0842 0.7366 0.9902 0.2485  0.1076  0.0198  138 SER A HB3  
623 H  HG   . SER A 42 ? 0.9370 0.9370 0.9370 0.0000  0.0000  0.0000  138 SER A HG   
624 N  N    . PRO A 43 ? 0.5186 0.6011 0.6473 0.1127  0.0432  0.0520  139 PRO A N    
625 C  CA   . PRO A 43 ? 0.5998 0.6095 0.6527 0.0971  0.0939  0.0058  139 PRO A CA   
626 C  C    . PRO A 43 ? 0.4923 0.6836 0.5231 0.2505  0.0141  0.0719  139 PRO A C    
627 O  O    . PRO A 43 ? 0.6068 0.7598 0.6954 0.3521  0.0742  0.0950  139 PRO A O    
628 C  CB   . PRO A 43 ? 0.5259 0.6114 0.6637 0.1816  0.1452  -0.0409 139 PRO A CB   
629 C  CG   . PRO A 43 ? 0.5036 0.6509 0.6215 0.1716  0.0326  0.0604  139 PRO A CG   
630 C  CD   . PRO A 43 ? 0.4166 0.6977 0.6117 0.0915  0.0948  0.0917  139 PRO A CD   
631 H  HA   . PRO A 43 ? 0.6110 0.6216 0.6264 0.1297  0.0999  0.0136  139 PRO A HA   
632 H  HB2  . PRO A 43 ? 0.5351 0.6220 0.6679 0.1642  0.1014  -0.0127 139 PRO A HB2  
633 H  HB3  . PRO A 43 ? 0.5321 0.6093 0.6536 0.1675  0.1048  -0.0062 139 PRO A HB3  
634 H  HG2  . PRO A 43 ? 0.4730 0.6366 0.6144 0.1706  0.0611  0.0595  139 PRO A HG2  
635 H  HG3  . PRO A 43 ? 0.4858 0.6584 0.6267 0.1603  0.0723  0.0481  139 PRO A HG3  
636 H  HD2  . PRO A 43 ? 0.4563 0.6618 0.6249 0.1278  0.0728  0.0718  139 PRO A HD2  
637 H  HD3  . PRO A 43 ? 0.4636 0.6703 0.6251 0.1175  0.0708  0.0717  139 PRO A HD3  
638 N  N    . TRP A 44 ? 0.5992 0.4410 0.4407 0.1698  0.0498  0.0025  140 TRP A N    
639 C  CA   . TRP A 44 ? 0.6595 0.4957 0.4518 0.1579  -0.0314 0.0661  140 TRP A CA   
640 C  C    . TRP A 44 ? 0.5646 0.5446 0.5148 0.1778  -0.0704 -0.0601 140 TRP A C    
641 O  O    . TRP A 44 ? 0.5285 0.4681 0.4413 0.1124  -0.0374 0.0288  140 TRP A O    
642 C  CB   . TRP A 44 ? 0.6536 0.3991 0.4103 0.0934  0.0869  -0.0032 140 TRP A CB   
643 C  CG   . TRP A 44 ? 0.6525 0.4384 0.4762 0.0832  -0.0460 0.0059  140 TRP A CG   
644 C  CD1  . TRP A 44 ? 0.7473 0.4899 0.4998 0.1398  0.0371  -0.0195 140 TRP A CD1  
645 C  CD2  . TRP A 44 ? 0.4734 0.5284 0.4612 0.1005  -0.0529 -0.0852 140 TRP A CD2  
646 N  NE1  . TRP A 44 ? 0.6409 0.5081 0.4291 0.1330  -0.0658 -0.0310 140 TRP A NE1  
647 C  CE2  . TRP A 44 ? 0.4862 0.5381 0.4538 0.0793  -0.0642 0.0112  140 TRP A CE2  
648 C  CE3  . TRP A 44 ? 0.4187 0.4119 0.4544 0.0886  -0.0829 -0.0578 140 TRP A CE3  
649 C  CZ2  . TRP A 44 ? 0.4393 0.4851 0.5145 0.0385  -0.0167 -0.0142 140 TRP A CZ2  
650 C  CZ3  . TRP A 44 ? 0.3724 0.5031 0.5136 0.0473  -0.1167 0.0018  140 TRP A CZ3  
651 C  CH2  . TRP A 44 ? 0.5365 0.5021 0.3864 0.0796  -0.1156 -0.0092 140 TRP A CH2  
652 H  H    . TRP A 44 ? 0.5938 0.5096 0.4676 0.1779  0.0274  0.0298  140 TRP A H    
653 H  HA   . TRP A 44 ? 0.6440 0.5152 0.4658 0.1347  -0.0119 0.0287  140 TRP A HA   
654 H  HB2  . TRP A 44 ? 0.6589 0.4383 0.4388 0.1157  0.0318  0.0129  140 TRP A HB2  
655 H  HB3  . TRP A 44 ? 0.6346 0.4125 0.4239 0.1274  0.0423  -0.0022 140 TRP A HB3  
656 H  HD1  . TRP A 44 ? 0.6709 0.4850 0.4701 0.1214  -0.0097 -0.0156 140 TRP A HD1  
657 H  HE1  . TRP A 44 ? 0.6204 0.4997 0.4519 0.1186  -0.0425 -0.0190 140 TRP A HE1  
658 H  HE3  . TRP A 44 ? 0.4323 0.4175 0.4652 0.0835  -0.0782 -0.0384 140 TRP A HE3  
659 H  HZ2  . TRP A 44 ? 0.4912 0.4918 0.4680 0.0623  -0.0491 -0.0089 140 TRP A HZ2  
660 H  HZ3  . TRP A 44 ? 0.4453 0.4903 0.4865 0.0565  -0.1155 -0.0022 140 TRP A HZ3  
661 H  HH2  . TRP A 44 ? 0.4802 0.4956 0.4442 0.0639  -0.0875 -0.0073 140 TRP A HH2  
662 N  N    . GLN A 45 ? 0.5333 0.6088 0.4369 0.2140  -0.0228 -0.0328 141 GLN A N    
663 C  CA   . GLN A 45 ? 0.4226 0.6273 0.4720 0.0774  -0.0811 0.0020  141 GLN A CA   
664 C  C    . GLN A 45 ? 0.4710 0.5241 0.4138 0.1154  -0.1021 0.0109  141 GLN A C    
665 O  O    . GLN A 45 ? 0.6020 0.4735 0.4475 0.1508  -0.1256 0.0164  141 GLN A O    
666 C  CB   . GLN A 45 ? 0.4532 0.6352 0.5036 0.0687  -0.0972 0.0225  141 GLN A CB   
667 C  CG   . GLN A 45 ? 0.6461 0.6005 0.5703 0.0261  -0.0093 -0.0080 141 GLN A CG   
668 C  CD   . GLN A 45 ? 0.6317 0.7494 0.5799 0.0066  -0.0152 0.0846  141 GLN A CD   
669 O  OE1  . GLN A 45 ? 0.5672 1.2124 0.9255 0.0670  0.1073  0.1597  141 GLN A OE1  
670 N  NE2  . GLN A 45 ? 0.6125 0.9253 0.6173 -0.0277 0.0028  0.3105  141 GLN A NE2  
671 H  H    . GLN A 45 ? 0.5127 0.5776 0.4467 0.1829  -0.0339 -0.0441 141 GLN A H    
672 H  HA   . GLN A 45 ? 0.4629 0.6186 0.4645 0.0969  -0.0821 0.0146  141 GLN A HA   
673 H  HB2  . GLN A 45 ? 0.4952 0.6322 0.5126 0.0598  -0.0722 0.0188  141 GLN A HB2  
674 H  HB3  . GLN A 45 ? 0.4959 0.6335 0.4906 0.0598  -0.0767 0.0230  141 GLN A HB3  
675 H  HG2  . GLN A 45 ? 0.5837 0.6180 0.5513 0.0446  -0.0264 0.0047  141 GLN A HG2  
676 H  HG3  . GLN A 45 ? 0.5885 0.6442 0.5814 0.0384  -0.0252 0.0157  141 GLN A HG3  
677 H  HE21 . GLN A 45 ? 0.6228 0.8479 0.6192 -0.0149 -0.0232 0.2233  141 GLN A HE21 
678 H  HE22 . GLN A 45 ? 0.6187 0.8701 0.6151 -0.0162 -0.0049 0.2331  141 GLN A HE22 
679 N  N    . CYS A 46 ? 0.4508 0.4358 0.3924 0.0581  -0.0880 -0.0275 142 CYS A N    
680 C  CA   . CYS A 46 ? 0.4069 0.4231 0.4320 0.0811  -0.0261 0.0403  142 CYS A CA   
681 C  C    . CYS A 46 ? 0.4108 0.4159 0.4403 0.0632  -0.0404 0.0234  142 CYS A C    
682 O  O    . CYS A 46 ? 0.3968 0.4941 0.4561 0.0883  -0.0485 0.0381  142 CYS A O    
683 C  CB   . CYS A 46 ? 0.4309 0.4249 0.4433 0.1094  -0.0497 0.0329  142 CYS A CB   
684 S  SG   . CYS A 46 ? 0.4813 0.4083 0.4504 0.0429  -0.0875 -0.0022 142 CYS A SG   
685 H  H    . CYS A 46 ? 0.4434 0.4276 0.4050 0.0787  -0.0751 -0.0135 142 CYS A H    
686 H  HA   . CYS A 46 ? 0.4308 0.4322 0.4469 0.0825  -0.0413 0.0288  142 CYS A HA   
687 H  HB2  . CYS A 46 ? 0.4427 0.4310 0.4513 0.0897  -0.0584 0.0225  142 CYS A HB2  
688 H  HB3  . CYS A 46 ? 0.4320 0.4104 0.4397 0.0939  -0.0557 0.0327  142 CYS A HB3  
689 N  N    . PRO A 47 ? 0.4295 0.4107 0.4888 0.0449  -0.0517 0.0468  143 PRO A N    
690 C  CA   . PRO A 47 ? 0.4864 0.5012 0.5655 0.0502  -0.1206 0.0646  143 PRO A CA   
691 C  C    . PRO A 47 ? 0.4137 0.4333 0.5569 0.0253  -0.0346 -0.0136 143 PRO A C    
692 O  O    . PRO A 47 ? 0.4171 0.5667 0.5262 0.0299  -0.1177 0.0486  143 PRO A O    
693 C  CB   . PRO A 47 ? 0.4870 0.5550 0.5990 -0.0225 -0.1694 0.0362  143 PRO A CB   
694 C  CG   . PRO A 47 ? 0.4684 0.4306 0.6230 -0.0460 -0.2118 -0.0063 143 PRO A CG   
695 C  CD   . PRO A 47 ? 0.4379 0.4615 0.7876 -0.0022 -0.1007 -0.0017 143 PRO A CD   
696 H  HA   . PRO A 47 ? 0.4723 0.4841 0.5706 0.0206  -0.1122 0.0527  143 PRO A HA   
697 H  HB2  . PRO A 47 ? 0.4842 0.5160 0.6058 -0.0142 -0.1678 0.0345  143 PRO A HB2  
698 H  HB3  . PRO A 47 ? 0.4904 0.5426 0.5980 -0.0269 -0.1645 0.0287  143 PRO A HB3  
699 H  HG2  . PRO A 47 ? 0.4717 0.4653 0.6530 -0.0273 -0.1785 0.0025  143 PRO A HG2  
700 H  HG3  . PRO A 47 ? 0.4650 0.4602 0.6447 -0.0271 -0.1734 -0.0030 143 PRO A HG3  
701 H  HD2  . PRO A 47 ? 0.4599 0.4434 0.6757 -0.0059 -0.1158 0.0190  143 PRO A HD2  
702 H  HD3  . PRO A 47 ? 0.4520 0.4371 0.7569 0.0021  -0.0771 0.0080  143 PRO A HD3  
703 N  N    . VAL A 48 ? 0.4207 0.4458 0.4344 0.0032  -0.0850 0.0337  144 VAL A N    
704 C  CA   . VAL A 48 ? 0.3911 0.5428 0.4680 -0.0054 -0.0782 0.0502  144 VAL A CA   
705 C  C    . VAL A 48 ? 0.4887 0.4795 0.4878 -0.0122 -0.0826 0.0918  144 VAL A C    
706 O  O    . VAL A 48 ? 0.4587 0.5316 0.3987 0.0305  -0.0728 0.0947  144 VAL A O    
707 C  CB   . VAL A 48 ? 0.5255 0.6960 0.3895 -0.0874 -0.0161 -0.0208 144 VAL A CB   
708 C  CG1  . VAL A 48 ? 0.5932 0.6763 0.4585 -0.1379 0.0804  -0.0439 144 VAL A CG1  
709 C  CG2  . VAL A 48 ? 0.6560 0.8604 0.5007 -0.1836 0.0632  -0.0321 144 VAL A CG2  
710 H  H    . VAL A 48 ? 0.4162 0.4726 0.4713 0.0066  -0.0691 0.0270  144 VAL A H    
711 H  HA   . VAL A 48 ? 0.4347 0.5260 0.4473 -0.0093 -0.0748 0.0511  144 VAL A HA   
712 H  HB   . VAL A 48 ? 0.5236 0.6760 0.4334 -0.0875 -0.0048 -0.0057 144 VAL A HB   
713 H  HG11 . VAL A 48 ? 0.5711 0.6747 0.4361 -0.1256 0.0521  -0.0313 144 VAL A HG11 
714 H  HG12 . VAL A 48 ? 0.5732 0.6846 0.4352 -0.1241 0.0545  -0.0387 144 VAL A HG12 
715 H  HG13 . VAL A 48 ? 0.5906 0.6948 0.4446 -0.1393 0.0634  -0.0464 144 VAL A HG13 
716 H  HG21 . VAL A 48 ? 0.6378 0.8445 0.4807 -0.1821 0.0539  -0.0465 144 VAL A HG21 
717 H  HG22 . VAL A 48 ? 0.6244 0.8128 0.4859 -0.1604 0.0296  -0.0180 144 VAL A HG22 
718 H  HG23 . VAL A 48 ? 0.6279 0.8052 0.4870 -0.1397 0.0543  -0.0157 144 VAL A HG23 
719 N  N    . CYS A 49 ? 0.3433 0.4375 0.4642 0.0565  -0.0462 0.0442  145 CYS A N    
720 C  CA   . CYS A 49 ? 0.4337 0.6288 0.4185 0.0227  -0.0758 0.0902  145 CYS A CA   
721 C  C    . CYS A 49 ? 0.4439 0.4832 0.4918 0.0446  -0.0780 0.1263  145 CYS A C    
722 O  O    . CYS A 49 ? 0.4315 0.5485 0.6319 0.0432  -0.0194 0.1511  145 CYS A O    
723 C  CB   . CYS A 49 ? 0.3693 0.5734 0.4754 0.0039  -0.0275 0.1042  145 CYS A CB   
724 S  SG   . CYS A 49 ? 0.4973 0.4623 0.6084 0.0585  -0.1855 0.0011  145 CYS A SG   
725 H  H    . CYS A 49 ? 0.3552 0.4880 0.4578 0.0363  -0.0687 0.0631  145 CYS A H    
726 H  HA   . CYS A 49 ? 0.4073 0.5449 0.4538 0.0300  -0.0620 0.0866  145 CYS A HA   
727 H  HB2  . CYS A 49 ? 0.4136 0.5641 0.4983 0.0218  -0.0593 0.0871  145 CYS A HB2  
728 H  HB3  . CYS A 49 ? 0.3798 0.5442 0.4750 -0.0055 -0.0446 0.0978  145 CYS A HB3  
729 N  N    . ARG A 50 ? 0.5402 0.4433 0.4935 0.0356  -0.0549 0.1224  146 ARG A N    
730 C  CA   . ARG A 50 ? 0.5906 0.5522 0.4932 0.0036  0.0453  0.1021  146 ARG A CA   
731 C  C    . ARG A 50 ? 0.5127 0.5940 0.5414 -0.0383 0.0080  0.0481  146 ARG A C    
732 O  O    . ARG A 50 ? 0.6126 0.5875 0.6810 0.0680  0.0924  0.0698  146 ARG A O    
733 C  CB   . ARG A 50 ? 0.6124 0.4509 0.5837 0.0424  0.1202  0.0602  146 ARG A CB   
734 C  CG   . ARG A 50 ? 0.7271 0.4993 0.7016 0.1449  -0.0039 0.1480  146 ARG A CG   
735 C  CD   . ARG A 50 ? 0.8955 0.5951 0.7204 0.0929  0.1918  0.0486  146 ARG A CD   
736 N  NE   . ARG A 50 ? 1.1281 0.6967 0.9212 0.2794  0.1751  -0.0635 146 ARG A NE   
737 C  CZ   . ARG A 50 ? 0.8721 1.1403 0.5265 0.0525  0.0923  -0.2081 146 ARG A CZ   
738 N  NH1  . ARG A 50 ? 1.0676 1.1998 0.6037 -0.2453 -0.0846 0.1143  146 ARG A NH1  
739 N  NH2  . ARG A 50 ? 0.9637 1.2343 0.6430 0.2856  0.0321  -0.1102 146 ARG A NH2  
740 H  H    . ARG A 50 ? 0.5343 0.4771 0.4936 0.0364  -0.0375 0.1155  146 ARG A H    
741 H  HA   . ARG A 50 ? 0.5686 0.5107 0.5197 0.0105  0.0352  0.0991  146 ARG A HA   
742 H  HB2  . ARG A 50 ? 0.5924 0.4844 0.5772 0.0435  0.0868  0.0951  146 ARG A HB2  
743 H  HB3  . ARG A 50 ? 0.6152 0.4779 0.5860 0.0605  0.0770  0.0888  146 ARG A HB3  
744 H  HG2  . ARG A 50 ? 0.7523 0.5142 0.6685 0.1316  0.0537  0.0930  146 ARG A HG2  
745 H  HG3  . ARG A 50 ? 0.7063 0.4940 0.6657 0.1281  0.0650  0.0980  146 ARG A HG3  
746 H  HD2  . ARG A 50 ? 0.9009 0.6057 0.7624 0.1265  0.1385  0.0446  146 ARG A HD2  
747 H  HD3  . ARG A 50 ? 0.8665 0.5829 0.7506 0.1032  0.1543  0.0626  146 ARG A HD3  
748 H  HE   . ARG A 50 ? 1.1078 0.7849 0.8022 0.1882  0.2228  -0.0309 146 ARG A HE   
749 H  HH11 . ARG A 50 ? 1.1367 1.1861 0.6032 -0.1872 -0.0172 0.0189  146 ARG A HH11 
750 H  HH12 . ARG A 50 ? 1.0252 1.2462 0.6466 -0.1315 -0.0130 0.0665  146 ARG A HH12 
751 H  HH21 . ARG A 50 ? 0.9443 1.2098 0.6368 0.1925  0.0593  -0.1004 146 ARG A HH21 
752 H  HH22 . ARG A 50 ? 0.9681 1.1874 0.6274 0.2000  0.0741  -0.1172 146 ARG A HH22 
753 N  N    . SER A 51 ? 0.4599 0.4662 0.5569 -0.0402 -0.0678 0.2096  147 SER A N    
754 C  CA   . SER A 51 ? 0.5146 0.4891 0.5663 0.0714  -0.0413 0.1709  147 SER A CA   
755 C  C    . SER A 51 ? 0.4539 0.4658 0.7543 0.0622  -0.1137 0.1803  147 SER A C    
756 O  O    . SER A 51 ? 0.4464 0.5534 0.8902 -0.0039 -0.2001 0.1934  147 SER A O    
757 C  CB   . SER A 51 ? 0.4839 0.4584 0.5227 0.0420  -0.1138 0.1810  147 SER A CB   
758 O  OG   . SER A 51 ? 0.5127 0.4863 0.5321 -0.0072 -0.1106 0.1099  147 SER A OG   
759 H  H    . SER A 51 ? 0.4969 0.4986 0.5515 -0.0143 -0.0519 0.1621  147 SER A H    
760 H  HA   . SER A 51 ? 0.4727 0.4715 0.5778 0.0509  -0.0566 0.1683  147 SER A HA   
761 H  HB2  . SER A 51 ? 0.4825 0.4538 0.5258 0.0501  -0.1063 0.1746  147 SER A HB2  
762 H  HB3  . SER A 51 ? 0.4960 0.4665 0.5305 0.0378  -0.0984 0.1614  147 SER A HB3  
763 H  HG   . SER A 51 ? 0.6170 0.6170 0.6170 0.0000  0.0000  0.0000  147 SER A HG   
764 N  N    . ILE A 52 ? 0.4524 0.4540 0.5016 0.0172  -0.1325 0.1477  148 ILE A N    
765 C  CA   . ILE A 52 ? 0.4812 0.5444 0.5135 -0.0030 -0.1195 0.1152  148 ILE A CA   
766 C  C    . ILE A 52 ? 0.5994 0.6534 0.5082 -0.0914 -0.1410 0.1491  148 ILE A C    
767 O  O    . ILE A 52 ? 0.5036 0.6267 0.5657 0.0153  -0.0928 0.2045  148 ILE A O    
768 C  CB   . ILE A 52 ? 0.4652 0.4983 0.5584 -0.0566 -0.0485 0.1336  148 ILE A CB   
769 C  CG1  . ILE A 52 ? 0.5077 0.6929 0.6403 0.0227  -0.1353 0.0846  148 ILE A CG1  
770 C  CG2  . ILE A 52 ? 0.4867 0.5146 0.5337 0.0806  -0.1321 0.0844  148 ILE A CG2  
771 C  CD1  . ILE A 52 ? 0.5449 0.7826 0.6925 0.0206  -0.1210 -0.0331 148 ILE A CD1  
772 H  H    . ILE A 52 ? 0.4438 0.4736 0.5467 0.0292  -0.1320 0.1522  148 ILE A H    
773 H  HA   . ILE A 52 ? 0.4928 0.5416 0.5326 -0.0245 -0.1137 0.1318  148 ILE A HA   
774 H  HB   . ILE A 52 ? 0.4309 0.5307 0.5594 -0.0324 -0.0927 0.1091  148 ILE A HB   
775 H  HG12 . ILE A 52 ? 0.5248 0.6691 0.6231 0.0211  -0.1052 0.0757  148 ILE A HG12 
776 H  HG13 . ILE A 52 ? 0.5059 0.6533 0.6228 0.0010  -0.1053 0.0754  148 ILE A HG13 
777 H  HG21 . ILE A 52 ? 0.4945 0.5278 0.5417 0.0500  -0.0997 0.1063  148 ILE A HG21 
778 H  HG22 . ILE A 52 ? 0.4807 0.5099 0.5294 0.0393  -0.1037 0.1019  148 ILE A HG22 
779 H  HG23 . ILE A 52 ? 0.4673 0.5089 0.5378 0.0466  -0.1011 0.1013  148 ILE A HG23 
780 H  HD11 . ILE A 52 ? 0.5397 0.7873 0.6850 0.0080  -0.1153 -0.0155 148 ILE A HD11 
781 H  HD12 . ILE A 52 ? 0.5453 0.7676 0.6771 0.0268  -0.1222 0.0008  148 ILE A HD12 
782 H  HD13 . ILE A 52 ? 0.5372 0.7610 0.6768 0.0201  -0.1222 0.0002  148 ILE A HD13 
783 N  N    . LYS A 53 ? 0.5108 0.5718 0.4925 -0.0969 -0.1157 0.1499  149 LYS A N    
784 C  CA   . LYS A 53 ? 0.5389 0.6920 0.7421 -0.1103 -0.1896 0.2033  149 LYS A CA   
785 C  C    . LYS A 53 ? 0.4463 0.6894 0.7343 -0.0329 -0.1253 0.1489  149 LYS A C    
786 O  O    . LYS A 53 ? 0.5718 0.6092 0.9171 -0.0653 -0.0939 0.0605  149 LYS A O    
787 C  CB   . LYS A 53 ? 0.6090 0.7258 0.6571 -0.1279 -0.1978 0.3048  149 LYS A CB   
788 H  H    . LYS A 53 ? 0.5313 0.6085 0.5062 -0.0990 -0.1237 0.1773  149 LYS A H    
789 H  HA   . LYS A 53 ? 0.5466 0.6837 0.7097 -0.1090 -0.1810 0.2207  149 LYS A HA   
790 H  HB2  . LYS A 53 ? 0.5961 0.7170 0.6888 -0.1170 -0.1893 0.2672  149 LYS A HB2  
791 H  HB3  . LYS A 53 ? 0.6590 0.6590 0.6590 0.0000  0.0000  0.0000  149 LYS A HB3  
792 N  N    . LYS A 54 ? 0.6355 0.8811 0.8634 -0.1636 -0.0068 0.2142  150 LYS A N    
793 C  CA   . LYS A 54 ? 0.7811 0.6959 1.1371 0.0549  -0.1394 0.0465  150 LYS A CA   
794 C  C    . LYS A 54 ? 0.7400 0.7066 1.0564 0.0642  -0.0864 0.1636  150 LYS A C    
795 O  O    . LYS A 54 ? 1.2032 1.2164 1.0044 -0.0193 -0.2804 0.2069  150 LYS A O    
796 C  CB   . LYS A 54 ? 0.6818 0.6377 1.2355 -0.0997 0.0451  -0.0701 150 LYS A CB   
797 H  H    . LYS A 54 ? 0.6232 0.8182 0.9076 -0.1038 -0.0961 0.1950  150 LYS A H    
798 H  HA   . LYS A 54 ? 0.7288 0.7316 1.1556 -0.0220 -0.0833 0.0803  150 LYS A HA   
799 H  HB2  . LYS A 54 ? 0.7259 0.6457 1.2034 -0.0576 -0.0128 -0.0073 150 LYS A HB2  
800 H  HB3  . LYS A 54 ? 0.8950 0.8950 0.8950 0.0000  0.0000  0.0000  150 LYS A HB3  
801 ZN ZN   . ZN  B .  ? 0.4670 0.4531 0.4779 0.0551  -0.1228 -0.0045 201 ZN  A ZN   
802 ZN ZN   . ZN  C .  ? 0.5984 0.4453 0.5123 -0.0672 -0.1079 0.0253  202 ZN  A ZN   
803 O  O    . HOH D .  ? 0.5906 0.7440 0.4984 0.1941  -0.1056 -0.0401 301 HOH A O    
804 O  O    . HOH D .  ? 0.5945 1.0099 0.8097 0.3413  0.0904  0.0934  302 HOH A O    
805 O  O    . HOH D .  ? 0.7802 0.4252 0.7906 0.1474  -0.0384 0.0240  303 HOH A O    
806 O  O    . HOH D .  ? 0.4304 0.8765 0.5941 0.1031  -0.2998 -0.1145 304 HOH A O    
807 O  O    . HOH D .  ? 0.5683 0.4448 0.4339 0.0019  -0.0996 -0.0159 305 HOH A O    
808 O  O    . HOH D .  ? 0.4723 0.4740 0.5617 0.0401  -0.1567 -0.0531 306 HOH A O    
809 O  O    . HOH D .  ? 0.4696 0.4911 0.7432 0.0469  -0.0663 -0.0856 307 HOH A O    
810 O  O    . HOH D .  ? 0.3984 0.4887 0.3689 0.0220  -0.0222 0.0556  308 HOH A O    
811 O  O    . HOH D .  ? 0.6848 0.6754 0.4978 0.2063  0.0017  -0.0069 309 HOH A O    
812 O  O    . HOH D .  ? 0.5236 0.5976 0.4627 -0.0686 -0.0786 0.0172  310 HOH A O    
813 O  O    . HOH D .  ? 1.0461 0.6376 0.5304 0.0955  -0.0399 -0.0411 311 HOH A O    
814 O  O    . HOH D .  ? 0.5192 0.4708 0.5350 0.0332  0.0770  0.1320  312 HOH A O    
815 O  O    . HOH D .  ? 0.7140 0.9442 0.6928 0.1567  -0.2812 -0.2619 313 HOH A O    
816 O  O    . HOH D .  ? 0.4702 0.5932 0.6466 0.0480  -0.1734 -0.0645 314 HOH A O    
817 O  O    . HOH D .  ? 0.5701 0.4389 0.5629 0.0740  -0.1537 0.0189  315 HOH A O    
818 O  O    . HOH D .  ? 0.5222 0.4384 0.6674 0.0004  -0.0597 0.0174  316 HOH A O    
819 O  O    . HOH D .  ? 1.0325 0.7958 0.7187 0.1408  0.0378  0.0871  317 HOH A O    
820 O  O    . HOH D .  ? 0.8592 0.8228 0.8030 -0.2968 0.0444  -0.1525 318 HOH A O    
821 O  O    . HOH D .  ? 0.8131 0.7705 0.7864 0.0046  0.0266  0.0028  319 HOH A O    
822 O  O    . HOH D .  ? 0.8184 1.0059 0.6947 -0.3737 -0.1919 0.1830  320 HOH A O    
823 O  O    . HOH D .  ? 0.4031 0.4726 0.4514 -0.0024 -0.0170 -0.0040 321 HOH A O    
824 O  O    . HOH D .  ? 0.4303 0.5650 0.5146 -0.0143 -0.0839 -0.0094 322 HOH A O    
825 O  O    . HOH D .  ? 0.5907 0.7685 0.7909 -0.1024 -0.1197 0.0198  323 HOH A O    
826 O  O    . HOH D .  ? 0.8262 0.7451 0.8057 -0.1710 -0.0017 0.1346  324 HOH A O    
827 O  O    . HOH D .  ? 0.4633 0.5902 0.6525 0.0096  -0.0989 0.0436  325 HOH A O    
# 
